data_4ZSO
#
_entry.id   4ZSO
#
_cell.length_a   89.634
_cell.length_b   138.029
_cell.length_c   171.441
_cell.angle_alpha   90.00
_cell.angle_beta   90.00
_cell.angle_gamma   90.00
#
_symmetry.space_group_name_H-M   'P 21 21 21'
#
loop_
_entity.id
_entity.type
_entity.pdbx_description
1 polymer 'Antibody Light Chain'
2 polymer 'Antibody Heavy Chain'
3 polymer 'Natural cytotoxicity triggering receptor 3 ligand 1'
4 branched alpha-L-fucopyranose-(1-6)-2-acetamido-2-deoxy-beta-D-glucopyranose
5 branched 2-acetamido-2-deoxy-beta-D-glucopyranose-(1-4)-2-acetamido-2-deoxy-beta-D-glucopyranose
6 branched 2-acetamido-2-deoxy-beta-D-glucopyranose-(1-4)-[alpha-L-fucopyranose-(1-6)]2-acetamido-2-deoxy-beta-D-glucopyranose
7 non-polymer 'SULFATE ION'
8 non-polymer 'ACETIC ACID'
9 water water
#
loop_
_entity_poly.entity_id
_entity_poly.type
_entity_poly.pdbx_seq_one_letter_code
_entity_poly.pdbx_strand_id
1 'polypeptide(L)'
;MQIVLTQSPALMSASPGEKVTMTCSASSSVSYMYWYQQKPRSSPKPWIYLTSNLASGVPARFCGSGSGTSYSLTISSMEA
EDAATYYCQQWSSNPLTFGAGTKLELKRADAAPTVSIFPPSSEQLTSGGASVVCFLNNFYPKDINVKWKIDGSERQNGVL
NSWTDQDSKDSTYSMSSTLTLTKDEYERHNSYTCEATHKTSTSPIVKSFNRNEC
;
A,C
2 'polypeptide(L)'
;MQVQLQQPGAELVKPGASVKMSCKASGYTFTSYNMHWVKQTPGQGLEWIGAIYPGNGDTSYNQKFKGKATLTADKSSSTA
YMQLSSLTSEDSAVYYCAREGLGALLRDLYYWGQGTSVTVSSAKTTAPSVYPLAPVCGDTTGSSVTLGCLVKGYFPEPVT
LTWNSGSLSSGVHTFPAVLQSDLYTLSSSVTVTSSTWPSQSITCNVAHPASSTKVDKKI
;
B,D
3 'polypeptide(L)'
;ADLGSMDLKVEMMAGGTQITPLNDNVTIFCNIFYSQPLNITSMGITWFWKSLTFDKEVKVFEFFGDHQEAFRPGAIVSPW
RLKSGDASLRLPGIQLEEAGEYRCEVVVTPLKAQGTVQLEVVASPASRLLLDQVGMKENEDKYMCESSGFYPEAINITWE
KQTQKFPHPIEISEDVITGPTIKNMDGTFNVTSCLKLNSSQEDPGTVYQCVVRHASLHTPLRSNFTLTAARHSLSETEKT
DNFSAAAHHHHHH
;
E,F
#
# COMPACT_ATOMS: atom_id res chain seq x y z
N MET A 1 -8.28 22.96 -10.12
CA MET A 1 -9.32 23.77 -9.40
C MET A 1 -9.53 23.25 -7.97
N GLN A 2 -8.47 23.22 -7.18
CA GLN A 2 -8.61 22.77 -5.80
C GLN A 2 -9.34 23.89 -5.07
N ILE A 3 -10.38 23.56 -4.32
CA ILE A 3 -11.12 24.58 -3.60
C ILE A 3 -10.54 24.75 -2.19
N VAL A 4 -10.09 25.96 -1.89
CA VAL A 4 -9.51 26.25 -0.58
C VAL A 4 -10.56 26.88 0.34
N LEU A 5 -10.63 26.35 1.57
CA LEU A 5 -11.58 26.83 2.56
C LEU A 5 -10.85 27.63 3.63
N THR A 6 -11.27 28.87 3.80
CA THR A 6 -10.66 29.75 4.78
C THR A 6 -11.64 30.06 5.92
N GLN A 7 -11.34 29.51 7.10
CA GLN A 7 -12.19 29.72 8.25
C GLN A 7 -11.72 30.87 9.11
N SER A 8 -12.64 31.79 9.39
CA SER A 8 -12.30 32.92 10.22
C SER A 8 -13.37 33.15 11.27
N PRO A 9 -12.94 33.55 12.48
CA PRO A 9 -11.52 33.77 12.79
C PRO A 9 -10.88 32.43 13.18
N ALA A 10 -9.55 32.39 13.29
CA ALA A 10 -8.91 31.14 13.66
C ALA A 10 -9.24 30.77 15.11
N LEU A 11 -9.37 31.78 15.97
CA LEU A 11 -9.73 31.55 17.38
C LEU A 11 -10.83 32.50 17.81
N MET A 12 -11.79 31.94 18.57
CA MET A 12 -12.92 32.70 19.06
C MET A 12 -13.17 32.40 20.51
N SER A 13 -13.68 33.40 21.23
CA SER A 13 -14.00 33.28 22.63
C SER A 13 -15.45 33.66 22.77
N ALA A 14 -16.20 32.87 23.53
CA ALA A 14 -17.59 33.17 23.75
C ALA A 14 -17.95 32.90 25.20
N SER A 15 -18.66 33.83 25.82
CA SER A 15 -19.09 33.66 27.21
C SER A 15 -20.32 32.78 27.14
N PRO A 16 -20.56 31.99 28.18
CA PRO A 16 -21.76 31.15 28.11
C PRO A 16 -22.95 32.08 27.90
N GLY A 17 -23.81 31.73 26.95
CA GLY A 17 -24.98 32.54 26.70
C GLY A 17 -24.89 33.49 25.52
N GLU A 18 -23.68 33.78 25.06
CA GLU A 18 -23.51 34.68 23.93
C GLU A 18 -23.79 33.97 22.60
N LYS A 19 -24.05 34.76 21.56
CA LYS A 19 -24.29 34.23 20.23
C LYS A 19 -22.92 34.07 19.56
N VAL A 20 -22.71 32.96 18.87
CA VAL A 20 -21.44 32.70 18.22
C VAL A 20 -21.63 32.50 16.74
N THR A 21 -20.75 33.09 15.94
CA THR A 21 -20.84 32.94 14.50
C THR A 21 -19.46 32.74 13.91
N MET A 22 -19.28 31.63 13.21
CA MET A 22 -18.01 31.38 12.56
C MET A 22 -18.29 31.16 11.10
N THR A 23 -17.37 31.64 10.28
CA THR A 23 -17.54 31.56 8.85
C THR A 23 -16.53 30.66 8.14
N CYS A 24 -16.87 30.32 6.90
CA CYS A 24 -16.04 29.50 6.05
C CYS A 24 -16.17 30.10 4.67
N SER A 25 -15.06 30.55 4.11
CA SER A 25 -15.05 31.14 2.79
C SER A 25 -14.31 30.23 1.82
N ALA A 26 -14.96 29.90 0.71
CA ALA A 26 -14.36 29.02 -0.28
C ALA A 26 -13.81 29.80 -1.48
N SER A 27 -12.65 29.37 -1.99
CA SER A 27 -12.00 30.02 -3.12
C SER A 27 -12.87 30.11 -4.37
N SER A 28 -13.73 29.13 -4.60
CA SER A 28 -14.66 29.12 -5.73
C SER A 28 -15.97 28.52 -5.23
N SER A 29 -17.06 28.71 -5.97
CA SER A 29 -18.35 28.20 -5.49
C SER A 29 -18.36 26.72 -5.11
N VAL A 30 -19.29 26.38 -4.23
CA VAL A 30 -19.43 25.03 -3.71
C VAL A 30 -20.93 24.71 -3.58
N SER A 31 -21.31 23.49 -3.95
CA SER A 31 -22.72 23.08 -3.88
C SER A 31 -23.26 23.07 -2.44
N TYR A 32 -22.51 22.39 -1.56
CA TYR A 32 -22.89 22.27 -0.16
C TYR A 32 -21.66 22.31 0.72
N MET A 33 -21.86 22.72 1.96
CA MET A 33 -20.77 22.77 2.93
C MET A 33 -21.15 21.85 4.09
N TYR A 34 -20.17 21.16 4.67
CA TYR A 34 -20.41 20.26 5.79
C TYR A 34 -19.56 20.74 6.95
N TRP A 35 -20.00 20.50 8.18
CA TRP A 35 -19.21 20.91 9.33
C TRP A 35 -19.00 19.74 10.25
N TYR A 36 -17.88 19.77 10.97
CA TYR A 36 -17.55 18.72 11.91
C TYR A 36 -17.07 19.38 13.19
N GLN A 37 -17.32 18.71 14.32
CA GLN A 37 -16.85 19.22 15.60
C GLN A 37 -15.84 18.22 16.16
N GLN A 38 -14.75 18.73 16.74
CA GLN A 38 -13.73 17.87 17.32
C GLN A 38 -13.16 18.44 18.59
N LYS A 39 -13.13 17.63 19.63
CA LYS A 39 -12.56 18.05 20.89
C LYS A 39 -11.22 17.36 21.02
N PRO A 40 -10.37 17.84 21.93
CA PRO A 40 -9.06 17.20 22.09
C PRO A 40 -9.14 15.71 22.40
N ARG A 41 -8.18 14.96 21.87
CA ARG A 41 -8.06 13.53 22.09
C ARG A 41 -9.24 12.67 21.67
N SER A 42 -9.90 13.05 20.58
CA SER A 42 -11.01 12.26 20.07
C SER A 42 -11.26 12.65 18.62
N SER A 43 -11.84 11.74 17.87
CA SER A 43 -12.11 11.98 16.47
C SER A 43 -13.23 12.98 16.20
N PRO A 44 -13.19 13.64 15.03
CA PRO A 44 -14.24 14.60 14.71
C PRO A 44 -15.61 13.94 14.58
N LYS A 45 -16.66 14.72 14.82
CA LYS A 45 -18.04 14.23 14.72
C LYS A 45 -18.79 15.00 13.63
N PRO A 46 -19.62 14.31 12.84
CA PRO A 46 -20.35 15.07 11.83
C PRO A 46 -21.29 16.00 12.59
N TRP A 47 -21.29 17.28 12.23
CA TRP A 47 -22.12 18.24 12.93
C TRP A 47 -23.20 18.78 12.02
N ILE A 48 -22.81 19.12 10.80
CA ILE A 48 -23.75 19.67 9.83
C ILE A 48 -23.51 19.09 8.45
N TYR A 49 -24.58 18.78 7.74
CA TYR A 49 -24.44 18.28 6.39
C TYR A 49 -25.41 19.03 5.47
N LEU A 50 -25.14 18.97 4.17
CA LEU A 50 -25.96 19.66 3.19
C LEU A 50 -26.18 21.12 3.56
N THR A 51 -25.12 21.76 4.06
CA THR A 51 -25.14 23.16 4.44
C THR A 51 -25.94 23.53 5.69
N SER A 52 -27.17 23.05 5.81
CA SER A 52 -27.96 23.43 6.98
C SER A 52 -28.62 22.34 7.81
N ASN A 53 -28.48 21.08 7.42
CA ASN A 53 -29.11 20.03 8.21
C ASN A 53 -28.23 19.60 9.37
N LEU A 54 -28.83 19.52 10.56
CA LEU A 54 -28.09 19.10 11.74
C LEU A 54 -28.00 17.59 11.77
N ALA A 55 -26.85 17.07 12.19
CA ALA A 55 -26.69 15.62 12.28
C ALA A 55 -27.42 15.23 13.56
N SER A 56 -27.93 14.00 13.61
CA SER A 56 -28.65 13.54 14.79
C SER A 56 -27.86 13.77 16.05
N GLY A 57 -28.57 14.23 17.09
CA GLY A 57 -27.91 14.47 18.36
C GLY A 57 -27.38 15.87 18.57
N VAL A 58 -27.23 16.63 17.48
CA VAL A 58 -26.73 17.99 17.60
C VAL A 58 -27.80 18.93 18.14
N PRO A 59 -27.46 19.73 19.17
CA PRO A 59 -28.40 20.67 19.78
C PRO A 59 -28.96 21.68 18.77
N ALA A 60 -30.26 21.95 18.88
CA ALA A 60 -30.91 22.90 18.00
C ALA A 60 -30.31 24.30 18.06
N ARG A 61 -29.51 24.58 19.09
CA ARG A 61 -28.91 25.91 19.19
C ARG A 61 -27.93 26.17 18.04
N PHE A 62 -27.53 25.11 17.36
CA PHE A 62 -26.62 25.22 16.23
C PHE A 62 -27.43 25.46 14.98
N CYS A 63 -26.88 26.25 14.08
CA CYS A 63 -27.54 26.57 12.83
C CYS A 63 -26.48 26.75 11.75
N GLY A 64 -26.67 26.13 10.60
CA GLY A 64 -25.70 26.28 9.54
C GLY A 64 -26.37 26.89 8.33
N SER A 65 -25.68 27.74 7.60
CA SER A 65 -26.28 28.34 6.41
C SER A 65 -25.19 28.76 5.46
N GLY A 66 -25.59 29.27 4.30
CA GLY A 66 -24.61 29.70 3.34
C GLY A 66 -24.99 29.44 1.90
N SER A 67 -24.21 30.01 0.99
CA SER A 67 -24.47 29.86 -0.42
C SER A 67 -23.21 30.21 -1.20
N GLY A 68 -23.05 29.57 -2.36
CA GLY A 68 -21.90 29.82 -3.20
C GLY A 68 -20.54 29.63 -2.58
N THR A 69 -19.95 30.72 -2.10
CA THR A 69 -18.61 30.66 -1.51
C THR A 69 -18.58 31.11 -0.07
N SER A 70 -19.74 31.50 0.46
CA SER A 70 -19.80 31.99 1.82
C SER A 70 -20.75 31.22 2.72
N TYR A 71 -20.20 30.63 3.78
CA TYR A 71 -21.01 29.86 4.71
C TYR A 71 -20.71 30.18 6.16
N SER A 72 -21.62 29.78 7.04
CA SER A 72 -21.42 30.03 8.44
C SER A 72 -22.10 29.02 9.34
N LEU A 73 -21.56 28.87 10.54
CA LEU A 73 -22.09 27.99 11.55
C LEU A 73 -22.37 28.93 12.72
N THR A 74 -23.59 28.88 13.24
CA THR A 74 -23.97 29.75 14.35
C THR A 74 -24.40 28.97 15.57
N ILE A 75 -24.25 29.57 16.73
CA ILE A 75 -24.68 29.01 18.01
C ILE A 75 -25.47 30.15 18.65
N SER A 76 -26.78 29.97 18.81
CA SER A 76 -27.62 31.01 19.37
C SER A 76 -27.18 31.36 20.79
N SER A 77 -26.89 30.34 21.58
CA SER A 77 -26.49 30.54 22.96
C SER A 77 -25.38 29.58 23.36
N MET A 78 -24.16 30.12 23.41
CA MET A 78 -22.97 29.38 23.77
C MET A 78 -23.13 28.59 25.06
N GLU A 79 -22.48 27.44 25.12
CA GLU A 79 -22.49 26.60 26.31
C GLU A 79 -21.08 26.03 26.45
N ALA A 80 -20.69 25.73 27.68
CA ALA A 80 -19.35 25.19 27.94
C ALA A 80 -19.02 24.01 27.02
N GLU A 81 -19.94 23.06 26.91
CA GLU A 81 -19.75 21.88 26.08
C GLU A 81 -19.53 22.20 24.60
N ASP A 82 -19.78 23.44 24.20
CA ASP A 82 -19.62 23.81 22.80
C ASP A 82 -18.19 24.20 22.47
N ALA A 83 -17.37 24.38 23.50
CA ALA A 83 -15.98 24.74 23.29
C ALA A 83 -15.30 23.58 22.60
N ALA A 84 -14.83 23.83 21.37
CA ALA A 84 -14.18 22.80 20.56
C ALA A 84 -13.67 23.45 19.29
N THR A 85 -13.18 22.64 18.36
CA THR A 85 -12.72 23.18 17.08
C THR A 85 -13.73 22.73 16.02
N TYR A 86 -14.14 23.66 15.17
CA TYR A 86 -15.10 23.35 14.12
C TYR A 86 -14.42 23.51 12.77
N TYR A 87 -14.61 22.52 11.91
CA TYR A 87 -14.01 22.53 10.58
C TYR A 87 -15.09 22.49 9.52
N CYS A 88 -14.85 23.15 8.39
CA CYS A 88 -15.81 23.05 7.31
C CYS A 88 -15.16 22.10 6.31
N GLN A 89 -15.96 21.51 5.44
CA GLN A 89 -15.44 20.57 4.48
C GLN A 89 -16.31 20.62 3.24
N GLN A 90 -15.71 20.46 2.08
CA GLN A 90 -16.47 20.47 0.83
C GLN A 90 -15.93 19.39 -0.07
N TRP A 91 -16.73 18.99 -1.04
CA TRP A 91 -16.28 17.99 -1.99
C TRP A 91 -17.13 18.10 -3.24
N SER A 92 -17.18 19.31 -3.78
CA SER A 92 -17.94 19.57 -4.99
C SER A 92 -17.03 19.27 -6.17
N SER A 93 -15.73 19.20 -5.90
CA SER A 93 -14.73 18.89 -6.91
C SER A 93 -13.55 18.28 -6.16
N ASN A 94 -12.71 17.52 -6.85
CA ASN A 94 -11.56 16.93 -6.21
C ASN A 94 -10.44 17.95 -6.06
N PRO A 95 -9.68 17.90 -4.95
CA PRO A 95 -9.85 16.90 -3.88
C PRO A 95 -10.78 17.39 -2.77
N LEU A 96 -11.32 16.45 -1.98
CA LEU A 96 -12.17 16.79 -0.86
C LEU A 96 -11.26 17.66 0.01
N THR A 97 -11.77 18.75 0.55
CA THR A 97 -10.94 19.62 1.40
C THR A 97 -11.63 20.06 2.69
N PHE A 98 -10.81 20.41 3.67
CA PHE A 98 -11.27 20.87 4.98
C PHE A 98 -10.71 22.27 5.21
N GLY A 99 -11.42 23.07 6.00
CA GLY A 99 -10.91 24.40 6.34
C GLY A 99 -9.91 24.18 7.45
N ALA A 100 -9.12 25.19 7.82
CA ALA A 100 -8.13 25.01 8.89
C ALA A 100 -8.76 24.92 10.26
N GLY A 101 -10.07 25.12 10.32
CA GLY A 101 -10.80 25.03 11.59
C GLY A 101 -10.81 26.29 12.43
N THR A 102 -11.85 26.41 13.24
CA THR A 102 -11.97 27.56 14.14
C THR A 102 -12.01 27.00 15.54
N LYS A 103 -11.05 27.39 16.38
CA LYS A 103 -11.06 26.91 17.74
C LYS A 103 -11.92 27.83 18.58
N LEU A 104 -13.01 27.30 19.10
CA LEU A 104 -13.92 28.06 19.93
C LEU A 104 -13.67 27.72 21.40
N GLU A 105 -13.25 28.72 22.17
CA GLU A 105 -12.98 28.53 23.60
C GLU A 105 -13.97 29.29 24.47
N LEU A 106 -13.92 29.03 25.76
CA LEU A 106 -14.78 29.73 26.70
C LEU A 106 -14.15 31.07 27.05
N LYS A 107 -15.00 32.09 27.15
CA LYS A 107 -14.59 33.45 27.46
C LYS A 107 -14.70 33.65 28.96
N ARG A 108 -13.78 34.44 29.52
CA ARG A 108 -13.76 34.75 30.95
C ARG A 108 -13.04 36.06 31.17
N ALA A 109 -13.03 36.55 32.40
CA ALA A 109 -12.35 37.80 32.72
C ALA A 109 -10.85 37.65 32.49
N ASP A 110 -10.21 38.73 32.08
CA ASP A 110 -8.78 38.68 31.86
C ASP A 110 -8.12 38.36 33.20
N ALA A 111 -6.98 37.67 33.14
CA ALA A 111 -6.25 37.29 34.35
C ALA A 111 -4.76 37.32 34.04
N ALA A 112 -3.98 37.96 34.90
CA ALA A 112 -2.54 38.03 34.70
C ALA A 112 -1.95 36.71 35.15
N PRO A 113 -0.86 36.29 34.52
CA PRO A 113 -0.28 35.02 34.94
C PRO A 113 0.55 35.14 36.20
N THR A 114 0.63 34.06 36.95
CA THR A 114 1.48 34.05 38.12
C THR A 114 2.74 33.44 37.55
N VAL A 115 3.86 34.15 37.67
CA VAL A 115 5.12 33.69 37.10
C VAL A 115 6.17 33.28 38.11
N SER A 116 6.88 32.21 37.81
CA SER A 116 7.93 31.74 38.70
C SER A 116 9.07 31.13 37.89
N ILE A 117 10.30 31.52 38.23
CA ILE A 117 11.50 31.06 37.55
C ILE A 117 12.25 30.08 38.45
N PHE A 118 12.85 29.05 37.85
CA PHE A 118 13.59 28.05 38.61
C PHE A 118 14.95 27.79 37.96
N PRO A 119 16.00 27.62 38.77
CA PRO A 119 17.34 27.37 38.27
C PRO A 119 17.59 25.89 38.02
N PRO A 120 18.68 25.57 37.31
CA PRO A 120 19.05 24.19 37.00
C PRO A 120 19.31 23.44 38.31
N SER A 121 18.98 22.16 38.34
CA SER A 121 19.23 21.36 39.54
C SER A 121 20.68 20.91 39.50
N SER A 122 21.22 20.56 40.66
CA SER A 122 22.59 20.10 40.72
C SER A 122 22.76 18.83 39.91
N GLU A 123 21.76 17.95 39.97
CA GLU A 123 21.87 16.71 39.23
C GLU A 123 22.11 16.99 37.74
N GLN A 124 21.25 17.77 37.10
CA GLN A 124 21.44 18.06 35.69
C GLN A 124 22.80 18.72 35.45
N LEU A 125 23.13 19.73 36.24
CA LEU A 125 24.42 20.39 36.09
C LEU A 125 25.55 19.37 36.10
N THR A 126 25.43 18.37 36.97
CA THR A 126 26.44 17.33 37.10
C THR A 126 26.69 16.61 35.77
N SER A 127 25.68 16.58 34.90
CA SER A 127 25.79 15.89 33.61
C SER A 127 26.23 16.80 32.46
N GLY A 128 26.54 18.05 32.77
CA GLY A 128 27.00 18.98 31.75
C GLY A 128 25.95 19.87 31.12
N GLY A 129 24.69 19.71 31.51
CA GLY A 129 23.62 20.54 30.94
C GLY A 129 22.94 21.42 31.95
N ALA A 130 22.22 22.43 31.46
CA ALA A 130 21.52 23.34 32.34
C ALA A 130 20.18 23.80 31.73
N SER A 131 19.08 23.54 32.43
CA SER A 131 17.77 23.97 31.96
C SER A 131 17.19 24.92 32.98
N VAL A 132 16.80 26.10 32.52
CA VAL A 132 16.19 27.10 33.40
C VAL A 132 14.70 27.01 33.05
N VAL A 133 13.84 26.90 34.05
CA VAL A 133 12.42 26.76 33.79
C VAL A 133 11.59 27.92 34.29
N CYS A 134 10.60 28.28 33.49
CA CYS A 134 9.70 29.37 33.86
C CYS A 134 8.25 28.91 33.70
N PHE A 135 7.46 29.05 34.76
CA PHE A 135 6.05 28.67 34.74
C PHE A 135 5.17 29.91 34.76
N LEU A 136 4.20 29.96 33.86
CA LEU A 136 3.27 31.08 33.78
C LEU A 136 1.91 30.43 33.94
N ASN A 137 1.35 30.53 35.14
CA ASN A 137 0.08 29.89 35.45
C ASN A 137 -1.18 30.72 35.57
N ASN A 138 -2.28 30.08 35.20
CA ASN A 138 -3.61 30.63 35.29
C ASN A 138 -3.81 32.05 34.76
N PHE A 139 -3.53 32.22 33.47
CA PHE A 139 -3.71 33.51 32.83
C PHE A 139 -4.75 33.39 31.73
N TYR A 140 -5.29 34.53 31.32
CA TYR A 140 -6.29 34.58 30.27
C TYR A 140 -6.33 36.01 29.73
N PRO A 141 -6.37 36.17 28.39
CA PRO A 141 -6.37 35.14 27.35
C PRO A 141 -5.08 34.35 27.15
N LYS A 142 -5.14 33.36 26.25
CA LYS A 142 -4.01 32.48 25.94
C LYS A 142 -2.84 33.19 25.26
N ASP A 143 -3.13 34.28 24.56
CA ASP A 143 -2.07 34.99 23.87
C ASP A 143 -1.12 35.64 24.85
N ILE A 144 0.15 35.26 24.77
CA ILE A 144 1.14 35.82 25.66
C ILE A 144 2.52 35.78 25.00
N ASN A 145 3.43 36.61 25.47
CA ASN A 145 4.76 36.65 24.91
C ASN A 145 5.80 36.47 26.01
N VAL A 146 6.69 35.50 25.83
CA VAL A 146 7.73 35.23 26.81
C VAL A 146 9.08 35.52 26.19
N LYS A 147 9.91 36.25 26.94
CA LYS A 147 11.24 36.61 26.48
C LYS A 147 12.29 36.22 27.51
N TRP A 148 13.34 35.53 27.06
CA TRP A 148 14.42 35.12 27.96
C TRP A 148 15.61 36.07 27.83
N LYS A 149 16.16 36.51 28.97
CA LYS A 149 17.29 37.42 28.94
C LYS A 149 18.45 36.89 29.78
N ILE A 150 19.64 36.88 29.19
CA ILE A 150 20.85 36.44 29.88
C ILE A 150 21.65 37.72 30.13
N ASP A 151 21.81 38.08 31.39
CA ASP A 151 22.53 39.29 31.77
C ASP A 151 21.99 40.54 31.08
N GLY A 152 20.67 40.59 30.91
CA GLY A 152 20.03 41.74 30.31
C GLY A 152 19.84 41.67 28.81
N SER A 153 20.50 40.72 28.15
CA SER A 153 20.40 40.57 26.71
C SER A 153 19.46 39.43 26.33
N GLU A 154 18.55 39.68 25.40
CA GLU A 154 17.61 38.66 24.97
C GLU A 154 18.33 37.44 24.45
N ARG A 155 17.65 36.30 24.50
CA ARG A 155 18.19 35.02 24.06
C ARG A 155 17.02 34.22 23.48
N GLN A 156 17.13 33.85 22.20
CA GLN A 156 16.05 33.10 21.54
C GLN A 156 16.40 31.65 21.25
N ASN A 157 17.69 31.38 21.06
CA ASN A 157 18.16 30.03 20.77
C ASN A 157 18.07 29.09 21.99
N GLY A 158 17.47 27.92 21.79
CA GLY A 158 17.36 26.96 22.89
C GLY A 158 16.15 27.05 23.81
N VAL A 159 15.10 27.70 23.35
CA VAL A 159 13.90 27.85 24.16
C VAL A 159 12.77 26.93 23.68
N LEU A 160 12.16 26.22 24.60
CA LEU A 160 11.05 25.33 24.26
C LEU A 160 9.86 25.67 25.15
N ASN A 161 8.70 25.82 24.53
CA ASN A 161 7.49 26.17 25.26
C ASN A 161 6.41 25.11 25.12
N SER A 162 5.45 25.16 26.04
CA SER A 162 4.35 24.21 26.03
C SER A 162 3.19 24.82 26.82
N TRP A 163 1.97 24.63 26.32
CA TRP A 163 0.78 25.15 26.95
C TRP A 163 -0.18 24.05 27.32
N THR A 164 -1.04 24.32 28.30
CA THR A 164 -2.04 23.36 28.69
C THR A 164 -3.30 23.79 27.96
N ASP A 165 -4.32 22.94 27.96
CA ASP A 165 -5.59 23.27 27.34
C ASP A 165 -6.39 24.11 28.33
N GLN A 166 -7.30 24.94 27.82
CA GLN A 166 -8.11 25.77 28.70
C GLN A 166 -8.59 24.94 29.88
N ASP A 167 -8.37 25.46 31.09
CA ASP A 167 -8.76 24.72 32.27
C ASP A 167 -10.24 24.44 32.39
N SER A 168 -10.54 23.20 32.74
CA SER A 168 -11.91 22.73 32.89
C SER A 168 -12.69 23.45 33.99
N LYS A 169 -12.01 23.80 35.07
CA LYS A 169 -12.67 24.46 36.19
C LYS A 169 -12.71 25.99 36.13
N ASP A 170 -11.61 26.64 35.80
CA ASP A 170 -11.61 28.11 35.77
C ASP A 170 -11.29 28.77 34.44
N SER A 171 -11.29 27.98 33.36
CA SER A 171 -11.05 28.52 32.01
C SER A 171 -9.72 29.26 31.76
N THR A 172 -8.74 29.09 32.64
CA THR A 172 -7.46 29.77 32.42
C THR A 172 -6.49 28.89 31.64
N TYR A 173 -5.33 29.45 31.31
CA TYR A 173 -4.31 28.72 30.57
C TYR A 173 -3.03 28.80 31.38
N SER A 174 -2.16 27.81 31.19
CA SER A 174 -0.87 27.80 31.87
C SER A 174 0.15 27.48 30.79
N MET A 175 1.35 27.99 30.98
CA MET A 175 2.41 27.79 30.02
C MET A 175 3.73 27.50 30.73
N SER A 176 4.59 26.76 30.05
CA SER A 176 5.89 26.41 30.58
C SER A 176 6.95 26.77 29.54
N SER A 177 7.93 27.57 29.93
CA SER A 177 8.99 27.99 29.02
C SER A 177 10.34 27.54 29.56
N THR A 178 11.00 26.66 28.82
CA THR A 178 12.31 26.13 29.22
C THR A 178 13.46 26.57 28.32
N LEU A 179 14.51 27.10 28.95
CA LEU A 179 15.73 27.54 28.26
C LEU A 179 16.84 26.54 28.59
N THR A 180 17.32 25.80 27.60
CA THR A 180 18.38 24.82 27.86
C THR A 180 19.74 25.22 27.30
N LEU A 181 20.76 25.13 28.14
CA LEU A 181 22.14 25.47 27.77
C LEU A 181 23.07 24.39 28.29
N THR A 182 24.37 24.58 28.09
CA THR A 182 25.36 23.64 28.57
C THR A 182 25.80 24.21 29.90
N LYS A 183 26.26 23.37 30.81
CA LYS A 183 26.69 23.84 32.11
C LYS A 183 27.71 24.97 31.96
N ASP A 184 28.57 24.84 30.94
CA ASP A 184 29.61 25.84 30.71
C ASP A 184 29.11 27.20 30.25
N GLU A 185 28.10 27.25 29.39
CA GLU A 185 27.62 28.56 28.99
C GLU A 185 26.84 29.15 30.14
N TYR A 186 26.06 28.30 30.80
CA TYR A 186 25.26 28.74 31.92
C TYR A 186 26.13 29.42 32.97
N GLU A 187 27.29 28.83 33.26
CA GLU A 187 28.18 29.41 34.26
C GLU A 187 28.95 30.64 33.77
N ARG A 188 28.87 30.94 32.48
CA ARG A 188 29.55 32.12 31.95
C ARG A 188 28.78 33.42 32.19
N HIS A 189 27.53 33.32 32.61
CA HIS A 189 26.73 34.50 32.89
C HIS A 189 26.15 34.48 34.29
N ASN A 190 25.59 35.60 34.75
CA ASN A 190 25.08 35.63 36.12
C ASN A 190 23.56 35.76 36.30
N SER A 191 22.92 36.67 35.59
CA SER A 191 21.49 36.84 35.77
C SER A 191 20.66 36.18 34.66
N TYR A 192 19.59 35.51 35.08
CA TYR A 192 18.69 34.83 34.15
C TYR A 192 17.30 35.37 34.40
N THR A 193 16.72 35.94 33.36
CA THR A 193 15.40 36.55 33.45
C THR A 193 14.35 35.99 32.49
N CYS A 194 13.14 35.88 33.04
CA CYS A 194 11.98 35.41 32.32
C CYS A 194 11.02 36.60 32.30
N GLU A 195 10.74 37.15 31.12
CA GLU A 195 9.84 38.29 31.01
C GLU A 195 8.56 37.90 30.30
N ALA A 196 7.42 38.15 30.95
CA ALA A 196 6.14 37.80 30.35
C ALA A 196 5.32 39.04 30.06
N THR A 197 4.99 39.24 28.78
CA THR A 197 4.19 40.38 28.39
C THR A 197 2.83 39.86 28.01
N HIS A 198 1.82 40.36 28.70
CA HIS A 198 0.45 39.93 28.49
C HIS A 198 -0.55 41.09 28.53
N LYS A 199 -1.66 40.90 27.83
CA LYS A 199 -2.74 41.88 27.70
C LYS A 199 -3.13 42.60 28.99
N THR A 200 -3.06 41.90 30.12
CA THR A 200 -3.46 42.50 31.40
C THR A 200 -2.60 43.67 31.90
N SER A 201 -1.48 43.93 31.25
CA SER A 201 -0.62 45.03 31.66
C SER A 201 0.33 45.49 30.57
N THR A 202 0.56 46.79 30.49
CA THR A 202 1.46 47.35 29.49
C THR A 202 2.89 47.04 29.90
N SER A 203 3.08 46.84 31.20
CA SER A 203 4.39 46.53 31.76
C SER A 203 4.52 45.01 31.90
N PRO A 204 5.64 44.43 31.43
CA PRO A 204 5.85 42.98 31.52
C PRO A 204 6.13 42.48 32.93
N ILE A 205 5.74 41.23 33.22
CA ILE A 205 6.01 40.62 34.53
C ILE A 205 7.42 40.07 34.42
N VAL A 206 8.28 40.46 35.34
CA VAL A 206 9.67 40.01 35.29
C VAL A 206 10.11 39.18 36.47
N LYS A 207 10.58 37.97 36.19
CA LYS A 207 11.07 37.05 37.20
C LYS A 207 12.49 36.68 36.83
N SER A 208 13.39 36.63 37.82
CA SER A 208 14.77 36.29 37.53
C SER A 208 15.57 35.96 38.77
N PHE A 209 16.81 35.51 38.58
CA PHE A 209 17.70 35.19 39.70
C PHE A 209 19.14 35.33 39.20
N ASN A 210 20.07 35.33 40.14
CA ASN A 210 21.49 35.44 39.84
C ASN A 210 22.18 34.17 40.31
N ARG A 211 23.07 33.63 39.50
CA ARG A 211 23.81 32.43 39.84
C ARG A 211 24.68 32.62 41.07
N ASN A 212 25.01 31.51 41.74
CA ASN A 212 25.89 31.51 42.91
C ASN A 212 25.51 32.37 44.11
N GLU A 213 24.50 33.24 43.96
CA GLU A 213 24.07 34.11 45.05
C GLU A 213 23.60 33.31 46.25
N CYS A 214 23.68 31.99 46.16
CA CYS A 214 23.30 31.07 47.22
C CYS A 214 23.40 29.64 46.68
N GLN B 2 -24.15 1.28 15.97
CA GLN B 2 -23.92 -0.08 15.40
C GLN B 2 -22.77 -0.07 14.41
N VAL B 3 -22.71 0.95 13.57
CA VAL B 3 -21.62 1.06 12.61
C VAL B 3 -20.37 1.33 13.43
N GLN B 4 -19.35 0.50 13.25
CA GLN B 4 -18.12 0.64 14.02
C GLN B 4 -16.89 0.52 13.13
N LEU B 5 -15.87 1.32 13.43
CA LEU B 5 -14.61 1.32 12.66
C LEU B 5 -13.46 1.20 13.65
N GLN B 6 -12.83 0.04 13.70
CA GLN B 6 -11.72 -0.19 14.64
C GLN B 6 -10.33 0.01 14.07
N GLN B 7 -9.58 0.90 14.71
CA GLN B 7 -8.23 1.21 14.31
C GLN B 7 -7.27 0.98 15.47
N PRO B 8 -6.08 0.45 15.18
CA PRO B 8 -5.19 0.25 16.33
C PRO B 8 -4.75 1.62 16.87
N GLY B 9 -4.57 1.68 18.18
CA GLY B 9 -4.18 2.92 18.83
C GLY B 9 -2.97 3.66 18.29
N ALA B 10 -1.86 2.94 18.08
CA ALA B 10 -0.65 3.58 17.60
C ALA B 10 0.39 2.68 16.96
N GLU B 11 1.32 3.31 16.24
CA GLU B 11 2.37 2.60 15.55
C GLU B 11 3.68 3.39 15.62
N LEU B 12 4.76 2.73 16.05
CA LEU B 12 6.06 3.37 16.11
C LEU B 12 6.80 2.84 14.90
N VAL B 13 7.21 3.73 13.99
CA VAL B 13 7.90 3.27 12.79
C VAL B 13 9.21 3.99 12.50
N LYS B 14 10.14 3.29 11.86
CA LYS B 14 11.45 3.83 11.52
C LYS B 14 11.43 4.62 10.22
N PRO B 15 12.26 5.67 10.12
CA PRO B 15 12.28 6.45 8.88
C PRO B 15 12.69 5.54 7.72
N GLY B 16 12.13 5.78 6.55
CA GLY B 16 12.46 4.96 5.39
C GLY B 16 11.60 3.71 5.31
N ALA B 17 11.08 3.27 6.45
CA ALA B 17 10.25 2.08 6.48
C ALA B 17 8.85 2.32 5.90
N SER B 18 8.02 1.29 5.96
CA SER B 18 6.64 1.35 5.48
C SER B 18 5.73 0.90 6.61
N VAL B 19 4.44 1.17 6.45
CA VAL B 19 3.48 0.75 7.46
C VAL B 19 2.11 0.59 6.82
N LYS B 20 1.36 -0.39 7.31
CA LYS B 20 0.03 -0.63 6.82
C LYS B 20 -0.95 -0.42 7.98
N MET B 21 -1.81 0.58 7.80
CA MET B 21 -2.83 0.95 8.78
C MET B 21 -4.06 0.11 8.48
N SER B 22 -4.67 -0.49 9.50
CA SER B 22 -5.86 -1.27 9.25
C SER B 22 -7.08 -0.59 9.85
N CYS B 23 -8.24 -0.89 9.28
CA CYS B 23 -9.50 -0.33 9.77
C CYS B 23 -10.59 -1.38 9.64
N LYS B 24 -10.92 -2.03 10.76
CA LYS B 24 -11.94 -3.08 10.81
C LYS B 24 -13.35 -2.49 10.79
N ALA B 25 -14.07 -2.72 9.71
CA ALA B 25 -15.44 -2.20 9.58
C ALA B 25 -16.48 -3.22 9.98
N SER B 26 -17.55 -2.76 10.60
CA SER B 26 -18.61 -3.67 11.03
C SER B 26 -19.91 -2.91 11.27
N GLY B 27 -21.03 -3.62 11.23
CA GLY B 27 -22.32 -3.00 11.48
C GLY B 27 -23.01 -2.53 10.23
N TYR B 28 -22.43 -2.84 9.07
CA TYR B 28 -23.02 -2.43 7.80
C TYR B 28 -22.38 -3.19 6.63
N THR B 29 -22.97 -3.03 5.44
CA THR B 29 -22.47 -3.68 4.25
C THR B 29 -21.18 -3.03 3.76
N PHE B 30 -20.06 -3.53 4.26
CA PHE B 30 -18.73 -3.02 3.93
C PHE B 30 -18.52 -2.60 2.48
N THR B 31 -19.03 -3.39 1.54
CA THR B 31 -18.83 -3.09 0.12
C THR B 31 -19.71 -2.04 -0.51
N SER B 32 -20.65 -1.48 0.24
CA SER B 32 -21.53 -0.47 -0.34
C SER B 32 -21.19 0.98 0.03
N TYR B 33 -20.16 1.20 0.83
CA TYR B 33 -19.78 2.56 1.20
C TYR B 33 -18.32 2.89 1.00
N ASN B 34 -18.04 4.14 0.63
CA ASN B 34 -16.67 4.60 0.45
C ASN B 34 -15.99 4.69 1.80
N MET B 35 -14.75 4.23 1.86
CA MET B 35 -13.97 4.31 3.09
C MET B 35 -12.90 5.36 2.82
N HIS B 36 -12.84 6.39 3.65
CA HIS B 36 -11.86 7.46 3.47
C HIS B 36 -10.79 7.44 4.56
N TRP B 37 -9.67 8.06 4.26
CA TRP B 37 -8.57 8.20 5.19
C TRP B 37 -8.19 9.68 5.30
N VAL B 38 -8.01 10.15 6.53
CA VAL B 38 -7.68 11.53 6.76
C VAL B 38 -6.46 11.67 7.67
N LYS B 39 -5.55 12.55 7.28
CA LYS B 39 -4.33 12.77 8.05
C LYS B 39 -4.51 13.96 9.00
N GLN B 40 -4.00 13.84 10.21
CA GLN B 40 -4.09 14.95 11.14
C GLN B 40 -2.86 15.13 11.99
N THR B 41 -2.18 16.24 11.74
CA THR B 41 -1.00 16.61 12.48
C THR B 41 -1.33 18.01 12.99
N PRO B 42 -0.91 18.35 14.21
CA PRO B 42 -1.22 19.70 14.73
C PRO B 42 -0.96 20.83 13.71
N GLY B 43 0.16 20.72 12.99
CA GLY B 43 0.54 21.73 12.02
C GLY B 43 -0.35 22.01 10.81
N GLN B 44 -1.01 20.98 10.26
CA GLN B 44 -1.86 21.20 9.09
C GLN B 44 -3.35 20.83 9.22
N GLY B 45 -3.88 20.78 10.45
CA GLY B 45 -5.28 20.43 10.66
C GLY B 45 -5.67 19.07 10.08
N LEU B 46 -6.77 19.03 9.33
CA LEU B 46 -7.23 17.78 8.70
C LEU B 46 -6.95 17.78 7.20
N GLU B 47 -6.32 16.71 6.72
CA GLU B 47 -6.00 16.60 5.29
C GLU B 47 -6.55 15.30 4.72
N TRP B 48 -7.19 15.38 3.57
CA TRP B 48 -7.76 14.20 2.95
C TRP B 48 -6.67 13.46 2.21
N ILE B 49 -6.66 12.14 2.34
CA ILE B 49 -5.67 11.32 1.66
C ILE B 49 -6.35 10.73 0.43
N GLY B 50 -7.54 10.17 0.64
CA GLY B 50 -8.28 9.58 -0.46
C GLY B 50 -9.39 8.67 0.02
N ALA B 51 -10.02 7.98 -0.92
CA ALA B 51 -11.10 7.08 -0.60
C ALA B 51 -11.09 5.88 -1.51
N ILE B 52 -11.74 4.80 -1.07
CA ILE B 52 -11.81 3.60 -1.87
C ILE B 52 -13.19 2.99 -1.70
N TYR B 53 -13.77 2.53 -2.80
CA TYR B 53 -15.07 1.90 -2.76
C TYR B 53 -14.83 0.39 -2.69
N PRO B 54 -14.89 -0.19 -1.49
CA PRO B 54 -14.69 -1.63 -1.42
C PRO B 54 -15.92 -2.20 -2.11
N GLY B 55 -15.73 -2.89 -3.22
CA GLY B 55 -16.88 -3.39 -3.93
C GLY B 55 -16.44 -3.57 -5.35
N ASN B 56 -15.59 -2.65 -5.81
CA ASN B 56 -15.04 -2.70 -7.16
C ASN B 56 -13.65 -2.07 -7.10
N GLY B 57 -13.22 -1.73 -5.90
CA GLY B 57 -11.90 -1.15 -5.69
C GLY B 57 -11.61 0.23 -6.25
N ASP B 58 -12.62 0.97 -6.70
CA ASP B 58 -12.38 2.31 -7.25
C ASP B 58 -11.83 3.23 -6.17
N THR B 59 -10.83 4.01 -6.52
CA THR B 59 -10.23 4.92 -5.56
C THR B 59 -10.17 6.34 -6.08
N SER B 60 -10.01 7.27 -5.15
CA SER B 60 -9.90 8.66 -5.49
C SER B 60 -8.78 9.14 -4.56
N TYR B 61 -7.78 9.80 -5.12
CA TYR B 61 -6.64 10.23 -4.32
C TYR B 61 -6.37 11.71 -4.34
N ASN B 62 -5.80 12.20 -3.24
CA ASN B 62 -5.40 13.61 -3.13
C ASN B 62 -4.03 13.63 -3.81
N GLN B 63 -3.86 14.48 -4.81
CA GLN B 63 -2.59 14.57 -5.53
C GLN B 63 -1.34 14.58 -4.65
N LYS B 64 -1.42 15.26 -3.50
CA LYS B 64 -0.28 15.35 -2.59
C LYS B 64 0.16 14.02 -1.98
N PHE B 65 -0.70 12.99 -2.04
CA PHE B 65 -0.35 11.70 -1.47
C PHE B 65 -0.11 10.60 -2.49
N LYS B 66 -0.32 10.90 -3.77
CA LYS B 66 -0.07 9.89 -4.79
C LYS B 66 1.40 9.52 -4.69
N GLY B 67 1.67 8.22 -4.59
CA GLY B 67 3.04 7.77 -4.49
C GLY B 67 3.48 7.58 -3.04
N LYS B 68 2.67 8.10 -2.12
CA LYS B 68 2.95 7.99 -0.70
C LYS B 68 1.95 7.04 -0.04
N ALA B 69 0.69 7.17 -0.41
CA ALA B 69 -0.36 6.35 0.17
C ALA B 69 -1.02 5.44 -0.87
N THR B 70 -1.49 4.28 -0.41
CA THR B 70 -2.18 3.33 -1.27
C THR B 70 -3.27 2.68 -0.44
N LEU B 71 -4.51 2.85 -0.88
CA LEU B 71 -5.64 2.28 -0.15
C LEU B 71 -6.03 0.95 -0.79
N THR B 72 -6.23 -0.04 0.06
CA THR B 72 -6.65 -1.34 -0.43
C THR B 72 -7.75 -1.81 0.50
N ALA B 73 -8.39 -2.92 0.17
CA ALA B 73 -9.45 -3.43 1.01
C ALA B 73 -9.55 -4.93 0.91
N ASP B 74 -9.94 -5.56 2.01
CA ASP B 74 -10.13 -6.99 2.04
C ASP B 74 -11.59 -7.22 2.38
N LYS B 75 -12.39 -7.57 1.37
CA LYS B 75 -13.81 -7.80 1.56
C LYS B 75 -14.10 -8.93 2.53
N SER B 76 -13.38 -10.05 2.38
CA SER B 76 -13.58 -11.21 3.23
C SER B 76 -13.54 -10.88 4.71
N SER B 77 -12.75 -9.86 5.08
CA SER B 77 -12.64 -9.46 6.49
C SER B 77 -13.18 -8.06 6.77
N SER B 78 -13.83 -7.46 5.79
CA SER B 78 -14.38 -6.11 5.94
C SER B 78 -13.34 -5.18 6.60
N THR B 79 -12.16 -5.11 6.00
CA THR B 79 -11.11 -4.29 6.53
C THR B 79 -10.47 -3.41 5.46
N ALA B 80 -10.32 -2.13 5.79
CA ALA B 80 -9.71 -1.17 4.88
C ALA B 80 -8.27 -1.02 5.33
N TYR B 81 -7.38 -0.81 4.37
CA TYR B 81 -5.96 -0.68 4.66
C TYR B 81 -5.37 0.53 3.95
N MET B 82 -4.39 1.15 4.58
CA MET B 82 -3.69 2.26 3.97
C MET B 82 -2.22 2.07 4.23
N GLN B 83 -1.43 2.12 3.17
CA GLN B 83 0.01 1.94 3.32
C GLN B 83 0.76 3.22 3.00
N LEU B 84 1.70 3.56 3.89
CA LEU B 84 2.51 4.74 3.68
C LEU B 84 3.92 4.21 3.39
N SER B 85 4.49 4.61 2.26
CA SER B 85 5.82 4.13 1.89
C SER B 85 6.93 5.08 2.33
N SER B 86 8.12 4.51 2.57
CA SER B 86 9.32 5.24 3.01
C SER B 86 9.02 6.48 3.84
N LEU B 87 8.65 6.24 5.09
CA LEU B 87 8.27 7.31 6.00
C LEU B 87 9.38 8.25 6.41
N THR B 88 8.96 9.47 6.76
CA THR B 88 9.82 10.54 7.25
C THR B 88 9.05 11.13 8.42
N SER B 89 9.68 11.97 9.22
CA SER B 89 9.01 12.57 10.35
C SER B 89 7.75 13.32 9.92
N GLU B 90 7.72 13.78 8.67
CA GLU B 90 6.56 14.52 8.18
C GLU B 90 5.32 13.63 8.09
N ASP B 91 5.53 12.32 8.19
CA ASP B 91 4.41 11.39 8.12
C ASP B 91 3.87 11.09 9.53
N SER B 92 4.57 11.59 10.54
CA SER B 92 4.13 11.38 11.92
C SER B 92 2.82 12.14 12.05
N ALA B 93 1.77 11.44 12.46
CA ALA B 93 0.47 12.04 12.60
C ALA B 93 -0.55 10.98 12.97
N VAL B 94 -1.78 11.42 13.18
CA VAL B 94 -2.86 10.51 13.48
C VAL B 94 -3.54 10.32 12.14
N TYR B 95 -3.85 9.07 11.81
CA TYR B 95 -4.51 8.73 10.56
C TYR B 95 -5.87 8.14 10.86
N TYR B 96 -6.91 8.85 10.43
CA TYR B 96 -8.26 8.41 10.68
C TYR B 96 -8.85 7.63 9.54
N CYS B 97 -9.75 6.75 9.94
CA CYS B 97 -10.51 5.90 9.04
C CYS B 97 -11.89 6.55 9.08
N ALA B 98 -12.59 6.64 7.94
CA ALA B 98 -13.92 7.24 7.96
C ALA B 98 -14.83 6.72 6.86
N ARG B 99 -16.10 6.45 7.20
CA ARG B 99 -17.07 5.97 6.23
C ARG B 99 -17.90 7.10 5.65
N GLU B 100 -17.94 7.20 4.33
CA GLU B 100 -18.72 8.23 3.69
C GLU B 100 -20.12 7.66 3.56
N GLY B 101 -21.12 8.48 3.86
CA GLY B 101 -22.50 8.03 3.74
C GLY B 101 -22.98 8.04 2.30
N LEU B 102 -24.29 7.86 2.13
CA LEU B 102 -24.94 7.85 0.81
C LEU B 102 -26.25 8.65 0.93
N GLY B 103 -26.86 8.98 -0.20
CA GLY B 103 -28.08 9.75 -0.15
C GLY B 103 -27.83 11.15 0.39
N ALA B 104 -28.63 11.56 1.38
CA ALA B 104 -28.46 12.89 1.97
C ALA B 104 -27.08 13.04 2.59
N LEU B 105 -26.38 11.94 2.78
CA LEU B 105 -25.05 11.98 3.38
C LEU B 105 -23.93 11.59 2.43
N LEU B 106 -24.23 11.66 1.14
CA LEU B 106 -23.20 11.38 0.17
C LEU B 106 -22.15 12.46 0.37
N ARG B 107 -20.90 12.06 0.28
CA ARG B 107 -19.78 12.98 0.43
C ARG B 107 -19.61 13.62 1.79
N ASP B 108 -20.18 12.97 2.80
CA ASP B 108 -20.07 13.43 4.18
C ASP B 108 -19.43 12.29 4.97
N LEU B 109 -18.40 12.59 5.75
CA LEU B 109 -17.75 11.56 6.52
C LEU B 109 -18.49 11.44 7.85
N TYR B 110 -19.51 10.58 7.90
CA TYR B 110 -20.32 10.42 9.09
C TYR B 110 -19.73 9.61 10.25
N TYR B 111 -19.04 8.52 9.92
CA TYR B 111 -18.44 7.66 10.93
C TYR B 111 -16.93 7.66 10.86
N TRP B 112 -16.29 7.87 12.02
CA TRP B 112 -14.85 7.92 12.12
C TRP B 112 -14.26 6.88 13.05
N GLY B 113 -13.08 6.36 12.71
CA GLY B 113 -12.41 5.41 13.57
C GLY B 113 -11.76 6.26 14.65
N GLN B 114 -11.20 5.64 15.69
CA GLN B 114 -10.58 6.43 16.72
C GLN B 114 -9.24 6.98 16.29
N GLY B 115 -8.74 6.51 15.15
CA GLY B 115 -7.47 7.00 14.64
C GLY B 115 -6.26 6.24 15.15
N THR B 116 -5.22 6.16 14.33
CA THR B 116 -4.01 5.48 14.72
C THR B 116 -2.94 6.53 14.71
N SER B 117 -2.30 6.71 15.86
CA SER B 117 -1.24 7.69 15.99
C SER B 117 0.10 7.11 15.54
N VAL B 118 0.63 7.66 14.45
CA VAL B 118 1.89 7.19 13.89
C VAL B 118 3.07 8.09 14.22
N THR B 119 4.11 7.49 14.78
CA THR B 119 5.32 8.21 15.13
C THR B 119 6.48 7.65 14.33
N VAL B 120 7.09 8.51 13.52
CA VAL B 120 8.23 8.12 12.70
C VAL B 120 9.50 8.56 13.43
N SER B 121 10.35 7.61 13.82
CA SER B 121 11.56 7.96 14.56
C SER B 121 12.62 6.86 14.71
N SER B 122 13.88 7.30 14.82
CA SER B 122 15.01 6.39 14.99
C SER B 122 15.26 6.14 16.46
N ALA B 123 15.04 7.18 17.27
CA ALA B 123 15.25 7.10 18.71
C ALA B 123 14.96 5.72 19.28
N LYS B 124 15.78 5.32 20.25
CA LYS B 124 15.59 4.02 20.89
C LYS B 124 15.05 4.30 22.30
N THR B 125 14.45 3.30 22.92
CA THR B 125 13.91 3.48 24.27
C THR B 125 14.96 4.16 25.14
N THR B 126 14.54 5.17 25.87
CA THR B 126 15.43 5.91 26.74
C THR B 126 14.67 6.28 28.02
N ALA B 127 15.30 6.08 29.16
CA ALA B 127 14.67 6.42 30.43
C ALA B 127 14.80 7.93 30.61
N PRO B 128 13.85 8.56 31.31
CA PRO B 128 13.94 10.00 31.50
C PRO B 128 14.82 10.39 32.68
N SER B 129 15.37 11.59 32.63
CA SER B 129 16.14 12.07 33.78
C SER B 129 15.07 12.91 34.50
N VAL B 130 15.02 12.82 35.82
CA VAL B 130 14.02 13.56 36.57
C VAL B 130 14.67 14.56 37.53
N TYR B 131 14.50 15.84 37.22
CA TYR B 131 15.06 16.92 38.02
C TYR B 131 14.04 17.73 38.80
N PRO B 132 14.39 18.13 40.03
CA PRO B 132 13.50 18.91 40.89
C PRO B 132 13.54 20.40 40.53
N LEU B 133 12.40 21.07 40.64
CA LEU B 133 12.33 22.51 40.35
C LEU B 133 11.96 23.23 41.63
N ALA B 134 12.88 24.04 42.15
CA ALA B 134 12.66 24.78 43.39
C ALA B 134 13.29 26.16 43.34
N PRO B 135 12.66 27.15 43.99
CA PRO B 135 13.19 28.52 44.01
C PRO B 135 14.67 28.53 44.42
N VAL B 136 15.45 29.41 43.79
CA VAL B 136 16.89 29.51 44.01
C VAL B 136 17.48 29.30 45.40
N CYS B 137 16.88 29.87 46.44
CA CYS B 137 17.47 29.65 47.75
C CYS B 137 16.48 29.01 48.71
N GLY B 138 15.40 28.46 48.16
CA GLY B 138 14.40 27.81 48.97
C GLY B 138 13.60 28.80 49.79
N ASP B 139 13.48 30.02 49.28
CA ASP B 139 12.72 31.05 49.98
C ASP B 139 11.29 31.01 49.50
N THR B 140 10.37 31.40 50.37
CA THR B 140 8.98 31.47 50.00
C THR B 140 8.57 32.89 50.34
N THR B 141 7.53 33.38 49.68
CA THR B 141 7.05 34.73 49.95
C THR B 141 5.55 34.63 49.88
N GLY B 142 4.89 35.00 50.98
CA GLY B 142 3.45 34.92 50.97
C GLY B 142 2.96 33.53 51.32
N SER B 143 1.66 33.35 51.19
CA SER B 143 0.95 32.12 51.53
C SER B 143 1.32 30.82 50.79
N SER B 144 1.91 30.93 49.62
CA SER B 144 2.25 29.71 48.89
C SER B 144 3.55 29.74 48.13
N VAL B 145 3.86 28.61 47.49
CA VAL B 145 5.09 28.48 46.72
C VAL B 145 4.85 27.48 45.60
N THR B 146 5.37 27.82 44.43
CA THR B 146 5.23 26.95 43.27
C THR B 146 6.51 26.14 43.11
N LEU B 147 6.36 24.81 43.08
CA LEU B 147 7.47 23.88 42.92
C LEU B 147 7.21 23.13 41.64
N GLY B 148 8.20 22.41 41.13
CA GLY B 148 7.97 21.70 39.89
C GLY B 148 8.77 20.45 39.67
N CYS B 149 8.52 19.81 38.54
CA CYS B 149 9.21 18.59 38.17
C CYS B 149 9.53 18.62 36.66
N LEU B 150 10.80 18.41 36.32
CA LEU B 150 11.24 18.41 34.93
C LEU B 150 11.62 17.01 34.49
N VAL B 151 10.89 16.46 33.53
CA VAL B 151 11.16 15.12 33.03
C VAL B 151 11.78 15.31 31.66
N LYS B 152 13.09 15.11 31.59
CA LYS B 152 13.86 15.35 30.38
C LYS B 152 14.60 14.19 29.69
N GLY B 153 14.46 14.16 28.36
CA GLY B 153 15.13 13.16 27.54
C GLY B 153 14.65 11.72 27.56
N TYR B 154 13.38 11.48 27.22
CA TYR B 154 12.88 10.12 27.21
C TYR B 154 12.22 9.73 25.88
N PHE B 155 12.15 8.43 25.64
CA PHE B 155 11.55 7.88 24.44
C PHE B 155 11.16 6.45 24.80
N PRO B 156 9.97 6.01 24.36
CA PRO B 156 9.01 6.79 23.57
C PRO B 156 7.96 7.33 24.54
N GLU B 157 6.90 7.91 24.00
CA GLU B 157 5.84 8.41 24.86
C GLU B 157 5.03 7.17 25.26
N PRO B 158 4.35 7.22 26.42
CA PRO B 158 4.35 8.38 27.31
C PRO B 158 5.03 8.08 28.63
N VAL B 159 4.76 8.95 29.59
CA VAL B 159 5.25 8.81 30.95
C VAL B 159 4.03 9.21 31.77
N THR B 160 4.05 8.90 33.06
CA THR B 160 2.95 9.27 33.92
C THR B 160 3.57 10.01 35.10
N LEU B 161 2.99 11.16 35.43
CA LEU B 161 3.50 11.97 36.53
C LEU B 161 2.37 12.28 37.49
N THR B 162 2.63 12.04 38.77
CA THR B 162 1.65 12.32 39.81
C THR B 162 2.43 12.98 40.93
N TRP B 163 1.70 13.54 41.90
CA TRP B 163 2.32 14.18 43.05
C TRP B 163 1.84 13.50 44.33
N ASN B 164 2.77 13.18 45.20
CA ASN B 164 2.45 12.51 46.46
C ASN B 164 1.61 11.26 46.21
N SER B 165 1.97 10.52 45.16
CA SER B 165 1.27 9.29 44.79
C SER B 165 -0.20 9.50 44.47
N GLY B 166 -0.54 10.66 43.91
CA GLY B 166 -1.92 10.93 43.58
C GLY B 166 -2.65 11.71 44.64
N SER B 167 -2.10 11.75 45.85
CA SER B 167 -2.71 12.47 46.96
C SER B 167 -2.83 13.95 46.68
N LEU B 168 -1.85 14.52 45.99
CA LEU B 168 -1.87 15.94 45.67
C LEU B 168 -2.23 16.09 44.20
N SER B 169 -3.43 16.61 43.95
CA SER B 169 -3.92 16.76 42.58
C SER B 169 -4.35 18.18 42.22
N SER B 170 -4.67 18.98 43.24
CA SER B 170 -5.10 20.36 43.04
C SER B 170 -3.88 21.28 42.94
N GLY B 171 -4.01 22.32 42.13
CA GLY B 171 -2.92 23.25 41.97
C GLY B 171 -1.83 22.72 41.06
N VAL B 172 -2.11 21.62 40.37
CA VAL B 172 -1.15 20.99 39.48
C VAL B 172 -1.40 21.26 37.99
N HIS B 173 -0.31 21.42 37.25
CA HIS B 173 -0.39 21.62 35.81
C HIS B 173 0.72 20.77 35.22
N THR B 174 0.35 19.77 34.44
CA THR B 174 1.33 18.93 33.78
C THR B 174 1.23 19.28 32.31
N PHE B 175 2.31 19.83 31.78
CA PHE B 175 2.37 20.26 30.41
C PHE B 175 2.60 19.16 29.39
N PRO B 176 2.13 19.39 28.15
CA PRO B 176 2.26 18.46 27.03
C PRO B 176 3.73 18.28 26.69
N ALA B 177 4.13 17.05 26.40
CA ALA B 177 5.52 16.78 26.05
C ALA B 177 5.90 17.49 24.75
N VAL B 178 7.14 17.95 24.66
CA VAL B 178 7.63 18.61 23.46
C VAL B 178 8.84 17.80 23.02
N LEU B 179 9.04 17.71 21.71
CA LEU B 179 10.17 16.94 21.21
C LEU B 179 11.45 17.76 21.28
N GLN B 180 12.39 17.30 22.11
CA GLN B 180 13.68 17.97 22.28
C GLN B 180 14.76 17.01 21.80
N SER B 181 15.41 17.38 20.69
CA SER B 181 16.47 16.56 20.12
C SER B 181 16.11 15.07 20.01
N ASP B 182 15.00 14.81 19.34
CA ASP B 182 14.52 13.44 19.13
C ASP B 182 14.15 12.65 20.37
N LEU B 183 14.12 13.33 21.51
CA LEU B 183 13.72 12.71 22.78
C LEU B 183 12.68 13.66 23.36
N TYR B 184 11.78 13.13 24.19
CA TYR B 184 10.74 13.95 24.78
C TYR B 184 11.11 14.59 26.12
N THR B 185 10.60 15.80 26.35
CA THR B 185 10.82 16.53 27.59
C THR B 185 9.47 17.05 28.05
N LEU B 186 9.22 16.97 29.36
CA LEU B 186 7.95 17.37 29.93
C LEU B 186 8.16 17.96 31.33
N SER B 187 7.22 18.78 31.78
CA SER B 187 7.31 19.37 33.12
C SER B 187 5.93 19.46 33.79
N SER B 188 5.94 19.60 35.10
CA SER B 188 4.72 19.73 35.86
C SER B 188 4.98 20.71 36.98
N SER B 189 4.07 21.66 37.16
CA SER B 189 4.18 22.65 38.22
C SER B 189 3.04 22.39 39.19
N VAL B 190 3.30 22.64 40.47
CA VAL B 190 2.30 22.45 41.51
C VAL B 190 2.50 23.50 42.58
N THR B 191 1.40 24.12 42.99
CA THR B 191 1.44 25.16 44.01
C THR B 191 0.91 24.59 45.32
N VAL B 192 1.63 24.88 46.40
CA VAL B 192 1.25 24.40 47.70
C VAL B 192 1.48 25.45 48.76
N THR B 193 1.11 25.13 50.00
CA THR B 193 1.27 26.05 51.10
C THR B 193 2.74 26.17 51.52
N SER B 194 3.19 27.40 51.65
CA SER B 194 4.57 27.70 52.05
C SER B 194 4.69 27.48 53.56
N SER B 195 3.55 27.26 54.18
CA SER B 195 3.48 27.03 55.62
C SER B 195 4.27 25.79 56.02
N THR B 196 4.43 24.84 55.10
CA THR B 196 5.14 23.61 55.40
C THR B 196 6.29 23.21 54.48
N TRP B 197 6.67 24.10 53.55
CA TRP B 197 7.77 23.83 52.63
C TRP B 197 8.82 24.91 52.85
N PRO B 198 10.12 24.57 52.77
CA PRO B 198 10.70 23.25 52.50
C PRO B 198 10.68 22.30 53.70
N SER B 199 10.07 22.76 54.78
CA SER B 199 9.97 21.97 56.00
C SER B 199 9.59 20.52 55.67
N GLN B 200 8.46 20.34 54.98
CA GLN B 200 7.99 19.02 54.56
C GLN B 200 8.03 18.98 53.04
N SER B 201 8.69 17.98 52.50
CA SER B 201 8.84 17.87 51.06
C SER B 201 7.62 17.35 50.31
N ILE B 202 7.65 17.57 49.00
CA ILE B 202 6.61 17.16 48.08
C ILE B 202 7.30 16.10 47.24
N THR B 203 6.56 15.13 46.73
CA THR B 203 7.19 14.11 45.92
C THR B 203 6.61 14.03 44.52
N CYS B 204 7.49 14.02 43.54
CA CYS B 204 7.10 13.92 42.15
C CYS B 204 7.28 12.46 41.74
N ASN B 205 6.22 11.83 41.23
CA ASN B 205 6.30 10.43 40.81
C ASN B 205 6.26 10.36 39.29
N VAL B 206 7.33 9.84 38.69
CA VAL B 206 7.42 9.70 37.25
C VAL B 206 7.59 8.25 36.88
N ALA B 207 6.81 7.77 35.91
CA ALA B 207 6.89 6.39 35.47
C ALA B 207 6.99 6.33 33.96
N HIS B 208 7.97 5.57 33.45
CA HIS B 208 8.14 5.42 32.02
C HIS B 208 8.18 3.93 31.69
N PRO B 209 7.01 3.35 31.40
CA PRO B 209 6.81 1.94 31.06
C PRO B 209 7.82 1.36 30.06
N ALA B 210 8.00 2.03 28.92
CA ALA B 210 8.91 1.57 27.89
C ALA B 210 10.30 1.22 28.41
N SER B 211 10.73 1.89 29.48
CA SER B 211 12.03 1.62 30.08
C SER B 211 11.89 1.04 31.48
N SER B 212 10.65 0.74 31.86
CA SER B 212 10.34 0.17 33.17
C SER B 212 10.79 1.03 34.32
N THR B 213 11.35 2.20 34.01
CA THR B 213 11.81 3.09 35.07
C THR B 213 10.62 3.71 35.78
N LYS B 214 10.81 3.97 37.08
CA LYS B 214 9.78 4.54 37.93
C LYS B 214 10.53 5.31 39.01
N VAL B 215 10.55 6.63 38.90
CA VAL B 215 11.27 7.46 39.86
C VAL B 215 10.39 8.35 40.74
N ASP B 216 10.85 8.60 41.96
CA ASP B 216 10.14 9.46 42.88
C ASP B 216 11.12 10.56 43.27
N LYS B 217 10.76 11.81 43.02
CA LYS B 217 11.64 12.91 43.34
C LYS B 217 11.10 13.80 44.44
N LYS B 218 11.77 13.82 45.58
CA LYS B 218 11.34 14.69 46.66
C LYS B 218 11.86 16.08 46.30
N ILE B 219 11.02 17.08 46.48
CA ILE B 219 11.41 18.45 46.21
C ILE B 219 11.44 19.16 47.55
N MET C 1 20.89 -29.88 4.89
CA MET C 1 19.97 -30.56 3.92
C MET C 1 19.48 -29.56 2.89
N GLN C 2 19.05 -30.07 1.73
CA GLN C 2 18.52 -29.17 0.71
C GLN C 2 17.09 -28.89 1.13
N ILE C 3 16.79 -27.64 1.50
CA ILE C 3 15.45 -27.28 1.90
C ILE C 3 14.59 -27.34 0.64
N VAL C 4 13.56 -28.18 0.66
CA VAL C 4 12.68 -28.30 -0.49
C VAL C 4 11.46 -27.40 -0.32
N LEU C 5 11.15 -26.62 -1.34
CA LEU C 5 10.00 -25.72 -1.31
C LEU C 5 8.84 -26.25 -2.14
N THR C 6 7.68 -26.40 -1.49
CA THR C 6 6.47 -26.88 -2.16
C THR C 6 5.39 -25.81 -2.27
N GLN C 7 5.14 -25.35 -3.48
CA GLN C 7 4.12 -24.33 -3.69
C GLN C 7 2.77 -24.89 -4.12
N SER C 8 1.71 -24.43 -3.48
CA SER C 8 0.38 -24.90 -3.83
C SER C 8 -0.63 -23.75 -3.78
N PRO C 9 -1.57 -23.73 -4.74
CA PRO C 9 -1.68 -24.72 -5.79
C PRO C 9 -0.63 -24.45 -6.86
N ALA C 10 -0.45 -25.38 -7.78
CA ALA C 10 0.53 -25.18 -8.85
C ALA C 10 -0.10 -24.27 -9.89
N LEU C 11 -1.41 -24.38 -10.02
CA LEU C 11 -2.18 -23.58 -10.97
C LEU C 11 -3.43 -23.09 -10.27
N MET C 12 -3.82 -21.86 -10.55
CA MET C 12 -5.02 -21.31 -9.95
C MET C 12 -5.52 -20.13 -10.76
N SER C 13 -6.82 -19.87 -10.65
CA SER C 13 -7.46 -18.80 -11.37
C SER C 13 -8.14 -17.86 -10.41
N ALA C 14 -8.34 -16.63 -10.86
CA ALA C 14 -8.98 -15.62 -10.04
C ALA C 14 -9.42 -14.51 -10.98
N SER C 15 -10.57 -13.91 -10.71
CA SER C 15 -11.07 -12.83 -11.55
C SER C 15 -10.78 -11.49 -10.90
N PRO C 16 -10.75 -10.41 -11.69
CA PRO C 16 -10.47 -9.07 -11.14
C PRO C 16 -11.35 -8.76 -9.94
N GLY C 17 -10.72 -8.46 -8.81
CA GLY C 17 -11.46 -8.16 -7.60
C GLY C 17 -11.43 -9.22 -6.52
N GLU C 18 -11.05 -10.46 -6.87
CA GLU C 18 -11.00 -11.53 -5.87
C GLU C 18 -9.70 -11.53 -5.06
N LYS C 19 -9.75 -12.11 -3.87
CA LYS C 19 -8.57 -12.20 -3.02
C LYS C 19 -7.80 -13.46 -3.43
N VAL C 20 -6.47 -13.36 -3.52
CA VAL C 20 -5.66 -14.50 -3.90
C VAL C 20 -4.69 -14.90 -2.79
N THR C 21 -4.64 -16.19 -2.51
CA THR C 21 -3.73 -16.68 -1.48
C THR C 21 -2.94 -17.88 -1.98
N MET C 22 -1.62 -17.77 -2.00
CA MET C 22 -0.81 -18.89 -2.44
C MET C 22 0.16 -19.30 -1.34
N THR C 23 0.50 -20.58 -1.30
CA THR C 23 1.35 -21.08 -0.25
C THR C 23 2.71 -21.65 -0.65
N CYS C 24 3.64 -21.59 0.28
CA CYS C 24 4.99 -22.13 0.11
C CYS C 24 5.38 -22.73 1.44
N SER C 25 5.62 -24.03 1.47
CA SER C 25 6.01 -24.68 2.71
C SER C 25 7.36 -25.33 2.50
N ALA C 26 8.27 -25.07 3.44
CA ALA C 26 9.62 -25.60 3.38
C ALA C 26 9.71 -26.93 4.12
N SER C 27 10.38 -27.88 3.49
CA SER C 27 10.58 -29.21 4.08
C SER C 27 11.26 -29.06 5.43
N SER C 28 11.93 -27.93 5.62
CA SER C 28 12.62 -27.66 6.87
C SER C 28 12.62 -26.17 7.17
N SER C 29 12.72 -25.83 8.45
CA SER C 29 12.69 -24.44 8.90
C SER C 29 13.64 -23.50 8.16
N VAL C 30 13.15 -22.31 7.79
CA VAL C 30 13.97 -21.30 7.11
C VAL C 30 13.81 -19.92 7.75
N SER C 31 14.87 -19.12 7.69
CA SER C 31 14.88 -17.78 8.26
C SER C 31 13.88 -16.84 7.59
N TYR C 32 14.10 -16.61 6.31
CA TYR C 32 13.28 -15.72 5.51
C TYR C 32 12.93 -16.37 4.20
N MET C 33 11.82 -15.93 3.63
CA MET C 33 11.37 -16.42 2.35
C MET C 33 11.34 -15.22 1.41
N TYR C 34 11.70 -15.45 0.16
CA TYR C 34 11.72 -14.40 -0.84
C TYR C 34 10.78 -14.82 -1.97
N TRP C 35 10.20 -13.85 -2.68
CA TRP C 35 9.28 -14.16 -3.78
C TRP C 35 9.63 -13.38 -5.04
N TYR C 36 9.32 -13.98 -6.19
CA TYR C 36 9.57 -13.35 -7.49
C TYR C 36 8.36 -13.55 -8.38
N GLN C 37 8.14 -12.62 -9.30
CA GLN C 37 7.02 -12.73 -10.22
C GLN C 37 7.60 -12.87 -11.60
N GLN C 38 7.06 -13.80 -12.39
CA GLN C 38 7.55 -13.96 -13.74
C GLN C 38 6.44 -14.13 -14.76
N LYS C 39 6.54 -13.35 -15.84
CA LYS C 39 5.57 -13.42 -16.92
C LYS C 39 6.26 -14.00 -18.14
N PRO C 40 5.49 -14.55 -19.09
CA PRO C 40 6.09 -15.14 -20.29
C PRO C 40 7.15 -14.25 -20.94
N ARG C 41 8.23 -14.90 -21.35
CA ARG C 41 9.34 -14.23 -22.02
C ARG C 41 9.89 -13.02 -21.29
N SER C 42 10.09 -13.16 -19.98
CA SER C 42 10.62 -12.07 -19.16
C SER C 42 11.41 -12.68 -18.02
N SER C 43 12.33 -11.88 -17.48
CA SER C 43 13.15 -12.31 -16.37
C SER C 43 12.30 -12.26 -15.12
N PRO C 44 12.62 -13.09 -14.12
CA PRO C 44 11.83 -13.05 -12.89
C PRO C 44 12.10 -11.67 -12.26
N LYS C 45 11.15 -11.15 -11.49
CA LYS C 45 11.31 -9.86 -10.83
C LYS C 45 11.16 -9.99 -9.32
N PRO C 46 12.09 -9.42 -8.55
CA PRO C 46 11.96 -9.54 -7.09
C PRO C 46 10.61 -8.95 -6.69
N TRP C 47 9.84 -9.69 -5.89
CA TRP C 47 8.53 -9.25 -5.48
C TRP C 47 8.42 -9.01 -3.99
N ILE C 48 8.95 -9.96 -3.23
CA ILE C 48 8.94 -9.90 -1.77
C ILE C 48 10.29 -10.34 -1.22
N TYR C 49 10.76 -9.66 -0.17
CA TYR C 49 12.01 -10.07 0.45
C TYR C 49 11.83 -10.03 1.95
N LEU C 50 12.66 -10.80 2.65
CA LEU C 50 12.59 -10.88 4.10
C LEU C 50 11.17 -11.26 4.55
N THR C 51 10.55 -12.16 3.79
CA THR C 51 9.23 -12.68 4.09
C THR C 51 8.04 -11.75 3.88
N SER C 52 8.16 -10.52 4.35
CA SER C 52 7.04 -9.59 4.24
C SER C 52 7.29 -8.22 3.60
N ASN C 53 8.54 -7.92 3.23
CA ASN C 53 8.80 -6.62 2.62
C ASN C 53 8.59 -6.64 1.11
N LEU C 54 7.86 -5.63 0.64
CA LEU C 54 7.58 -5.51 -0.77
C LEU C 54 8.72 -4.81 -1.47
N ALA C 55 9.13 -5.34 -2.61
CA ALA C 55 10.21 -4.75 -3.38
C ALA C 55 9.61 -3.48 -3.94
N SER C 56 10.46 -2.47 -4.10
CA SER C 56 10.03 -1.17 -4.62
C SER C 56 9.19 -1.32 -5.88
N GLY C 57 8.05 -0.64 -5.91
CA GLY C 57 7.20 -0.67 -7.07
C GLY C 57 6.11 -1.72 -7.02
N VAL C 58 6.19 -2.65 -6.09
CA VAL C 58 5.17 -3.67 -6.01
C VAL C 58 3.91 -3.06 -5.40
N PRO C 59 2.75 -3.28 -6.04
CA PRO C 59 1.51 -2.72 -5.52
C PRO C 59 1.23 -3.15 -4.09
N ALA C 60 0.73 -2.20 -3.29
CA ALA C 60 0.42 -2.46 -1.89
C ALA C 60 -0.62 -3.56 -1.68
N ARG C 61 -1.26 -4.00 -2.76
CA ARG C 61 -2.26 -5.06 -2.63
C ARG C 61 -1.63 -6.41 -2.35
N PHE C 62 -0.31 -6.47 -2.51
CA PHE C 62 0.44 -7.69 -2.25
C PHE C 62 0.87 -7.68 -0.80
N CYS C 63 0.96 -8.87 -0.22
CA CYS C 63 1.36 -9.04 1.17
C CYS C 63 2.02 -10.41 1.27
N GLY C 64 3.16 -10.45 1.96
CA GLY C 64 3.86 -11.71 2.15
C GLY C 64 3.97 -11.96 3.64
N SER C 65 3.87 -13.22 4.05
CA SER C 65 3.96 -13.52 5.47
C SER C 65 4.35 -14.96 5.74
N GLY C 66 4.52 -15.28 7.02
CA GLY C 66 4.88 -16.63 7.41
C GLY C 66 6.05 -16.71 8.36
N SER C 67 6.37 -17.94 8.76
CA SER C 67 7.49 -18.17 9.66
C SER C 67 7.70 -19.66 9.72
N GLY C 68 8.89 -20.07 10.15
CA GLY C 68 9.19 -21.49 10.25
C GLY C 68 9.21 -22.20 8.92
N THR C 69 8.14 -22.93 8.61
CA THR C 69 8.09 -23.67 7.35
C THR C 69 6.94 -23.30 6.43
N SER C 70 5.98 -22.51 6.92
CA SER C 70 4.88 -22.16 6.04
C SER C 70 4.81 -20.67 5.77
N TYR C 71 4.73 -20.32 4.49
CA TYR C 71 4.68 -18.92 4.07
C TYR C 71 3.59 -18.71 3.02
N SER C 72 3.25 -17.46 2.78
CA SER C 72 2.22 -17.18 1.80
C SER C 72 2.38 -15.81 1.16
N LEU C 73 1.77 -15.68 0.00
CA LEU C 73 1.76 -14.44 -0.76
C LEU C 73 0.27 -14.21 -1.03
N THR C 74 -0.23 -13.06 -0.60
CA THR C 74 -1.65 -12.73 -0.78
C THR C 74 -1.86 -11.49 -1.63
N ILE C 75 -2.94 -11.47 -2.39
CA ILE C 75 -3.30 -10.32 -3.19
C ILE C 75 -4.70 -9.93 -2.70
N SER C 76 -4.82 -8.78 -2.05
CA SER C 76 -6.10 -8.33 -1.51
C SER C 76 -7.20 -8.36 -2.57
N SER C 77 -6.90 -7.79 -3.72
CA SER C 77 -7.86 -7.74 -4.82
C SER C 77 -7.12 -7.90 -6.15
N MET C 78 -7.36 -9.03 -6.80
CA MET C 78 -6.76 -9.39 -8.07
C MET C 78 -6.94 -8.36 -9.18
N GLU C 79 -5.97 -8.31 -10.07
CA GLU C 79 -6.04 -7.41 -11.22
C GLU C 79 -5.49 -8.20 -12.39
N ALA C 80 -5.87 -7.78 -13.60
CA ALA C 80 -5.42 -8.47 -14.81
C ALA C 80 -3.90 -8.56 -14.87
N GLU C 81 -3.23 -7.46 -14.58
CA GLU C 81 -1.77 -7.42 -14.59
C GLU C 81 -1.08 -8.36 -13.60
N ASP C 82 -1.85 -8.96 -12.69
CA ASP C 82 -1.27 -9.87 -11.71
C ASP C 82 -1.16 -11.30 -12.21
N ALA C 83 -1.76 -11.59 -13.36
CA ALA C 83 -1.68 -12.93 -13.92
C ALA C 83 -0.24 -13.21 -14.32
N ALA C 84 0.39 -14.15 -13.62
CA ALA C 84 1.79 -14.50 -13.88
C ALA C 84 2.14 -15.72 -13.04
N THR C 85 3.42 -16.07 -13.00
CA THR C 85 3.86 -17.19 -12.19
C THR C 85 4.66 -16.65 -11.00
N TYR C 86 4.39 -17.18 -9.81
CA TYR C 86 5.08 -16.72 -8.61
C TYR C 86 5.91 -17.81 -7.95
N TYR C 87 7.19 -17.53 -7.77
CA TYR C 87 8.11 -18.48 -7.15
C TYR C 87 8.61 -18.04 -5.78
N CYS C 88 8.64 -18.95 -4.81
CA CYS C 88 9.21 -18.60 -3.52
C CYS C 88 10.67 -19.05 -3.63
N GLN C 89 11.53 -18.52 -2.79
CA GLN C 89 12.94 -18.87 -2.85
C GLN C 89 13.59 -18.72 -1.48
N GLN C 90 14.34 -19.74 -1.11
CA GLN C 90 14.99 -19.82 0.17
C GLN C 90 16.51 -19.98 0.04
N TRP C 91 17.24 -19.55 1.07
CA TRP C 91 18.68 -19.72 1.08
C TRP C 91 19.22 -19.55 2.49
N SER C 92 18.65 -20.32 3.40
CA SER C 92 19.09 -20.34 4.79
C SER C 92 20.22 -21.36 4.90
N SER C 93 20.21 -22.34 3.99
CA SER C 93 21.23 -23.39 3.94
C SER C 93 21.44 -23.77 2.47
N ASN C 94 22.67 -24.14 2.10
CA ASN C 94 22.95 -24.50 0.71
C ASN C 94 22.31 -25.83 0.34
N PRO C 95 21.84 -25.95 -0.91
CA PRO C 95 21.89 -24.92 -1.95
C PRO C 95 20.70 -23.96 -1.89
N LEU C 96 20.75 -22.93 -2.72
CA LEU C 96 19.67 -21.97 -2.82
C LEU C 96 18.59 -22.75 -3.58
N THR C 97 17.32 -22.60 -3.17
CA THR C 97 16.25 -23.32 -3.86
C THR C 97 15.00 -22.49 -4.07
N PHE C 98 14.27 -22.81 -5.14
CA PHE C 98 13.03 -22.14 -5.48
C PHE C 98 11.91 -23.18 -5.37
N GLY C 99 10.67 -22.72 -5.43
CA GLY C 99 9.53 -23.64 -5.41
C GLY C 99 9.20 -23.87 -6.88
N ALA C 100 8.32 -24.83 -7.19
CA ALA C 100 7.98 -25.09 -8.59
C ALA C 100 7.13 -23.97 -9.20
N GLY C 101 6.72 -23.02 -8.36
CA GLY C 101 5.93 -21.89 -8.82
C GLY C 101 4.42 -22.07 -8.78
N THR C 102 3.71 -20.95 -8.71
CA THR C 102 2.26 -20.95 -8.72
C THR C 102 1.87 -20.09 -9.91
N LYS C 103 1.17 -20.67 -10.87
CA LYS C 103 0.78 -19.90 -12.03
C LYS C 103 -0.62 -19.38 -11.79
N LEU C 104 -0.71 -18.06 -11.63
CA LEU C 104 -1.98 -17.40 -11.42
C LEU C 104 -2.53 -16.98 -12.77
N GLU C 105 -3.68 -17.55 -13.12
CA GLU C 105 -4.30 -17.28 -14.40
C GLU C 105 -5.57 -16.46 -14.19
N LEU C 106 -5.91 -15.64 -15.18
CA LEU C 106 -7.12 -14.83 -15.12
C LEU C 106 -8.35 -15.73 -15.27
N LYS C 107 -9.41 -15.41 -14.53
CA LYS C 107 -10.62 -16.22 -14.60
C LYS C 107 -11.68 -15.53 -15.44
N ARG C 108 -12.51 -16.36 -16.08
CA ARG C 108 -13.60 -15.89 -16.94
C ARG C 108 -14.63 -17.00 -17.03
N ALA C 109 -15.75 -16.73 -17.68
CA ALA C 109 -16.81 -17.72 -17.84
C ALA C 109 -16.35 -18.85 -18.73
N ASP C 110 -16.77 -20.08 -18.41
CA ASP C 110 -16.40 -21.23 -19.22
C ASP C 110 -16.79 -21.03 -20.68
N ALA C 111 -16.02 -21.61 -21.60
CA ALA C 111 -16.30 -21.49 -23.02
C ALA C 111 -15.91 -22.77 -23.74
N ALA C 112 -16.80 -23.24 -24.59
CA ALA C 112 -16.55 -24.44 -25.35
C ALA C 112 -15.68 -24.05 -26.54
N PRO C 113 -14.77 -24.93 -26.95
CA PRO C 113 -13.91 -24.58 -28.08
C PRO C 113 -14.62 -24.75 -29.42
N THR C 114 -14.19 -23.96 -30.41
CA THR C 114 -14.72 -24.07 -31.77
C THR C 114 -13.69 -25.00 -32.39
N VAL C 115 -14.12 -26.13 -32.95
CA VAL C 115 -13.18 -27.09 -33.51
C VAL C 115 -13.21 -27.23 -35.03
N SER C 116 -12.03 -27.34 -35.63
CA SER C 116 -11.92 -27.50 -37.08
C SER C 116 -10.93 -28.61 -37.41
N ILE C 117 -11.21 -29.36 -38.47
CA ILE C 117 -10.33 -30.45 -38.89
C ILE C 117 -9.90 -30.19 -40.32
N PHE C 118 -8.62 -30.39 -40.61
CA PHE C 118 -8.11 -30.15 -41.96
C PHE C 118 -7.34 -31.36 -42.47
N PRO C 119 -7.52 -31.69 -43.74
CA PRO C 119 -6.82 -32.83 -44.34
C PRO C 119 -5.44 -32.41 -44.82
N PRO C 120 -4.62 -33.37 -45.25
CA PRO C 120 -3.29 -33.03 -45.76
C PRO C 120 -3.46 -32.30 -47.09
N SER C 121 -2.50 -31.42 -47.40
CA SER C 121 -2.56 -30.70 -48.67
C SER C 121 -2.03 -31.63 -49.75
N SER C 122 -2.31 -31.33 -51.01
CA SER C 122 -1.80 -32.18 -52.06
C SER C 122 -0.29 -32.08 -52.09
N GLU C 123 0.21 -30.88 -51.80
CA GLU C 123 1.65 -30.63 -51.78
C GLU C 123 2.39 -31.53 -50.78
N GLN C 124 1.88 -31.64 -49.57
CA GLN C 124 2.56 -32.48 -48.60
C GLN C 124 2.47 -33.94 -49.04
N LEU C 125 1.28 -34.35 -49.48
CA LEU C 125 1.09 -35.72 -49.91
C LEU C 125 2.08 -36.11 -51.01
N THR C 126 2.42 -35.15 -51.86
CA THR C 126 3.36 -35.40 -52.94
C THR C 126 4.76 -35.77 -52.45
N SER C 127 5.08 -35.35 -51.22
CA SER C 127 6.38 -35.63 -50.65
C SER C 127 6.35 -36.92 -49.84
N GLY C 128 5.21 -37.60 -49.84
CA GLY C 128 5.08 -38.83 -49.11
C GLY C 128 4.64 -38.65 -47.67
N GLY C 129 4.40 -37.40 -47.29
CA GLY C 129 3.95 -37.14 -45.92
C GLY C 129 2.48 -36.80 -45.85
N ALA C 130 1.90 -36.91 -44.66
CA ALA C 130 0.49 -36.58 -44.47
C ALA C 130 0.18 -36.11 -43.05
N SER C 131 -0.08 -34.83 -42.90
CA SER C 131 -0.44 -34.29 -41.61
C SER C 131 -1.92 -33.89 -41.59
N VAL C 132 -2.62 -34.28 -40.53
CA VAL C 132 -4.02 -33.91 -40.36
C VAL C 132 -3.98 -32.92 -39.20
N VAL C 133 -4.58 -31.75 -39.37
CA VAL C 133 -4.55 -30.72 -38.36
C VAL C 133 -5.90 -30.38 -37.79
N CYS C 134 -5.91 -30.26 -36.46
CA CYS C 134 -7.13 -29.93 -35.76
C CYS C 134 -6.90 -28.70 -34.89
N PHE C 135 -7.77 -27.70 -35.04
CA PHE C 135 -7.68 -26.49 -34.23
C PHE C 135 -8.81 -26.47 -33.22
N LEU C 136 -8.53 -26.01 -32.01
CA LEU C 136 -9.54 -25.90 -30.99
C LEU C 136 -9.36 -24.50 -30.45
N ASN C 137 -10.21 -23.59 -30.92
CA ASN C 137 -10.11 -22.19 -30.54
C ASN C 137 -11.03 -21.59 -29.49
N ASN C 138 -10.45 -20.65 -28.75
CA ASN C 138 -11.09 -19.88 -27.70
C ASN C 138 -11.92 -20.65 -26.68
N PHE C 139 -11.26 -21.51 -25.92
CA PHE C 139 -11.97 -22.26 -24.89
C PHE C 139 -11.41 -21.89 -23.53
N TYR C 140 -12.20 -22.16 -22.50
CA TYR C 140 -11.81 -21.89 -21.11
C TYR C 140 -12.66 -22.76 -20.20
N PRO C 141 -12.06 -23.35 -19.16
CA PRO C 141 -10.65 -23.27 -18.78
C PRO C 141 -9.69 -23.97 -19.76
N LYS C 142 -8.39 -23.85 -19.49
CA LYS C 142 -7.36 -24.43 -20.36
C LYS C 142 -7.36 -25.96 -20.41
N ASP C 143 -7.78 -26.61 -19.33
CA ASP C 143 -7.78 -28.06 -19.31
C ASP C 143 -8.70 -28.64 -20.38
N ILE C 144 -8.10 -29.37 -21.33
CA ILE C 144 -8.86 -29.96 -22.43
C ILE C 144 -8.25 -31.31 -22.86
N ASN C 145 -9.07 -32.23 -23.35
CA ASN C 145 -8.56 -33.53 -23.75
C ASN C 145 -8.85 -33.82 -25.23
N VAL C 146 -7.80 -33.95 -26.02
CA VAL C 146 -7.97 -34.24 -27.45
C VAL C 146 -7.59 -35.68 -27.76
N LYS C 147 -8.41 -36.33 -28.58
CA LYS C 147 -8.20 -37.73 -28.93
C LYS C 147 -8.43 -37.95 -30.43
N TRP C 148 -7.44 -38.54 -31.11
CA TRP C 148 -7.56 -38.80 -32.54
C TRP C 148 -8.06 -40.21 -32.80
N LYS C 149 -8.85 -40.38 -33.85
CA LYS C 149 -9.35 -41.69 -34.20
C LYS C 149 -9.31 -41.88 -35.71
N ILE C 150 -8.68 -42.98 -36.15
CA ILE C 150 -8.63 -43.31 -37.56
C ILE C 150 -9.60 -44.48 -37.71
N ASP C 151 -10.53 -44.37 -38.66
CA ASP C 151 -11.54 -45.40 -38.89
C ASP C 151 -12.17 -45.89 -37.58
N GLY C 152 -12.37 -44.97 -36.65
CA GLY C 152 -12.98 -45.34 -35.38
C GLY C 152 -12.05 -45.81 -34.27
N SER C 153 -10.82 -46.16 -34.62
CA SER C 153 -9.85 -46.62 -33.63
C SER C 153 -9.02 -45.46 -33.10
N GLU C 154 -8.67 -45.52 -31.82
CA GLU C 154 -7.88 -44.45 -31.20
C GLU C 154 -6.40 -44.53 -31.57
N ARG C 155 -5.85 -43.38 -31.95
CA ARG C 155 -4.45 -43.26 -32.33
C ARG C 155 -3.70 -42.46 -31.26
N GLN C 156 -2.40 -42.72 -31.11
CA GLN C 156 -1.61 -42.02 -30.11
C GLN C 156 -0.22 -41.59 -30.56
N ASN C 157 0.32 -42.28 -31.57
CA ASN C 157 1.65 -41.98 -32.10
C ASN C 157 1.57 -41.01 -33.28
N GLY C 158 2.51 -40.08 -33.34
CA GLY C 158 2.53 -39.11 -34.43
C GLY C 158 1.69 -37.88 -34.16
N VAL C 159 1.31 -37.68 -32.90
CA VAL C 159 0.50 -36.54 -32.50
C VAL C 159 1.33 -35.46 -31.84
N LEU C 160 1.11 -34.21 -32.21
CA LEU C 160 1.84 -33.10 -31.62
C LEU C 160 0.87 -31.99 -31.30
N ASN C 161 0.92 -31.51 -30.06
CA ASN C 161 0.05 -30.44 -29.62
C ASN C 161 0.78 -29.17 -29.24
N SER C 162 0.06 -28.05 -29.28
CA SER C 162 0.63 -26.77 -28.93
C SER C 162 -0.49 -25.85 -28.48
N TRP C 163 -0.28 -25.12 -27.38
CA TRP C 163 -1.29 -24.20 -26.88
C TRP C 163 -0.77 -22.78 -26.94
N THR C 164 -1.70 -21.83 -26.92
CA THR C 164 -1.31 -20.43 -26.90
C THR C 164 -1.43 -20.03 -25.44
N ASP C 165 -0.99 -18.81 -25.13
CA ASP C 165 -1.11 -18.31 -23.76
C ASP C 165 -2.51 -17.69 -23.66
N GLN C 166 -3.05 -17.65 -22.46
CA GLN C 166 -4.36 -17.06 -22.24
C GLN C 166 -4.44 -15.76 -23.06
N ASP C 167 -5.47 -15.63 -23.89
CA ASP C 167 -5.61 -14.46 -24.73
C ASP C 167 -5.65 -13.15 -23.99
N SER C 168 -4.95 -12.18 -24.55
CA SER C 168 -4.86 -10.84 -23.97
C SER C 168 -6.20 -10.13 -23.93
N LYS C 169 -7.00 -10.28 -24.97
CA LYS C 169 -8.31 -9.63 -25.02
C LYS C 169 -9.44 -10.38 -24.31
N ASP C 170 -9.66 -11.65 -24.66
CA ASP C 170 -10.75 -12.39 -24.04
C ASP C 170 -10.40 -13.47 -23.00
N SER C 171 -9.12 -13.60 -22.66
CA SER C 171 -8.68 -14.57 -21.67
C SER C 171 -8.98 -16.04 -21.98
N THR C 172 -9.04 -16.39 -23.26
CA THR C 172 -9.30 -17.77 -23.62
C THR C 172 -8.01 -18.43 -24.08
N TYR C 173 -8.08 -19.73 -24.33
CA TYR C 173 -6.95 -20.50 -24.79
C TYR C 173 -7.30 -21.11 -26.14
N SER C 174 -6.28 -21.49 -26.90
CA SER C 174 -6.47 -22.12 -28.19
C SER C 174 -5.44 -23.24 -28.29
N MET C 175 -5.80 -24.31 -28.98
CA MET C 175 -4.90 -25.43 -29.13
C MET C 175 -4.84 -25.92 -30.57
N SER C 176 -3.72 -26.52 -30.92
CA SER C 176 -3.49 -27.06 -32.25
C SER C 176 -2.96 -28.47 -32.09
N SER C 177 -3.70 -29.43 -32.63
CA SER C 177 -3.30 -30.83 -32.56
C SER C 177 -3.06 -31.37 -33.99
N THR C 178 -1.85 -31.87 -34.24
CA THR C 178 -1.49 -32.39 -35.57
C THR C 178 -1.12 -33.87 -35.57
N LEU C 179 -1.85 -34.66 -36.35
CA LEU C 179 -1.58 -36.08 -36.49
C LEU C 179 -0.79 -36.27 -37.79
N THR C 180 0.44 -36.77 -37.68
CA THR C 180 1.26 -36.97 -38.87
C THR C 180 1.50 -38.45 -39.18
N LEU C 181 1.23 -38.84 -40.42
CA LEU C 181 1.42 -40.21 -40.87
C LEU C 181 2.17 -40.14 -42.19
N THR C 182 2.36 -41.29 -42.83
CA THR C 182 3.00 -41.33 -44.14
C THR C 182 1.85 -41.29 -45.12
N LYS C 183 2.11 -40.91 -46.37
CA LYS C 183 1.03 -40.87 -47.35
C LYS C 183 0.40 -42.25 -47.48
N ASP C 184 1.25 -43.27 -47.54
CA ASP C 184 0.76 -44.64 -47.67
C ASP C 184 -0.10 -45.07 -46.49
N GLU C 185 0.36 -44.80 -45.27
CA GLU C 185 -0.44 -45.17 -44.11
C GLU C 185 -1.76 -44.39 -44.09
N TYR C 186 -1.67 -43.11 -44.47
CA TYR C 186 -2.83 -42.24 -44.51
C TYR C 186 -3.91 -42.80 -45.44
N GLU C 187 -3.50 -43.25 -46.62
CA GLU C 187 -4.44 -43.78 -47.60
C GLU C 187 -4.98 -45.17 -47.26
N ARG C 188 -4.40 -45.83 -46.27
CA ARG C 188 -4.88 -47.14 -45.88
C ARG C 188 -6.14 -47.05 -45.02
N HIS C 189 -6.67 -45.84 -44.84
CA HIS C 189 -7.84 -45.65 -44.01
C HIS C 189 -8.84 -44.66 -44.59
N ASN C 190 -10.03 -44.59 -44.02
CA ASN C 190 -11.07 -43.70 -44.54
C ASN C 190 -11.45 -42.45 -43.73
N SER C 191 -11.79 -42.63 -42.46
CA SER C 191 -12.20 -41.49 -41.67
C SER C 191 -11.19 -41.04 -40.62
N TYR C 192 -10.94 -39.74 -40.62
CA TYR C 192 -10.03 -39.12 -39.68
C TYR C 192 -10.86 -38.22 -38.77
N THR C 193 -10.80 -38.52 -37.48
CA THR C 193 -11.59 -37.77 -36.52
C THR C 193 -10.79 -37.13 -35.39
N CYS C 194 -11.22 -35.94 -35.02
CA CYS C 194 -10.60 -35.17 -33.95
C CYS C 194 -11.66 -35.06 -32.85
N GLU C 195 -11.40 -35.70 -31.71
CA GLU C 195 -12.35 -35.68 -30.61
C GLU C 195 -11.89 -34.85 -29.42
N ALA C 196 -12.66 -33.82 -29.09
CA ALA C 196 -12.31 -32.95 -27.98
C ALA C 196 -13.30 -33.03 -26.83
N THR C 197 -12.78 -33.29 -25.63
CA THR C 197 -13.57 -33.38 -24.41
C THR C 197 -13.19 -32.21 -23.50
N HIS C 198 -14.18 -31.41 -23.14
CA HIS C 198 -13.97 -30.24 -22.29
C HIS C 198 -15.07 -30.18 -21.23
N LYS C 199 -14.77 -29.58 -20.09
CA LYS C 199 -15.77 -29.53 -19.01
C LYS C 199 -17.07 -28.82 -19.38
N THR C 200 -17.09 -28.16 -20.52
CA THR C 200 -18.31 -27.46 -20.91
C THR C 200 -19.42 -28.41 -21.34
N SER C 201 -19.05 -29.66 -21.59
CA SER C 201 -20.05 -30.65 -21.99
C SER C 201 -19.64 -32.07 -21.65
N THR C 202 -20.63 -32.90 -21.35
CA THR C 202 -20.38 -34.30 -20.99
C THR C 202 -20.01 -35.09 -22.23
N SER C 203 -20.45 -34.64 -23.40
CA SER C 203 -20.13 -35.33 -24.63
C SER C 203 -19.14 -34.51 -25.45
N PRO C 204 -18.09 -35.17 -25.97
CA PRO C 204 -17.04 -34.54 -26.76
C PRO C 204 -17.49 -33.90 -28.06
N ILE C 205 -16.75 -32.88 -28.48
CA ILE C 205 -17.03 -32.19 -29.72
C ILE C 205 -16.32 -33.10 -30.73
N VAL C 206 -17.07 -33.62 -31.71
CA VAL C 206 -16.48 -34.52 -32.69
C VAL C 206 -16.45 -33.93 -34.08
N LYS C 207 -15.26 -33.81 -34.65
CA LYS C 207 -15.11 -33.27 -35.98
C LYS C 207 -14.29 -34.26 -36.79
N SER C 208 -14.67 -34.45 -38.05
CA SER C 208 -13.94 -35.40 -38.90
C SER C 208 -14.29 -35.33 -40.37
N PHE C 209 -13.60 -36.14 -41.16
CA PHE C 209 -13.83 -36.21 -42.59
C PHE C 209 -13.43 -37.57 -43.14
N ASN C 210 -13.86 -37.86 -44.36
CA ASN C 210 -13.54 -39.12 -45.03
C ASN C 210 -12.64 -38.80 -46.22
N ARG C 211 -11.57 -39.59 -46.37
CA ARG C 211 -10.65 -39.40 -47.49
C ARG C 211 -11.36 -39.53 -48.84
N ASN C 212 -10.75 -38.93 -49.86
CA ASN C 212 -11.28 -38.95 -51.22
C ASN C 212 -12.79 -38.84 -51.33
N GLU C 213 -13.30 -37.63 -51.15
CA GLU C 213 -14.73 -37.36 -51.26
C GLU C 213 -14.85 -36.29 -52.33
N CYS C 214 -13.81 -35.47 -52.42
CA CYS C 214 -13.72 -34.37 -53.38
C CYS C 214 -12.25 -34.16 -53.78
N MET D 1 17.08 0.27 -13.47
CA MET D 1 17.79 1.52 -13.05
C MET D 1 19.07 1.72 -13.82
N GLN D 2 20.18 1.94 -13.10
CA GLN D 2 21.46 2.12 -13.78
C GLN D 2 22.18 0.78 -13.75
N VAL D 3 21.79 -0.06 -12.80
CA VAL D 3 22.36 -1.39 -12.70
C VAL D 3 21.80 -2.22 -13.85
N GLN D 4 22.68 -2.78 -14.66
CA GLN D 4 22.27 -3.62 -15.78
C GLN D 4 23.13 -4.87 -15.91
N LEU D 5 22.52 -5.93 -16.43
CA LEU D 5 23.20 -7.20 -16.65
C LEU D 5 22.88 -7.58 -18.10
N GLN D 6 23.89 -7.54 -18.95
CA GLN D 6 23.72 -7.86 -20.36
C GLN D 6 24.13 -9.27 -20.76
N GLN D 7 23.16 -10.01 -21.27
CA GLN D 7 23.37 -11.38 -21.71
C GLN D 7 23.01 -11.52 -23.18
N PRO D 8 23.79 -12.30 -23.93
CA PRO D 8 23.49 -12.47 -25.35
C PRO D 8 22.14 -13.19 -25.50
N GLY D 9 21.38 -12.80 -26.51
CA GLY D 9 20.07 -13.40 -26.74
C GLY D 9 19.97 -14.92 -26.75
N ALA D 10 20.74 -15.56 -27.63
CA ALA D 10 20.70 -17.02 -27.73
C ALA D 10 22.00 -17.62 -28.25
N GLU D 11 22.18 -18.89 -27.98
CA GLU D 11 23.37 -19.62 -28.40
C GLU D 11 22.95 -20.99 -28.92
N LEU D 12 23.38 -21.34 -30.13
CA LEU D 12 23.09 -22.66 -30.70
C LEU D 12 24.34 -23.49 -30.46
N VAL D 13 24.18 -24.69 -29.90
CA VAL D 13 25.33 -25.50 -29.58
C VAL D 13 25.19 -26.96 -30.03
N LYS D 14 26.30 -27.54 -30.50
CA LYS D 14 26.31 -28.92 -30.97
C LYS D 14 26.46 -29.89 -29.78
N PRO D 15 25.67 -30.98 -29.77
CA PRO D 15 25.77 -31.94 -28.67
C PRO D 15 27.22 -32.35 -28.50
N GLY D 16 27.68 -32.38 -27.25
CA GLY D 16 29.06 -32.78 -27.00
C GLY D 16 29.99 -31.59 -26.86
N ALA D 17 29.65 -30.49 -27.50
CA ALA D 17 30.47 -29.29 -27.43
C ALA D 17 30.29 -28.55 -26.11
N SER D 18 31.05 -27.48 -25.94
CA SER D 18 30.98 -26.65 -24.74
C SER D 18 30.49 -25.26 -25.13
N VAL D 19 30.15 -24.45 -24.13
CA VAL D 19 29.69 -23.10 -24.40
C VAL D 19 29.99 -22.18 -23.22
N LYS D 20 30.30 -20.93 -23.53
CA LYS D 20 30.58 -19.94 -22.50
C LYS D 20 29.66 -18.76 -22.71
N MET D 21 28.85 -18.50 -21.69
CA MET D 21 27.89 -17.40 -21.73
C MET D 21 28.41 -16.25 -20.90
N SER D 22 28.18 -15.04 -21.40
CA SER D 22 28.64 -13.84 -20.73
C SER D 22 27.49 -13.06 -20.11
N CYS D 23 27.84 -12.26 -19.11
CA CYS D 23 26.91 -11.39 -18.40
C CYS D 23 27.72 -10.13 -18.14
N LYS D 24 27.55 -9.12 -19.01
CA LYS D 24 28.27 -7.86 -18.85
C LYS D 24 27.54 -6.96 -17.87
N ALA D 25 28.15 -6.74 -16.70
CA ALA D 25 27.58 -5.92 -15.65
C ALA D 25 28.05 -4.48 -15.65
N SER D 26 27.13 -3.57 -15.41
CA SER D 26 27.45 -2.15 -15.37
C SER D 26 26.55 -1.47 -14.33
N GLY D 27 26.89 -0.23 -13.98
CA GLY D 27 26.07 0.51 -13.03
C GLY D 27 26.38 0.34 -11.55
N TYR D 28 27.35 -0.50 -11.21
CA TYR D 28 27.71 -0.71 -9.81
C TYR D 28 29.11 -1.29 -9.68
N THR D 29 29.59 -1.39 -8.45
CA THR D 29 30.91 -1.93 -8.16
C THR D 29 30.88 -3.45 -8.38
N PHE D 30 31.23 -3.86 -9.58
CA PHE D 30 31.23 -5.27 -9.95
C PHE D 30 31.79 -6.25 -8.93
N THR D 31 32.85 -5.87 -8.24
CA THR D 31 33.48 -6.76 -7.26
C THR D 31 32.86 -6.85 -5.87
N SER D 32 31.79 -6.12 -5.61
CA SER D 32 31.17 -6.18 -4.29
C SER D 32 29.91 -7.03 -4.16
N TYR D 33 29.42 -7.60 -5.26
CA TYR D 33 28.21 -8.40 -5.19
C TYR D 33 28.34 -9.76 -5.85
N ASN D 34 27.71 -10.77 -5.26
CA ASN D 34 27.72 -12.09 -5.84
C ASN D 34 26.91 -12.04 -7.14
N MET D 35 27.33 -12.83 -8.12
CA MET D 35 26.62 -12.92 -9.39
C MET D 35 26.14 -14.36 -9.45
N HIS D 36 24.84 -14.55 -9.65
CA HIS D 36 24.30 -15.90 -9.73
C HIS D 36 23.86 -16.25 -11.12
N TRP D 37 23.76 -17.56 -11.36
CA TRP D 37 23.29 -18.09 -12.62
C TRP D 37 22.15 -19.04 -12.29
N VAL D 38 21.08 -18.93 -13.05
CA VAL D 38 19.91 -19.75 -12.82
C VAL D 38 19.45 -20.37 -14.12
N LYS D 39 19.10 -21.65 -14.06
CA LYS D 39 18.62 -22.38 -15.23
C LYS D 39 17.10 -22.47 -15.25
N GLN D 40 16.50 -22.26 -16.41
CA GLN D 40 15.06 -22.37 -16.54
C GLN D 40 14.67 -23.07 -17.83
N THR D 41 14.14 -24.28 -17.71
CA THR D 41 13.73 -25.04 -18.88
C THR D 41 12.32 -24.66 -19.29
N PRO D 42 12.07 -24.46 -20.60
CA PRO D 42 10.75 -24.09 -21.13
C PRO D 42 9.59 -24.60 -20.30
N GLY D 43 8.86 -23.65 -19.70
CA GLY D 43 7.72 -23.98 -18.85
C GLY D 43 8.12 -25.02 -17.83
N GLN D 44 9.21 -24.79 -17.11
CA GLN D 44 9.68 -25.77 -16.13
C GLN D 44 10.08 -25.25 -14.74
N GLY D 45 10.22 -23.95 -14.57
CA GLY D 45 10.60 -23.44 -13.27
C GLY D 45 12.10 -23.18 -13.16
N LEU D 46 12.44 -22.35 -12.17
CA LEU D 46 13.82 -21.95 -11.91
C LEU D 46 14.68 -22.98 -11.19
N GLU D 47 15.95 -23.01 -11.56
CA GLU D 47 16.89 -23.92 -10.93
C GLU D 47 18.23 -23.22 -10.79
N TRP D 48 18.76 -23.23 -9.58
CA TRP D 48 20.01 -22.56 -9.25
C TRP D 48 21.27 -23.36 -9.61
N ILE D 49 22.21 -22.73 -10.32
CA ILE D 49 23.46 -23.37 -10.68
C ILE D 49 24.50 -23.02 -9.61
N GLY D 50 24.62 -21.72 -9.31
CA GLY D 50 25.57 -21.28 -8.32
C GLY D 50 25.90 -19.81 -8.40
N ALA D 51 26.80 -19.36 -7.54
CA ALA D 51 27.18 -17.96 -7.51
C ALA D 51 28.69 -17.79 -7.37
N ILE D 52 29.15 -16.59 -7.70
CA ILE D 52 30.56 -16.28 -7.59
C ILE D 52 30.73 -14.84 -7.10
N TYR D 53 31.74 -14.62 -6.28
CA TYR D 53 32.03 -13.27 -5.77
C TYR D 53 33.20 -12.75 -6.61
N PRO D 54 32.95 -11.77 -7.49
CA PRO D 54 34.04 -11.24 -8.31
C PRO D 54 35.21 -10.69 -7.50
N GLY D 55 34.94 -10.31 -6.25
CA GLY D 55 35.97 -9.76 -5.39
C GLY D 55 37.17 -10.66 -5.15
N ASN D 56 36.93 -11.85 -4.59
CA ASN D 56 38.01 -12.79 -4.31
C ASN D 56 37.82 -14.07 -5.13
N GLY D 57 36.83 -14.05 -6.01
CA GLY D 57 36.55 -15.19 -6.87
C GLY D 57 36.06 -16.48 -6.25
N ASP D 58 35.75 -16.52 -4.96
CA ASP D 58 35.27 -17.79 -4.42
C ASP D 58 33.80 -18.00 -4.80
N THR D 59 33.40 -19.27 -4.85
CA THR D 59 32.05 -19.62 -5.29
C THR D 59 31.22 -20.55 -4.40
N SER D 60 30.04 -20.87 -4.91
CA SER D 60 29.08 -21.77 -4.29
C SER D 60 28.39 -22.40 -5.48
N TYR D 61 28.19 -23.72 -5.42
CA TYR D 61 27.57 -24.43 -6.51
C TYR D 61 26.46 -25.35 -6.05
N ASN D 62 25.51 -25.58 -6.95
CA ASN D 62 24.44 -26.51 -6.71
C ASN D 62 25.13 -27.84 -6.99
N GLN D 63 25.18 -28.72 -6.00
CA GLN D 63 25.83 -30.03 -6.16
C GLN D 63 25.47 -30.69 -7.49
N LYS D 64 24.25 -30.47 -7.93
CA LYS D 64 23.75 -31.03 -9.17
C LYS D 64 24.49 -30.54 -10.43
N PHE D 65 25.09 -29.36 -10.38
CA PHE D 65 25.80 -28.86 -11.55
C PHE D 65 27.30 -28.95 -11.47
N LYS D 66 27.82 -29.56 -10.41
CA LYS D 66 29.26 -29.70 -10.27
C LYS D 66 29.74 -30.70 -11.32
N GLY D 67 30.65 -30.24 -12.17
CA GLY D 67 31.18 -31.08 -13.23
C GLY D 67 30.57 -30.67 -14.55
N LYS D 68 29.54 -29.84 -14.49
CA LYS D 68 28.86 -29.37 -15.68
C LYS D 68 29.08 -27.87 -15.88
N ALA D 69 28.95 -27.13 -14.78
CA ALA D 69 29.10 -25.68 -14.85
C ALA D 69 30.32 -25.16 -14.14
N THR D 70 30.87 -24.08 -14.67
CA THR D 70 32.02 -23.42 -14.08
C THR D 70 31.76 -21.93 -14.21
N LEU D 71 31.79 -21.23 -13.09
CA LEU D 71 31.56 -19.80 -13.09
C LEU D 71 32.89 -19.10 -12.97
N THR D 72 33.10 -18.06 -13.76
CA THR D 72 34.34 -17.32 -13.67
C THR D 72 34.01 -15.86 -13.85
N ALA D 73 34.97 -14.98 -13.64
CA ALA D 73 34.71 -13.56 -13.80
C ALA D 73 35.93 -12.82 -14.30
N ASP D 74 35.68 -11.68 -14.92
CA ASP D 74 36.73 -10.84 -15.45
C ASP D 74 36.55 -9.45 -14.84
N LYS D 75 37.38 -9.13 -13.85
CA LYS D 75 37.32 -7.82 -13.19
C LYS D 75 37.48 -6.70 -14.21
N SER D 76 38.46 -6.85 -15.09
CA SER D 76 38.76 -5.84 -16.11
C SER D 76 37.62 -5.49 -17.05
N SER D 77 36.68 -6.40 -17.26
CA SER D 77 35.56 -6.11 -18.15
C SER D 77 34.23 -6.22 -17.39
N SER D 78 34.32 -6.36 -16.06
CA SER D 78 33.14 -6.49 -15.22
C SER D 78 32.16 -7.46 -15.86
N THR D 79 32.68 -8.61 -16.28
CA THR D 79 31.86 -9.61 -16.94
C THR D 79 31.92 -10.97 -16.25
N ALA D 80 30.75 -11.52 -15.98
CA ALA D 80 30.64 -12.83 -15.35
C ALA D 80 30.44 -13.84 -16.47
N TYR D 81 31.07 -14.99 -16.35
CA TYR D 81 30.97 -16.02 -17.35
C TYR D 81 30.54 -17.33 -16.72
N MET D 82 29.90 -18.17 -17.52
CA MET D 82 29.52 -19.49 -17.07
C MET D 82 29.77 -20.44 -18.22
N GLN D 83 30.50 -21.52 -17.96
CA GLN D 83 30.78 -22.50 -18.98
C GLN D 83 30.04 -23.80 -18.71
N LEU D 84 29.42 -24.33 -19.75
CA LEU D 84 28.73 -25.61 -19.68
C LEU D 84 29.53 -26.53 -20.58
N SER D 85 30.02 -27.64 -20.03
CA SER D 85 30.81 -28.57 -20.81
C SER D 85 30.02 -29.78 -21.29
N SER D 86 30.40 -30.29 -22.47
CA SER D 86 29.77 -31.45 -23.10
C SER D 86 28.25 -31.40 -23.01
N LEU D 87 27.68 -30.41 -23.68
CA LEU D 87 26.25 -30.22 -23.67
C LEU D 87 25.45 -31.39 -24.22
N THR D 88 24.19 -31.46 -23.80
CA THR D 88 23.26 -32.49 -24.24
C THR D 88 21.88 -31.83 -24.35
N SER D 89 20.91 -32.59 -24.85
CA SER D 89 19.56 -32.07 -25.03
C SER D 89 19.01 -31.47 -23.73
N GLU D 90 19.41 -32.02 -22.59
CA GLU D 90 18.94 -31.51 -21.31
C GLU D 90 19.57 -30.19 -20.87
N ASP D 91 20.56 -29.72 -21.62
CA ASP D 91 21.18 -28.47 -21.27
C ASP D 91 20.44 -27.36 -21.98
N SER D 92 19.60 -27.72 -22.95
CA SER D 92 18.83 -26.72 -23.69
C SER D 92 17.93 -26.02 -22.69
N ALA D 93 18.05 -24.70 -22.59
CA ALA D 93 17.26 -23.95 -21.63
C ALA D 93 17.69 -22.49 -21.63
N VAL D 94 17.00 -21.70 -20.81
CA VAL D 94 17.33 -20.29 -20.68
C VAL D 94 18.20 -20.16 -19.43
N TYR D 95 19.31 -19.45 -19.56
CA TYR D 95 20.23 -19.25 -18.44
C TYR D 95 20.31 -17.78 -18.10
N TYR D 96 19.94 -17.46 -16.87
CA TYR D 96 19.96 -16.08 -16.39
C TYR D 96 21.11 -15.81 -15.43
N CYS D 97 21.62 -14.59 -15.45
CA CYS D 97 22.61 -14.22 -14.47
C CYS D 97 21.80 -13.23 -13.64
N ALA D 98 22.10 -13.15 -12.35
CA ALA D 98 21.38 -12.26 -11.45
C ALA D 98 22.33 -11.77 -10.37
N ARG D 99 22.12 -10.54 -9.91
CA ARG D 99 22.96 -9.99 -8.88
C ARG D 99 22.30 -10.11 -7.50
N GLU D 100 23.00 -10.73 -6.57
CA GLU D 100 22.48 -10.87 -5.21
C GLU D 100 22.78 -9.53 -4.57
N GLY D 101 21.85 -9.03 -3.76
CA GLY D 101 22.05 -7.76 -3.09
C GLY D 101 22.87 -7.93 -1.81
N LEU D 102 22.90 -6.87 -1.00
CA LEU D 102 23.61 -6.88 0.28
C LEU D 102 22.69 -6.22 1.30
N GLY D 103 22.97 -6.41 2.59
CA GLY D 103 22.10 -5.83 3.60
C GLY D 103 20.73 -6.47 3.60
N ALA D 104 19.68 -5.66 3.55
CA ALA D 104 18.31 -6.19 3.55
C ALA D 104 18.12 -7.17 2.40
N LEU D 105 18.80 -6.90 1.29
CA LEU D 105 18.69 -7.76 0.11
C LEU D 105 19.77 -8.83 -0.04
N LEU D 106 20.46 -9.18 1.04
CA LEU D 106 21.44 -10.24 0.94
C LEU D 106 20.64 -11.51 0.68
N ARG D 107 21.19 -12.40 -0.13
CA ARG D 107 20.57 -13.67 -0.46
C ARG D 107 19.27 -13.58 -1.24
N ASP D 108 19.09 -12.42 -1.88
CA ASP D 108 17.94 -12.13 -2.73
C ASP D 108 18.48 -11.74 -4.12
N LEU D 109 17.95 -12.35 -5.16
CA LEU D 109 18.38 -12.04 -6.52
C LEU D 109 17.50 -10.90 -7.01
N TYR D 110 18.00 -9.68 -6.88
CA TYR D 110 17.23 -8.49 -7.26
C TYR D 110 17.26 -8.04 -8.71
N TYR D 111 18.41 -8.17 -9.35
CA TYR D 111 18.58 -7.76 -10.74
C TYR D 111 18.91 -8.96 -11.63
N TRP D 112 18.15 -9.09 -12.72
CA TRP D 112 18.29 -10.19 -13.67
C TRP D 112 18.64 -9.77 -15.11
N GLY D 113 19.42 -10.61 -15.78
CA GLY D 113 19.73 -10.35 -17.17
C GLY D 113 18.52 -10.86 -17.92
N GLN D 114 18.42 -10.63 -19.24
CA GLN D 114 17.26 -11.12 -19.98
C GLN D 114 17.35 -12.61 -20.23
N GLY D 115 18.49 -13.21 -19.87
CA GLY D 115 18.70 -14.63 -20.06
C GLY D 115 19.18 -14.99 -21.47
N THR D 116 19.93 -16.07 -21.57
CA THR D 116 20.41 -16.52 -22.87
C THR D 116 19.77 -17.88 -23.09
N SER D 117 19.08 -18.05 -24.21
CA SER D 117 18.45 -19.34 -24.47
C SER D 117 19.41 -20.21 -25.26
N VAL D 118 19.73 -21.36 -24.68
CA VAL D 118 20.65 -22.30 -25.28
C VAL D 118 19.93 -23.48 -25.92
N THR D 119 20.15 -23.65 -27.21
CA THR D 119 19.57 -24.74 -27.98
C THR D 119 20.69 -25.73 -28.32
N VAL D 120 20.52 -26.96 -27.88
CA VAL D 120 21.49 -28.02 -28.12
C VAL D 120 20.96 -29.00 -29.17
N SER D 121 21.56 -29.00 -30.35
CA SER D 121 21.11 -29.92 -31.39
C SER D 121 22.13 -29.98 -32.51
N SER D 122 22.16 -31.12 -33.21
CA SER D 122 23.09 -31.29 -34.31
C SER D 122 22.33 -31.16 -35.63
N ALA D 123 21.26 -30.38 -35.61
CA ALA D 123 20.43 -30.16 -36.79
C ALA D 123 21.09 -29.14 -37.69
N LYS D 124 20.78 -29.19 -38.98
CA LYS D 124 21.35 -28.26 -39.95
C LYS D 124 20.29 -27.25 -40.36
N THR D 125 20.71 -26.06 -40.78
CA THR D 125 19.73 -25.06 -41.22
C THR D 125 18.87 -25.74 -42.26
N THR D 126 17.55 -25.65 -42.09
CA THR D 126 16.64 -26.27 -43.03
C THR D 126 15.47 -25.35 -43.30
N ALA D 127 15.05 -25.29 -44.57
CA ALA D 127 13.92 -24.43 -44.94
C ALA D 127 12.62 -25.20 -44.74
N PRO D 128 11.60 -24.50 -44.22
CA PRO D 128 10.29 -25.09 -43.96
C PRO D 128 9.43 -25.33 -45.19
N SER D 129 8.51 -26.26 -45.06
CA SER D 129 7.54 -26.55 -46.12
C SER D 129 6.31 -25.81 -45.60
N VAL D 130 5.61 -25.13 -46.49
CA VAL D 130 4.43 -24.38 -46.11
C VAL D 130 3.22 -24.97 -46.80
N TYR D 131 2.32 -25.54 -46.00
CA TYR D 131 1.13 -26.17 -46.53
C TYR D 131 -0.12 -25.42 -46.11
N PRO D 132 -1.09 -25.30 -47.02
CA PRO D 132 -2.35 -24.61 -46.75
C PRO D 132 -3.31 -25.53 -45.98
N LEU D 133 -4.09 -24.95 -45.07
CA LEU D 133 -5.07 -25.71 -44.32
C LEU D 133 -6.44 -25.18 -44.69
N ALA D 134 -7.24 -26.00 -45.36
CA ALA D 134 -8.56 -25.58 -45.80
C ALA D 134 -9.58 -26.68 -45.58
N PRO D 135 -10.84 -26.32 -45.26
CA PRO D 135 -11.88 -27.33 -45.05
C PRO D 135 -11.91 -28.28 -46.23
N VAL D 136 -12.11 -29.56 -45.94
CA VAL D 136 -12.17 -30.55 -47.00
C VAL D 136 -13.33 -30.16 -47.92
N CYS D 137 -13.08 -30.21 -49.23
CA CYS D 137 -14.08 -29.86 -50.25
C CYS D 137 -14.33 -28.36 -50.40
N GLY D 138 -13.67 -27.55 -49.57
CA GLY D 138 -13.82 -26.11 -49.65
C GLY D 138 -15.21 -25.60 -49.32
N ASP D 139 -15.92 -26.32 -48.45
CA ASP D 139 -17.26 -25.95 -48.05
C ASP D 139 -17.24 -25.02 -46.84
N THR D 140 -18.31 -24.27 -46.64
CA THR D 140 -18.40 -23.40 -45.48
C THR D 140 -19.78 -23.54 -44.91
N THR D 141 -19.93 -23.19 -43.64
CA THR D 141 -21.20 -23.26 -42.96
C THR D 141 -21.25 -22.10 -41.98
N GLY D 142 -22.26 -21.25 -42.12
CA GLY D 142 -22.37 -20.11 -41.24
C GLY D 142 -21.68 -18.92 -41.90
N SER D 143 -21.52 -17.84 -41.15
CA SER D 143 -20.93 -16.62 -41.70
C SER D 143 -19.40 -16.56 -41.69
N SER D 144 -18.76 -17.57 -41.11
CA SER D 144 -17.31 -17.58 -41.07
C SER D 144 -16.74 -18.95 -41.36
N VAL D 145 -15.47 -18.96 -41.74
CA VAL D 145 -14.77 -20.19 -42.03
C VAL D 145 -13.37 -20.01 -41.46
N THR D 146 -12.81 -21.05 -40.85
CA THR D 146 -11.46 -20.93 -40.33
C THR D 146 -10.51 -21.70 -41.24
N LEU D 147 -9.44 -21.03 -41.64
CA LEU D 147 -8.43 -21.61 -42.52
C LEU D 147 -7.17 -21.62 -41.70
N GLY D 148 -6.11 -22.21 -42.25
CA GLY D 148 -4.87 -22.27 -41.50
C GLY D 148 -3.65 -22.40 -42.37
N CYS D 149 -2.49 -22.36 -41.73
CA CYS D 149 -1.22 -22.46 -42.41
C CYS D 149 -0.30 -23.38 -41.62
N LEU D 150 0.23 -24.39 -42.29
CA LEU D 150 1.13 -25.33 -41.65
C LEU D 150 2.57 -25.12 -42.12
N VAL D 151 3.44 -24.84 -41.16
CA VAL D 151 4.85 -24.59 -41.43
C VAL D 151 5.59 -25.76 -40.77
N LYS D 152 6.05 -26.70 -41.59
CA LYS D 152 6.68 -27.93 -41.10
C LYS D 152 8.15 -28.17 -41.46
N GLY D 153 8.86 -28.85 -40.55
CA GLY D 153 10.26 -29.20 -40.73
C GLY D 153 11.30 -28.13 -41.02
N TYR D 154 11.43 -27.14 -40.15
CA TYR D 154 12.41 -26.08 -40.35
C TYR D 154 13.39 -25.99 -39.19
N PHE D 155 14.48 -25.28 -39.42
CA PHE D 155 15.50 -25.12 -38.39
C PHE D 155 16.56 -24.12 -38.84
N PRO D 156 16.99 -23.24 -37.91
CA PRO D 156 16.53 -23.18 -36.53
C PRO D 156 15.38 -22.18 -36.38
N GLU D 157 15.04 -21.82 -35.15
CA GLU D 157 13.98 -20.84 -34.94
C GLU D 157 14.57 -19.44 -35.14
N PRO D 158 13.72 -18.48 -35.48
CA PRO D 158 12.28 -18.63 -35.66
C PRO D 158 11.88 -18.44 -37.12
N VAL D 159 10.57 -18.28 -37.32
CA VAL D 159 10.00 -18.02 -38.63
C VAL D 159 9.07 -16.85 -38.39
N THR D 160 8.68 -16.18 -39.44
CA THR D 160 7.77 -15.06 -39.32
C THR D 160 6.55 -15.42 -40.11
N LEU D 161 5.39 -15.39 -39.47
CA LEU D 161 4.15 -15.74 -40.13
C LEU D 161 3.11 -14.64 -39.99
N THR D 162 2.55 -14.23 -41.12
CA THR D 162 1.53 -13.19 -41.12
C THR D 162 0.46 -13.58 -42.13
N TRP D 163 -0.64 -12.84 -42.13
CA TRP D 163 -1.73 -13.11 -43.06
C TRP D 163 -2.01 -11.85 -43.87
N ASN D 164 -1.98 -11.99 -45.19
CA ASN D 164 -2.20 -10.87 -46.08
C ASN D 164 -1.24 -9.73 -45.74
N SER D 165 0.06 -10.07 -45.69
CA SER D 165 1.12 -9.11 -45.40
C SER D 165 0.86 -8.21 -44.21
N GLY D 166 0.13 -8.70 -43.20
CA GLY D 166 -0.15 -7.89 -42.05
C GLY D 166 -1.57 -7.32 -42.02
N SER D 167 -2.14 -7.12 -43.21
CA SER D 167 -3.51 -6.60 -43.34
C SER D 167 -4.48 -7.34 -42.44
N LEU D 168 -4.36 -8.67 -42.44
CA LEU D 168 -5.20 -9.54 -41.65
C LEU D 168 -4.48 -9.92 -40.37
N SER D 169 -4.99 -9.45 -39.24
CA SER D 169 -4.35 -9.74 -37.95
C SER D 169 -5.39 -10.11 -36.91
N SER D 170 -6.64 -9.83 -37.22
CA SER D 170 -7.75 -10.12 -36.33
C SER D 170 -8.21 -11.57 -36.54
N GLY D 171 -8.54 -12.25 -35.44
CA GLY D 171 -8.99 -13.63 -35.54
C GLY D 171 -7.87 -14.61 -35.87
N VAL D 172 -6.65 -14.29 -35.44
CA VAL D 172 -5.49 -15.13 -35.72
C VAL D 172 -4.87 -15.79 -34.48
N HIS D 173 -4.49 -17.05 -34.62
CA HIS D 173 -3.82 -17.76 -33.54
C HIS D 173 -2.64 -18.50 -34.13
N THR D 174 -1.44 -18.05 -33.81
CA THR D 174 -0.23 -18.70 -34.27
C THR D 174 0.31 -19.46 -33.08
N PHE D 175 0.37 -20.77 -33.20
CA PHE D 175 0.85 -21.59 -32.09
C PHE D 175 2.35 -21.69 -31.99
N PRO D 176 2.86 -21.90 -30.77
CA PRO D 176 4.30 -22.03 -30.53
C PRO D 176 4.85 -23.24 -31.29
N ALA D 177 6.08 -23.12 -31.79
CA ALA D 177 6.69 -24.23 -32.52
C ALA D 177 6.90 -25.39 -31.55
N VAL D 178 7.00 -26.59 -32.10
CA VAL D 178 7.25 -27.79 -31.29
C VAL D 178 8.28 -28.59 -32.06
N LEU D 179 9.14 -29.28 -31.33
CA LEU D 179 10.16 -30.08 -31.98
C LEU D 179 9.54 -31.39 -32.48
N GLN D 180 9.79 -31.67 -33.75
CA GLN D 180 9.28 -32.87 -34.40
C GLN D 180 10.42 -33.44 -35.23
N SER D 181 10.97 -34.57 -34.80
CA SER D 181 12.07 -35.19 -35.54
C SER D 181 13.23 -34.21 -35.67
N ASP D 182 13.64 -33.63 -34.54
CA ASP D 182 14.73 -32.67 -34.51
C ASP D 182 14.58 -31.42 -35.37
N LEU D 183 13.37 -31.20 -35.88
CA LEU D 183 13.07 -30.02 -36.67
C LEU D 183 11.88 -29.32 -36.03
N TYR D 184 11.67 -28.06 -36.38
CA TYR D 184 10.56 -27.32 -35.82
C TYR D 184 9.32 -27.32 -36.71
N THR D 185 8.16 -27.33 -36.07
CA THR D 185 6.89 -27.31 -36.76
C THR D 185 5.93 -26.41 -36.00
N LEU D 186 5.29 -25.50 -36.71
CA LEU D 186 4.34 -24.61 -36.07
C LEU D 186 3.11 -24.45 -36.98
N SER D 187 2.08 -23.75 -36.51
CA SER D 187 0.90 -23.55 -37.33
C SER D 187 0.15 -22.31 -36.91
N SER D 188 -0.70 -21.82 -37.79
CA SER D 188 -1.50 -20.64 -37.52
C SER D 188 -2.92 -20.84 -38.05
N SER D 189 -3.91 -20.46 -37.25
CA SER D 189 -5.30 -20.58 -37.69
C SER D 189 -5.83 -19.16 -37.79
N VAL D 190 -6.73 -18.95 -38.74
CA VAL D 190 -7.32 -17.65 -38.94
C VAL D 190 -8.79 -17.85 -39.33
N THR D 191 -9.64 -16.97 -38.82
CA THR D 191 -11.06 -17.06 -39.10
C THR D 191 -11.53 -15.84 -39.87
N VAL D 192 -12.06 -16.07 -41.06
CA VAL D 192 -12.55 -14.99 -41.91
C VAL D 192 -14.02 -15.23 -42.25
N THR D 193 -14.64 -14.29 -42.95
CA THR D 193 -16.05 -14.46 -43.32
C THR D 193 -16.18 -15.34 -44.56
N SER D 194 -17.15 -16.22 -44.52
CA SER D 194 -17.43 -17.15 -45.61
C SER D 194 -18.08 -16.49 -46.82
N SER D 195 -18.44 -15.22 -46.71
CA SER D 195 -19.08 -14.52 -47.82
C SER D 195 -18.11 -14.21 -48.96
N THR D 196 -16.83 -14.34 -48.70
CA THR D 196 -15.84 -14.04 -49.72
C THR D 196 -14.85 -15.17 -50.00
N TRP D 197 -14.96 -16.26 -49.25
CA TRP D 197 -14.07 -17.40 -49.43
C TRP D 197 -14.88 -18.64 -49.84
N PRO D 198 -14.34 -19.47 -50.73
CA PRO D 198 -13.06 -19.41 -51.44
C PRO D 198 -13.01 -18.39 -52.58
N SER D 199 -14.10 -17.65 -52.78
CA SER D 199 -14.17 -16.64 -53.81
C SER D 199 -12.84 -15.88 -53.87
N GLN D 200 -12.54 -15.10 -52.84
CA GLN D 200 -11.28 -14.36 -52.75
C GLN D 200 -10.42 -15.08 -51.72
N SER D 201 -9.16 -15.29 -52.03
CA SER D 201 -8.27 -16.00 -51.11
C SER D 201 -7.52 -15.12 -50.14
N ILE D 202 -6.92 -15.74 -49.13
CA ILE D 202 -6.12 -15.03 -48.16
C ILE D 202 -4.72 -15.64 -48.29
N THR D 203 -3.70 -14.90 -47.92
CA THR D 203 -2.36 -15.41 -48.05
C THR D 203 -1.66 -15.59 -46.73
N CYS D 204 -0.84 -16.63 -46.68
CA CYS D 204 -0.06 -16.93 -45.51
C CYS D 204 1.36 -16.52 -45.87
N ASN D 205 1.94 -15.60 -45.11
CA ASN D 205 3.29 -15.15 -45.42
C ASN D 205 4.26 -15.74 -44.42
N VAL D 206 5.16 -16.59 -44.88
CA VAL D 206 6.12 -17.21 -43.99
C VAL D 206 7.53 -16.81 -44.40
N ALA D 207 8.36 -16.48 -43.42
CA ALA D 207 9.73 -16.08 -43.69
C ALA D 207 10.61 -16.80 -42.69
N HIS D 208 11.75 -17.29 -43.18
CA HIS D 208 12.69 -18.00 -42.32
C HIS D 208 14.09 -17.45 -42.61
N PRO D 209 14.52 -16.44 -41.86
CA PRO D 209 15.83 -15.78 -42.00
C PRO D 209 17.00 -16.75 -42.21
N ALA D 210 17.16 -17.67 -41.27
CA ALA D 210 18.24 -18.67 -41.31
C ALA D 210 18.39 -19.37 -42.66
N SER D 211 17.34 -19.38 -43.48
CA SER D 211 17.43 -20.04 -44.78
C SER D 211 17.18 -19.05 -45.89
N SER D 212 17.08 -17.78 -45.52
CA SER D 212 16.86 -16.70 -46.47
C SER D 212 15.69 -17.00 -47.39
N THR D 213 14.69 -17.70 -46.87
CA THR D 213 13.53 -18.03 -47.68
C THR D 213 12.26 -17.34 -47.16
N LYS D 214 11.34 -17.08 -48.07
CA LYS D 214 10.08 -16.46 -47.71
C LYS D 214 9.06 -16.82 -48.78
N VAL D 215 8.05 -17.60 -48.36
CA VAL D 215 7.00 -18.05 -49.27
C VAL D 215 5.64 -17.48 -48.93
N ASP D 216 4.84 -17.21 -49.97
CA ASP D 216 3.49 -16.70 -49.78
C ASP D 216 2.55 -17.75 -50.30
N LYS D 217 1.87 -18.44 -49.38
CA LYS D 217 0.94 -19.48 -49.75
C LYS D 217 -0.51 -19.00 -49.75
N LYS D 218 -1.11 -18.93 -50.94
CA LYS D 218 -2.49 -18.52 -51.06
C LYS D 218 -3.38 -19.68 -50.61
N ILE D 219 -4.48 -19.37 -49.94
CA ILE D 219 -5.39 -20.41 -49.49
C ILE D 219 -6.84 -20.10 -49.87
N SER E 5 -37.13 21.50 -30.21
CA SER E 5 -37.88 21.21 -28.95
C SER E 5 -38.11 19.71 -28.82
N MET E 6 -38.76 19.12 -29.84
CA MET E 6 -39.05 17.70 -29.83
C MET E 6 -38.16 16.86 -30.75
N ASP E 7 -36.93 17.32 -30.95
CA ASP E 7 -35.97 16.60 -31.76
C ASP E 7 -35.13 15.77 -30.79
N LEU E 8 -35.25 16.11 -29.50
CA LEU E 8 -34.54 15.40 -28.42
C LEU E 8 -35.54 15.14 -27.29
N LYS E 9 -35.69 13.87 -26.92
CA LYS E 9 -36.66 13.51 -25.89
C LYS E 9 -36.15 12.44 -24.91
N VAL E 10 -36.70 12.43 -23.71
CA VAL E 10 -36.31 11.48 -22.68
C VAL E 10 -37.51 10.74 -22.13
N GLU E 11 -37.35 9.44 -21.88
CA GLU E 11 -38.44 8.65 -21.33
C GLU E 11 -37.99 7.77 -20.18
N MET E 12 -38.68 7.90 -19.05
CA MET E 12 -38.35 7.15 -17.84
C MET E 12 -39.32 5.99 -17.67
N MET E 13 -39.14 5.22 -16.60
CA MET E 13 -40.02 4.10 -16.32
C MET E 13 -41.48 4.53 -16.43
N ALA E 14 -42.30 3.71 -17.08
CA ALA E 14 -43.71 4.05 -17.23
C ALA E 14 -44.28 3.93 -15.81
N GLY E 15 -45.12 4.87 -15.42
CA GLY E 15 -45.67 4.82 -14.06
C GLY E 15 -44.93 5.81 -13.17
N GLY E 16 -43.68 6.07 -13.50
CA GLY E 16 -42.88 7.02 -12.74
C GLY E 16 -42.24 6.51 -11.47
N THR E 17 -42.30 5.20 -11.24
CA THR E 17 -41.69 4.64 -10.05
C THR E 17 -41.00 3.31 -10.29
N GLN E 18 -39.81 3.15 -9.71
CA GLN E 18 -39.09 1.89 -9.82
C GLN E 18 -38.90 1.42 -8.39
N ILE E 19 -39.02 0.12 -8.18
CA ILE E 19 -38.85 -0.46 -6.87
C ILE E 19 -37.67 -1.42 -6.97
N THR E 20 -36.81 -1.41 -5.96
CA THR E 20 -35.64 -2.26 -5.96
C THR E 20 -35.34 -2.78 -4.55
N PRO E 21 -34.79 -4.00 -4.45
CA PRO E 21 -34.47 -4.58 -3.14
C PRO E 21 -33.16 -4.04 -2.59
N LEU E 22 -33.09 -3.96 -1.26
CA LEU E 22 -31.90 -3.51 -0.55
C LEU E 22 -30.70 -4.38 -0.92
N ASN E 23 -29.60 -3.73 -1.29
CA ASN E 23 -28.36 -4.40 -1.67
C ASN E 23 -28.34 -4.97 -3.08
N ASP E 24 -29.41 -4.75 -3.84
CA ASP E 24 -29.43 -5.26 -5.20
C ASP E 24 -28.66 -4.25 -6.06
N ASN E 25 -28.41 -4.59 -7.32
CA ASN E 25 -27.69 -3.69 -8.22
C ASN E 25 -28.72 -3.09 -9.16
N VAL E 26 -29.38 -2.01 -8.71
CA VAL E 26 -30.42 -1.37 -9.52
C VAL E 26 -29.95 -0.56 -10.72
N THR E 27 -30.81 -0.51 -11.74
CA THR E 27 -30.54 0.24 -12.97
C THR E 27 -31.71 1.21 -13.16
N ILE E 28 -31.44 2.51 -13.01
CA ILE E 28 -32.49 3.52 -13.17
C ILE E 28 -32.56 3.86 -14.66
N PHE E 29 -33.71 3.60 -15.27
CA PHE E 29 -33.88 3.83 -16.71
C PHE E 29 -33.99 5.26 -17.18
N CYS E 30 -33.41 5.51 -18.35
CA CYS E 30 -33.42 6.80 -19.02
C CYS E 30 -33.12 6.55 -20.50
N ASN E 31 -34.14 6.71 -21.33
CA ASN E 31 -34.00 6.47 -22.76
C ASN E 31 -33.99 7.75 -23.57
N ILE E 32 -33.02 7.87 -24.47
CA ILE E 32 -32.93 9.03 -25.33
C ILE E 32 -33.61 8.74 -26.66
N PHE E 33 -34.15 9.79 -27.28
CA PHE E 33 -34.81 9.71 -28.57
C PHE E 33 -34.40 10.99 -29.29
N TYR E 34 -33.56 10.84 -30.33
CA TYR E 34 -33.05 11.97 -31.09
C TYR E 34 -33.46 11.87 -32.57
N SER E 35 -33.64 13.01 -33.22
CA SER E 35 -34.05 13.05 -34.62
C SER E 35 -32.88 12.79 -35.55
N GLN E 36 -31.68 12.71 -34.98
CA GLN E 36 -30.46 12.47 -35.74
C GLN E 36 -29.71 11.29 -35.14
N PRO E 37 -28.64 10.84 -35.83
CA PRO E 37 -27.87 9.72 -35.29
C PRO E 37 -27.05 10.19 -34.09
N LEU E 38 -27.12 9.43 -33.01
CA LEU E 38 -26.39 9.77 -31.78
C LEU E 38 -24.88 9.66 -31.92
N ASN E 39 -24.19 10.70 -31.48
CA ASN E 39 -22.74 10.71 -31.50
C ASN E 39 -22.35 10.99 -30.06
N ILE E 40 -22.32 9.94 -29.25
CA ILE E 40 -22.01 10.04 -27.82
C ILE E 40 -20.95 11.06 -27.43
N THR E 41 -19.95 11.27 -28.27
CA THR E 41 -18.91 12.22 -27.94
C THR E 41 -19.41 13.65 -27.89
N SER E 42 -20.50 13.93 -28.59
CA SER E 42 -21.07 15.27 -28.60
C SER E 42 -22.36 15.29 -27.77
N MET E 43 -22.40 14.45 -26.75
CA MET E 43 -23.57 14.35 -25.89
C MET E 43 -23.19 14.43 -24.42
N GLY E 44 -24.11 14.92 -23.60
CA GLY E 44 -23.86 15.03 -22.17
C GLY E 44 -25.03 14.52 -21.36
N ILE E 45 -24.73 13.66 -20.38
CA ILE E 45 -25.75 13.08 -19.51
C ILE E 45 -25.39 13.37 -18.05
N THR E 46 -26.37 13.80 -17.27
CA THR E 46 -26.14 14.07 -15.86
C THR E 46 -27.28 13.51 -15.03
N TRP E 47 -26.93 12.79 -13.96
CA TRP E 47 -27.93 12.22 -13.07
C TRP E 47 -27.91 12.90 -11.72
N PHE E 48 -29.09 13.28 -11.24
CA PHE E 48 -29.22 13.94 -9.94
C PHE E 48 -30.09 13.12 -9.02
N TRP E 49 -29.84 13.24 -7.72
CA TRP E 49 -30.63 12.56 -6.73
C TRP E 49 -31.17 13.65 -5.82
N LYS E 50 -32.44 13.55 -5.47
CA LYS E 50 -33.07 14.55 -4.63
C LYS E 50 -33.74 13.80 -3.50
N SER E 51 -33.52 14.24 -2.26
CA SER E 51 -34.13 13.58 -1.11
C SER E 51 -35.60 13.96 -1.05
N LEU E 52 -36.47 12.99 -0.75
CA LEU E 52 -37.91 13.24 -0.64
C LEU E 52 -38.25 13.84 0.73
N THR E 53 -37.24 13.98 1.58
CA THR E 53 -37.43 14.54 2.91
C THR E 53 -36.81 15.92 3.04
N PHE E 54 -35.56 16.04 2.61
CA PHE E 54 -34.85 17.31 2.74
C PHE E 54 -34.96 18.21 1.52
N ASP E 55 -35.50 17.67 0.43
CA ASP E 55 -35.70 18.45 -0.78
C ASP E 55 -34.44 19.18 -1.25
N LYS E 56 -33.31 18.48 -1.25
CA LYS E 56 -32.05 19.04 -1.72
C LYS E 56 -31.53 18.06 -2.74
N GLU E 57 -31.06 18.58 -3.86
CA GLU E 57 -30.59 17.75 -4.95
C GLU E 57 -29.08 17.72 -5.06
N VAL E 58 -28.53 16.53 -5.37
CA VAL E 58 -27.09 16.39 -5.55
C VAL E 58 -26.79 15.69 -6.87
N LYS E 59 -25.68 16.07 -7.48
CA LYS E 59 -25.26 15.46 -8.73
C LYS E 59 -24.77 14.07 -8.35
N VAL E 60 -25.16 13.06 -9.12
CA VAL E 60 -24.74 11.72 -8.79
C VAL E 60 -23.78 11.14 -9.82
N PHE E 61 -23.91 11.59 -11.06
CA PHE E 61 -23.07 11.10 -12.15
C PHE E 61 -23.11 12.03 -13.35
N GLU E 62 -21.98 12.20 -14.01
CA GLU E 62 -21.91 13.08 -15.17
C GLU E 62 -21.14 12.43 -16.31
N PHE E 63 -21.67 12.55 -17.51
CA PHE E 63 -21.03 12.00 -18.69
C PHE E 63 -20.62 13.15 -19.61
N PHE E 64 -19.31 13.34 -19.77
CA PHE E 64 -18.77 14.42 -20.59
C PHE E 64 -18.34 13.99 -21.99
N GLY E 65 -19.22 13.27 -22.68
CA GLY E 65 -18.93 12.84 -24.03
C GLY E 65 -17.81 11.82 -24.23
N ASP E 66 -16.61 12.12 -23.74
CA ASP E 66 -15.49 11.20 -23.92
C ASP E 66 -14.95 10.67 -22.60
N HIS E 67 -15.70 10.88 -21.53
CA HIS E 67 -15.29 10.41 -20.20
C HIS E 67 -16.38 10.65 -19.14
N GLN E 68 -16.50 9.73 -18.20
CA GLN E 68 -17.50 9.83 -17.15
C GLN E 68 -16.88 10.27 -15.82
N GLU E 69 -17.74 10.36 -14.81
CA GLU E 69 -17.34 10.72 -13.46
C GLU E 69 -18.49 10.39 -12.50
N ALA E 70 -18.20 9.55 -11.51
CA ALA E 70 -19.20 9.13 -10.54
C ALA E 70 -19.01 9.82 -9.20
N PHE E 71 -20.08 10.37 -8.65
CA PHE E 71 -20.00 11.04 -7.35
C PHE E 71 -20.56 10.09 -6.30
N ARG E 72 -21.32 9.11 -6.78
CA ARG E 72 -21.90 8.09 -5.93
C ARG E 72 -21.05 6.87 -6.30
N PRO E 73 -20.24 6.37 -5.35
CA PRO E 73 -19.38 5.21 -5.61
C PRO E 73 -20.02 4.07 -6.38
N GLY E 74 -19.32 3.61 -7.41
CA GLY E 74 -19.79 2.51 -8.22
C GLY E 74 -20.78 2.87 -9.31
N ALA E 75 -21.28 4.10 -9.30
CA ALA E 75 -22.25 4.55 -10.31
C ALA E 75 -21.68 4.54 -11.73
N ILE E 76 -22.48 4.07 -12.68
CA ILE E 76 -22.04 4.04 -14.06
C ILE E 76 -23.16 3.99 -15.10
N VAL E 77 -22.82 4.50 -16.29
CA VAL E 77 -23.71 4.52 -17.45
C VAL E 77 -22.81 3.95 -18.54
N SER E 78 -23.09 2.74 -19.00
CA SER E 78 -22.22 2.12 -20.02
C SER E 78 -22.26 2.78 -21.40
N PRO E 79 -21.07 3.17 -21.90
CA PRO E 79 -20.96 3.82 -23.22
C PRO E 79 -21.45 2.96 -24.39
N TRP E 80 -21.12 1.67 -24.39
CA TRP E 80 -21.54 0.80 -25.48
C TRP E 80 -23.06 0.63 -25.54
N ARG E 81 -23.76 1.16 -24.54
CA ARG E 81 -25.22 1.08 -24.51
C ARG E 81 -25.81 2.45 -24.79
N LEU E 82 -25.10 3.50 -24.40
CA LEU E 82 -25.58 4.85 -24.62
C LEU E 82 -25.83 5.10 -26.12
N LYS E 83 -25.14 4.37 -26.97
CA LYS E 83 -25.31 4.55 -28.41
C LYS E 83 -26.70 4.10 -28.87
N SER E 84 -27.27 3.14 -28.16
CA SER E 84 -28.61 2.66 -28.48
C SER E 84 -29.60 3.62 -27.84
N GLY E 85 -29.08 4.69 -27.23
CA GLY E 85 -29.91 5.69 -26.59
C GLY E 85 -30.20 5.39 -25.13
N ASP E 86 -29.50 4.40 -24.57
CA ASP E 86 -29.69 3.99 -23.19
C ASP E 86 -28.77 4.73 -22.22
N ALA E 87 -29.32 5.71 -21.53
CA ALA E 87 -28.56 6.52 -20.57
C ALA E 87 -28.86 6.08 -19.15
N SER E 88 -29.36 4.86 -19.00
CA SER E 88 -29.69 4.34 -17.70
C SER E 88 -28.49 4.37 -16.76
N LEU E 89 -28.77 4.61 -15.49
CA LEU E 89 -27.78 4.70 -14.45
C LEU E 89 -27.73 3.41 -13.60
N ARG E 90 -26.58 2.76 -13.57
CA ARG E 90 -26.44 1.55 -12.75
C ARG E 90 -25.82 1.89 -11.40
N LEU E 91 -26.49 1.47 -10.32
CA LEU E 91 -26.03 1.69 -8.96
C LEU E 91 -25.84 0.37 -8.23
N PRO E 92 -24.59 -0.07 -8.03
CA PRO E 92 -24.27 -1.32 -7.34
C PRO E 92 -24.72 -1.28 -5.89
N GLY E 93 -25.20 -2.41 -5.38
CA GLY E 93 -25.65 -2.49 -4.00
C GLY E 93 -26.31 -1.27 -3.39
N ILE E 94 -27.50 -0.95 -3.88
CA ILE E 94 -28.21 0.22 -3.38
C ILE E 94 -28.57 0.08 -1.90
N GLN E 95 -28.71 1.22 -1.21
CA GLN E 95 -29.03 1.22 0.21
C GLN E 95 -30.33 1.94 0.49
N LEU E 96 -30.87 1.74 1.69
CA LEU E 96 -32.14 2.34 2.08
C LEU E 96 -32.24 3.86 1.94
N GLU E 97 -31.18 4.57 2.31
CA GLU E 97 -31.18 6.02 2.23
C GLU E 97 -31.03 6.57 0.81
N GLU E 98 -30.92 5.70 -0.18
CA GLU E 98 -30.76 6.15 -1.55
C GLU E 98 -32.10 6.28 -2.29
N ALA E 99 -33.19 6.00 -1.59
CA ALA E 99 -34.52 6.14 -2.19
C ALA E 99 -34.78 7.61 -2.35
N GLY E 100 -35.45 7.98 -3.44
CA GLY E 100 -35.73 9.38 -3.68
C GLY E 100 -36.10 9.62 -5.13
N GLU E 101 -36.00 10.87 -5.55
CA GLU E 101 -36.32 11.22 -6.92
C GLU E 101 -35.01 11.37 -7.69
N TYR E 102 -34.87 10.63 -8.78
CA TYR E 102 -33.68 10.71 -9.62
C TYR E 102 -34.05 11.43 -10.90
N ARG E 103 -33.14 12.28 -11.38
CA ARG E 103 -33.39 13.04 -12.59
C ARG E 103 -32.27 12.81 -13.59
N CYS E 104 -32.69 12.58 -14.84
CA CYS E 104 -31.78 12.32 -15.95
C CYS E 104 -31.84 13.49 -16.91
N GLU E 105 -30.74 14.24 -16.99
CA GLU E 105 -30.68 15.40 -17.86
C GLU E 105 -29.77 15.17 -19.06
N VAL E 106 -30.36 15.24 -20.26
CA VAL E 106 -29.60 15.00 -21.48
C VAL E 106 -29.35 16.26 -22.29
N VAL E 107 -28.10 16.46 -22.67
CA VAL E 107 -27.72 17.63 -23.44
C VAL E 107 -27.06 17.21 -24.75
N VAL E 108 -27.69 17.63 -25.85
CA VAL E 108 -27.16 17.37 -27.19
C VAL E 108 -27.25 18.75 -27.82
N THR E 109 -26.37 19.63 -27.35
CA THR E 109 -26.29 21.01 -27.78
C THR E 109 -26.80 21.28 -29.21
N PRO E 110 -27.69 22.29 -29.36
CA PRO E 110 -28.21 23.17 -28.31
C PRO E 110 -29.49 22.65 -27.64
N LEU E 111 -29.81 21.37 -27.87
CA LEU E 111 -30.99 20.75 -27.28
C LEU E 111 -30.75 20.19 -25.88
N LYS E 112 -31.78 20.24 -25.05
CA LYS E 112 -31.72 19.73 -23.70
C LYS E 112 -33.06 19.05 -23.38
N ALA E 113 -33.01 17.94 -22.66
CA ALA E 113 -34.23 17.21 -22.29
C ALA E 113 -34.01 16.51 -20.95
N GLN E 114 -35.09 16.18 -20.26
CA GLN E 114 -34.95 15.51 -18.97
C GLN E 114 -36.16 14.73 -18.53
N GLY E 115 -35.97 13.96 -17.46
CA GLY E 115 -37.05 13.16 -16.90
C GLY E 115 -36.68 12.78 -15.49
N THR E 116 -37.69 12.54 -14.66
CA THR E 116 -37.45 12.14 -13.28
C THR E 116 -38.23 10.88 -12.99
N VAL E 117 -37.77 10.11 -12.02
CA VAL E 117 -38.40 8.85 -11.63
C VAL E 117 -38.22 8.69 -10.13
N GLN E 118 -39.14 7.97 -9.51
CA GLN E 118 -39.08 7.73 -8.07
C GLN E 118 -38.49 6.36 -7.85
N LEU E 119 -37.51 6.25 -6.95
CA LEU E 119 -36.92 4.96 -6.67
C LEU E 119 -37.28 4.59 -5.24
N GLU E 120 -37.82 3.40 -5.04
CA GLU E 120 -38.15 2.95 -3.70
C GLU E 120 -37.25 1.77 -3.44
N VAL E 121 -36.69 1.69 -2.24
CA VAL E 121 -35.82 0.58 -1.89
C VAL E 121 -36.54 -0.23 -0.81
N VAL E 122 -36.76 -1.51 -1.08
CA VAL E 122 -37.47 -2.37 -0.15
C VAL E 122 -36.71 -3.63 0.26
N ALA E 123 -37.05 -4.15 1.44
CA ALA E 123 -36.43 -5.36 1.96
C ALA E 123 -37.51 -6.39 2.23
N SER E 124 -37.42 -7.55 1.59
CA SER E 124 -38.39 -8.63 1.77
C SER E 124 -38.35 -9.23 3.17
N PRO E 125 -39.51 -9.56 3.74
CA PRO E 125 -39.60 -10.15 5.08
C PRO E 125 -39.11 -11.58 5.10
N ALA E 126 -38.38 -11.92 6.16
CA ALA E 126 -37.88 -13.27 6.37
C ALA E 126 -38.82 -13.82 7.43
N SER E 127 -39.74 -14.69 7.03
CA SER E 127 -40.70 -15.25 7.98
C SER E 127 -40.31 -16.61 8.54
N ARG E 128 -40.27 -16.70 9.86
CA ARG E 128 -39.91 -17.94 10.54
C ARG E 128 -41.04 -18.40 11.47
N LEU E 129 -41.42 -19.66 11.31
CA LEU E 129 -42.49 -20.25 12.12
C LEU E 129 -41.90 -21.22 13.14
N LEU E 130 -42.17 -20.97 14.42
CA LEU E 130 -41.66 -21.81 15.49
C LEU E 130 -42.74 -22.15 16.52
N LEU E 131 -42.60 -23.33 17.12
CA LEU E 131 -43.54 -23.79 18.14
C LEU E 131 -42.92 -23.54 19.51
N ASP E 132 -43.72 -23.03 20.43
CA ASP E 132 -43.27 -22.72 21.78
C ASP E 132 -42.70 -23.96 22.48
N GLU E 140 -53.01 -24.31 24.83
CA GLU E 140 -52.67 -25.74 24.62
C GLU E 140 -51.53 -25.88 23.61
N ASP E 141 -51.38 -24.86 22.76
CA ASP E 141 -50.33 -24.84 21.74
C ASP E 141 -50.09 -23.41 21.30
N LYS E 142 -48.97 -22.85 21.73
CA LYS E 142 -48.61 -21.48 21.39
C LYS E 142 -47.68 -21.46 20.18
N TYR E 143 -48.12 -20.78 19.12
CA TYR E 143 -47.34 -20.67 17.89
C TYR E 143 -46.87 -19.23 17.71
N MET E 144 -45.60 -19.08 17.34
CA MET E 144 -45.04 -17.75 17.14
C MET E 144 -44.46 -17.64 15.72
N CYS E 145 -44.88 -16.61 15.01
CA CYS E 145 -44.42 -16.37 13.66
C CYS E 145 -43.61 -15.08 13.61
N GLU E 146 -42.32 -15.22 13.33
CA GLU E 146 -41.45 -14.05 13.27
C GLU E 146 -40.98 -13.74 11.86
N SER E 147 -41.41 -12.59 11.35
CA SER E 147 -40.98 -12.15 10.03
C SER E 147 -39.98 -11.03 10.35
N SER E 148 -38.77 -11.13 9.80
CA SER E 148 -37.73 -10.16 10.09
C SER E 148 -37.02 -9.57 8.88
N GLY E 149 -36.35 -8.45 9.12
CA GLY E 149 -35.60 -7.80 8.07
C GLY E 149 -36.43 -7.36 6.89
N PHE E 150 -37.36 -6.44 7.13
CA PHE E 150 -38.21 -5.96 6.06
C PHE E 150 -38.32 -4.45 6.10
N TYR E 151 -38.51 -3.85 4.92
CA TYR E 151 -38.65 -2.40 4.81
C TYR E 151 -39.57 -2.12 3.63
N PRO E 152 -40.49 -1.16 3.77
CA PRO E 152 -40.78 -0.32 4.94
C PRO E 152 -41.34 -1.02 6.18
N GLU E 153 -41.82 -0.21 7.11
CA GLU E 153 -42.36 -0.70 8.37
C GLU E 153 -43.71 -1.42 8.22
N ALA E 154 -44.66 -0.74 7.55
CA ALA E 154 -45.97 -1.31 7.33
C ALA E 154 -45.88 -2.77 6.90
N ILE E 155 -46.63 -3.63 7.59
CA ILE E 155 -46.62 -5.05 7.29
C ILE E 155 -47.81 -5.70 7.97
N ASN E 156 -48.59 -6.48 7.20
CA ASN E 156 -49.76 -7.14 7.77
C ASN E 156 -49.57 -8.63 7.93
N ILE E 157 -49.52 -9.09 9.18
CA ILE E 157 -49.37 -10.51 9.49
C ILE E 157 -50.74 -11.04 9.90
N THR E 158 -51.12 -12.19 9.35
CA THR E 158 -52.41 -12.79 9.69
C THR E 158 -52.27 -14.30 9.77
N TRP E 159 -53.33 -14.97 10.24
CA TRP E 159 -53.32 -16.42 10.34
C TRP E 159 -54.60 -16.95 9.70
N GLU E 160 -54.50 -18.10 9.05
CA GLU E 160 -55.69 -18.68 8.46
C GLU E 160 -55.64 -20.19 8.56
N LYS E 161 -56.82 -20.82 8.44
CA LYS E 161 -56.91 -22.26 8.54
C LYS E 161 -57.88 -22.82 7.53
N GLN E 162 -57.60 -24.03 7.08
CA GLN E 162 -58.45 -24.72 6.12
C GLN E 162 -58.78 -26.10 6.68
N THR E 163 -60.04 -26.31 7.04
CA THR E 163 -60.43 -27.61 7.58
C THR E 163 -60.99 -28.42 6.43
N GLN E 164 -60.95 -29.74 6.56
CA GLN E 164 -61.48 -30.62 5.53
C GLN E 164 -62.94 -30.28 5.23
N LYS E 165 -63.64 -29.81 6.24
CA LYS E 165 -65.04 -29.43 6.12
C LYS E 165 -65.17 -28.20 5.23
N PHE E 166 -64.49 -27.12 5.62
CA PHE E 166 -64.49 -25.87 4.86
C PHE E 166 -63.05 -25.62 4.42
N PRO E 167 -62.66 -26.19 3.27
CA PRO E 167 -61.30 -26.04 2.74
C PRO E 167 -60.92 -24.62 2.35
N HIS E 168 -61.92 -23.73 2.22
CA HIS E 168 -61.64 -22.35 1.87
C HIS E 168 -60.93 -21.69 3.04
N PRO E 169 -59.74 -21.11 2.80
CA PRO E 169 -58.99 -20.47 3.88
C PRO E 169 -59.78 -19.37 4.58
N ILE E 170 -59.91 -19.48 5.89
CA ILE E 170 -60.63 -18.49 6.67
C ILE E 170 -59.65 -17.89 7.66
N GLU E 171 -59.76 -16.58 7.85
CA GLU E 171 -58.86 -15.87 8.74
C GLU E 171 -59.14 -16.08 10.22
N ILE E 172 -58.10 -16.43 10.96
CA ILE E 172 -58.18 -16.67 12.40
C ILE E 172 -57.98 -15.36 13.16
N SER E 173 -59.05 -14.83 13.76
CA SER E 173 -58.97 -13.59 14.52
C SER E 173 -59.38 -13.80 15.98
N GLU E 174 -58.77 -14.80 16.61
CA GLU E 174 -59.04 -15.13 18.01
C GLU E 174 -57.80 -15.81 18.61
N ASP E 175 -57.44 -15.41 19.83
CA ASP E 175 -56.27 -15.97 20.51
C ASP E 175 -54.99 -15.69 19.74
N VAL E 176 -54.98 -14.59 18.99
CA VAL E 176 -53.82 -14.20 18.21
C VAL E 176 -53.37 -12.80 18.58
N ILE E 177 -52.15 -12.69 19.10
CA ILE E 177 -51.60 -11.40 19.47
C ILE E 177 -50.40 -11.05 18.59
N THR E 178 -50.54 -9.95 17.85
CA THR E 178 -49.48 -9.49 16.97
C THR E 178 -48.72 -8.38 17.69
N GLY E 179 -47.47 -8.65 18.03
CA GLY E 179 -46.63 -7.70 18.75
C GLY E 179 -46.25 -6.44 18.00
N PRO E 180 -45.64 -5.46 18.69
CA PRO E 180 -45.24 -4.21 18.05
C PRO E 180 -44.07 -4.42 17.09
N THR E 181 -44.02 -3.59 16.06
CA THR E 181 -42.95 -3.66 15.06
C THR E 181 -41.75 -2.87 15.57
N ILE E 182 -40.66 -3.57 15.88
CA ILE E 182 -39.45 -2.95 16.39
C ILE E 182 -38.43 -2.61 15.28
N LYS E 183 -37.86 -1.42 15.35
CA LYS E 183 -36.86 -0.97 14.36
C LYS E 183 -35.47 -1.49 14.68
N ASN E 184 -34.78 -2.01 13.67
CA ASN E 184 -33.42 -2.52 13.87
C ASN E 184 -32.39 -1.45 13.57
N MET E 185 -31.11 -1.77 13.82
CA MET E 185 -30.03 -0.81 13.58
C MET E 185 -29.82 -0.52 12.10
N ASP E 186 -29.81 -1.58 11.29
CA ASP E 186 -29.61 -1.44 9.84
C ASP E 186 -30.83 -0.87 9.13
N GLY E 187 -31.64 -0.11 9.88
CA GLY E 187 -32.82 0.52 9.32
C GLY E 187 -34.00 -0.39 9.02
N THR E 188 -33.72 -1.69 8.96
CA THR E 188 -34.73 -2.71 8.67
C THR E 188 -35.71 -2.84 9.86
N PHE E 189 -36.74 -3.66 9.69
CA PHE E 189 -37.75 -3.86 10.73
C PHE E 189 -38.01 -5.30 11.18
N ASN E 190 -38.79 -5.43 12.25
CA ASN E 190 -39.13 -6.72 12.84
C ASN E 190 -40.51 -6.71 13.45
N VAL E 191 -41.13 -7.89 13.46
CA VAL E 191 -42.45 -8.07 14.04
C VAL E 191 -42.67 -9.56 14.23
N THR E 192 -43.34 -9.93 15.32
CA THR E 192 -43.65 -11.33 15.60
C THR E 192 -45.12 -11.43 16.00
N SER E 193 -45.80 -12.49 15.56
CA SER E 193 -47.21 -12.68 15.90
C SER E 193 -47.37 -14.03 16.56
N CYS E 194 -48.25 -14.11 17.55
CA CYS E 194 -48.48 -15.36 18.27
C CYS E 194 -49.93 -15.82 18.22
N LEU E 195 -50.13 -17.10 17.94
CA LEU E 195 -51.45 -17.71 17.87
C LEU E 195 -51.53 -18.90 18.83
N LYS E 196 -52.54 -18.89 19.70
CA LYS E 196 -52.77 -19.96 20.67
C LYS E 196 -53.89 -20.88 20.18
N LEU E 197 -53.53 -22.12 19.85
CA LEU E 197 -54.51 -23.10 19.37
C LEU E 197 -54.79 -24.19 20.39
N ASN E 198 -56.06 -24.50 20.58
CA ASN E 198 -56.46 -25.55 21.52
C ASN E 198 -56.94 -26.78 20.77
N SER E 199 -56.15 -27.85 20.81
CA SER E 199 -56.49 -29.11 20.13
C SER E 199 -57.94 -29.53 20.34
N SER E 200 -58.41 -29.38 21.57
CA SER E 200 -59.77 -29.76 21.94
C SER E 200 -60.83 -29.08 21.07
N GLN E 201 -60.57 -27.84 20.69
CA GLN E 201 -61.49 -27.06 19.88
C GLN E 201 -61.29 -27.16 18.37
N GLU E 202 -60.16 -27.72 17.93
CA GLU E 202 -59.87 -27.84 16.51
C GLU E 202 -60.26 -29.18 15.89
N ASP E 203 -60.61 -29.12 14.61
CA ASP E 203 -61.00 -30.31 13.85
C ASP E 203 -59.76 -31.11 13.49
N PRO E 204 -59.94 -32.39 13.14
CA PRO E 204 -58.79 -33.23 12.77
C PRO E 204 -58.15 -32.76 11.45
N GLY E 205 -56.83 -32.87 11.36
CA GLY E 205 -56.13 -32.50 10.14
C GLY E 205 -56.34 -31.11 9.54
N THR E 206 -56.60 -30.12 10.38
CA THR E 206 -56.76 -28.76 9.88
C THR E 206 -55.40 -28.22 9.46
N VAL E 207 -55.36 -27.50 8.34
CA VAL E 207 -54.11 -26.92 7.87
C VAL E 207 -54.09 -25.44 8.25
N TYR E 208 -53.07 -25.03 9.00
CA TYR E 208 -52.96 -23.64 9.40
C TYR E 208 -51.79 -23.01 8.67
N GLN E 209 -51.65 -21.70 8.82
CA GLN E 209 -50.56 -21.01 8.19
C GLN E 209 -50.48 -19.54 8.59
N CYS E 210 -49.25 -19.07 8.70
CA CYS E 210 -48.97 -17.68 9.04
C CYS E 210 -48.91 -16.99 7.69
N VAL E 211 -49.68 -15.92 7.53
CA VAL E 211 -49.71 -15.20 6.25
C VAL E 211 -49.14 -13.79 6.38
N VAL E 212 -48.06 -13.53 5.63
CA VAL E 212 -47.39 -12.24 5.65
C VAL E 212 -47.57 -11.43 4.37
N ARG E 213 -48.15 -10.24 4.51
CA ARG E 213 -48.34 -9.35 3.38
C ARG E 213 -47.44 -8.14 3.55
N HIS E 214 -46.69 -7.82 2.50
CA HIS E 214 -45.76 -6.70 2.55
C HIS E 214 -45.46 -6.15 1.17
N ALA E 215 -45.19 -4.84 1.10
CA ALA E 215 -44.91 -4.14 -0.15
C ALA E 215 -43.84 -4.75 -1.04
N SER E 216 -42.92 -5.50 -0.45
CA SER E 216 -41.86 -6.11 -1.23
C SER E 216 -42.27 -7.44 -1.84
N LEU E 217 -43.49 -7.87 -1.55
CA LEU E 217 -44.01 -9.16 -2.04
C LEU E 217 -45.16 -9.01 -3.02
N HIS E 218 -45.18 -9.80 -4.09
CA HIS E 218 -46.27 -9.70 -5.05
C HIS E 218 -47.45 -10.60 -4.64
N THR E 219 -47.18 -11.53 -3.72
CA THR E 219 -48.19 -12.44 -3.17
C THR E 219 -47.74 -12.77 -1.76
N PRO E 220 -48.69 -12.98 -0.84
CA PRO E 220 -48.41 -13.31 0.56
C PRO E 220 -47.37 -14.42 0.78
N LEU E 221 -46.60 -14.28 1.85
CA LEU E 221 -45.59 -15.26 2.22
C LEU E 221 -46.20 -16.17 3.27
N ARG E 222 -46.55 -17.40 2.86
CA ARG E 222 -47.19 -18.37 3.74
C ARG E 222 -46.29 -19.42 4.36
N SER E 223 -46.69 -19.89 5.54
CA SER E 223 -45.94 -20.92 6.27
C SER E 223 -46.88 -22.03 6.76
N ASN E 224 -46.76 -23.21 6.15
CA ASN E 224 -47.58 -24.38 6.49
C ASN E 224 -47.30 -24.96 7.86
N PHE E 225 -48.29 -25.70 8.36
CA PHE E 225 -48.21 -26.40 9.64
C PHE E 225 -49.56 -26.95 10.08
N THR E 226 -49.51 -28.13 10.70
CA THR E 226 -50.70 -28.80 11.19
C THR E 226 -50.36 -29.33 12.57
N LEU E 227 -51.36 -29.37 13.45
CA LEU E 227 -51.14 -29.87 14.79
C LEU E 227 -50.80 -31.36 14.75
N THR E 228 -49.91 -31.78 15.64
CA THR E 228 -49.46 -33.17 15.75
C THR E 228 -48.17 -33.18 16.57
N MET F 6 31.74 -11.95 32.99
CA MET F 6 32.85 -12.02 33.98
C MET F 6 34.10 -12.70 33.40
N ASP F 7 34.09 -14.03 33.39
CA ASP F 7 35.20 -14.81 32.85
C ASP F 7 35.39 -14.56 31.35
N LEU F 8 34.30 -14.21 30.67
CA LEU F 8 34.32 -13.95 29.23
C LEU F 8 33.53 -12.69 28.89
N LYS F 9 34.19 -11.74 28.24
CA LYS F 9 33.55 -10.49 27.85
C LYS F 9 33.90 -10.06 26.42
N VAL F 10 33.12 -9.12 25.89
CA VAL F 10 33.34 -8.61 24.56
C VAL F 10 33.48 -7.10 24.61
N GLU F 11 34.35 -6.56 23.77
CA GLU F 11 34.57 -5.12 23.75
C GLU F 11 34.46 -4.67 22.30
N MET F 12 33.59 -3.70 22.03
CA MET F 12 33.41 -3.17 20.68
C MET F 12 33.98 -1.76 20.62
N MET F 13 33.89 -1.14 19.45
CA MET F 13 34.38 0.22 19.25
C MET F 13 33.91 1.16 20.36
N ALA F 14 34.83 2.00 20.84
CA ALA F 14 34.48 2.95 21.89
C ALA F 14 33.50 3.93 21.27
N GLY F 15 32.42 4.21 21.99
CA GLY F 15 31.42 5.13 21.46
C GLY F 15 30.26 4.42 20.76
N GLY F 16 30.50 3.19 20.33
CA GLY F 16 29.45 2.41 19.67
C GLY F 16 29.21 2.62 18.18
N THR F 17 30.03 3.43 17.52
CA THR F 17 29.83 3.68 16.11
C THR F 17 31.13 3.71 15.30
N GLN F 18 31.11 3.08 14.13
CA GLN F 18 32.26 3.11 13.27
C GLN F 18 31.79 3.70 11.96
N ILE F 19 32.48 4.71 11.46
CA ILE F 19 32.12 5.29 10.18
C ILE F 19 33.09 4.69 9.18
N THR F 20 32.62 4.48 7.95
CA THR F 20 33.49 3.93 6.93
C THR F 20 33.06 4.40 5.54
N PRO F 21 34.03 4.74 4.70
CA PRO F 21 33.73 5.21 3.35
C PRO F 21 33.17 4.10 2.45
N LEU F 22 32.49 4.49 1.39
CA LEU F 22 31.91 3.56 0.42
C LEU F 22 33.02 2.88 -0.42
N ASN F 23 32.80 1.63 -0.79
CA ASN F 23 33.76 0.85 -1.59
C ASN F 23 35.06 0.58 -0.85
N ASP F 24 35.09 0.92 0.42
CA ASP F 24 36.26 0.72 1.26
C ASP F 24 36.13 -0.67 1.88
N ASN F 25 37.19 -1.14 2.50
CA ASN F 25 37.14 -2.43 3.19
C ASN F 25 37.08 -1.99 4.63
N VAL F 26 36.21 -2.57 5.43
CA VAL F 26 36.09 -2.15 6.82
C VAL F 26 36.21 -3.31 7.77
N THR F 27 36.75 -3.05 8.95
CA THR F 27 36.90 -4.06 9.97
C THR F 27 36.05 -3.64 11.15
N ILE F 28 35.03 -4.43 11.46
CA ILE F 28 34.16 -4.14 12.58
C ILE F 28 34.78 -4.84 13.77
N PHE F 29 35.28 -4.07 14.72
CA PHE F 29 35.95 -4.63 15.87
C PHE F 29 35.13 -5.42 16.86
N CYS F 30 35.77 -6.43 17.44
CA CYS F 30 35.17 -7.29 18.43
C CYS F 30 36.32 -8.02 19.14
N ASN F 31 36.75 -7.46 20.26
CA ASN F 31 37.84 -8.04 21.03
C ASN F 31 37.35 -8.96 22.14
N ILE F 32 37.91 -10.16 22.21
CA ILE F 32 37.54 -11.14 23.20
C ILE F 32 38.47 -11.10 24.41
N PHE F 33 37.90 -11.19 25.60
CA PHE F 33 38.69 -11.21 26.83
C PHE F 33 38.26 -12.42 27.64
N TYR F 34 39.20 -13.36 27.83
CA TYR F 34 38.93 -14.59 28.56
C TYR F 34 39.85 -14.71 29.77
N SER F 35 39.40 -15.43 30.80
CA SER F 35 40.18 -15.63 32.01
C SER F 35 41.30 -16.62 31.75
N GLN F 36 41.05 -17.58 30.86
CA GLN F 36 42.02 -18.61 30.52
C GLN F 36 42.62 -18.35 29.15
N PRO F 37 43.59 -19.19 28.74
CA PRO F 37 44.21 -19.02 27.43
C PRO F 37 43.19 -19.41 26.36
N LEU F 38 43.16 -18.64 25.28
CA LEU F 38 42.21 -18.90 24.20
C LEU F 38 42.54 -20.14 23.38
N ASN F 39 41.66 -21.14 23.47
CA ASN F 39 41.83 -22.37 22.70
C ASN F 39 40.91 -22.19 21.50
N ILE F 40 41.43 -21.47 20.51
CA ILE F 40 40.73 -21.14 19.27
C ILE F 40 39.84 -22.23 18.66
N THR F 41 40.24 -23.49 18.77
CA THR F 41 39.47 -24.58 18.19
C THR F 41 38.17 -24.90 18.94
N SER F 42 38.09 -24.52 20.21
CA SER F 42 36.88 -24.79 20.98
C SER F 42 36.10 -23.51 21.23
N MET F 43 36.25 -22.56 20.31
CA MET F 43 35.58 -21.27 20.41
C MET F 43 34.62 -21.01 19.25
N GLY F 44 33.54 -20.29 19.51
CA GLY F 44 32.58 -20.00 18.47
C GLY F 44 32.31 -18.51 18.30
N ILE F 45 32.21 -18.07 17.04
CA ILE F 45 31.96 -16.67 16.73
C ILE F 45 30.84 -16.60 15.71
N THR F 46 29.98 -15.59 15.85
CA THR F 46 28.90 -15.41 14.90
C THR F 46 28.60 -13.92 14.77
N TRP F 47 28.56 -13.42 13.55
CA TRP F 47 28.26 -12.01 13.32
C TRP F 47 26.90 -11.85 12.69
N PHE F 48 26.09 -10.98 13.28
CA PHE F 48 24.76 -10.72 12.75
C PHE F 48 24.69 -9.28 12.26
N TRP F 49 23.71 -9.03 11.41
CA TRP F 49 23.49 -7.70 10.90
C TRP F 49 22.00 -7.43 11.02
N LYS F 50 21.65 -6.24 11.48
CA LYS F 50 20.26 -5.86 11.59
C LYS F 50 20.13 -4.54 10.87
N SER F 51 19.10 -4.40 10.05
CA SER F 51 18.89 -3.15 9.35
C SER F 51 18.35 -2.11 10.33
N LEU F 52 18.67 -0.83 10.11
CA LEU F 52 18.15 0.19 10.99
C LEU F 52 16.72 0.54 10.59
N THR F 53 16.43 0.47 9.29
CA THR F 53 15.10 0.78 8.76
C THR F 53 14.05 -0.29 9.08
N PHE F 54 14.46 -1.56 9.02
CA PHE F 54 13.58 -2.68 9.33
C PHE F 54 14.19 -3.36 10.54
N ASP F 55 13.39 -4.03 11.35
CA ASP F 55 13.95 -4.70 12.50
C ASP F 55 14.11 -6.17 12.18
N LYS F 56 15.04 -6.45 11.28
CA LYS F 56 15.31 -7.82 10.86
C LYS F 56 16.80 -8.09 10.81
N GLU F 57 17.21 -9.10 11.55
CA GLU F 57 18.60 -9.48 11.66
C GLU F 57 18.87 -10.73 10.84
N VAL F 58 20.06 -10.81 10.28
CA VAL F 58 20.45 -11.97 9.47
C VAL F 58 21.89 -12.38 9.81
N LYS F 59 22.15 -13.69 9.81
CA LYS F 59 23.49 -14.17 10.07
C LYS F 59 24.35 -13.65 8.93
N VAL F 60 25.54 -13.17 9.25
CA VAL F 60 26.46 -12.63 8.25
C VAL F 60 27.72 -13.49 8.08
N PHE F 61 28.20 -14.06 9.19
CA PHE F 61 29.41 -14.89 9.19
C PHE F 61 29.42 -15.76 10.43
N GLU F 62 29.96 -16.96 10.31
CA GLU F 62 30.02 -17.84 11.46
C GLU F 62 31.34 -18.61 11.53
N PHE F 63 31.91 -18.71 12.72
CA PHE F 63 33.14 -19.43 12.93
C PHE F 63 32.85 -20.61 13.82
N PHE F 64 33.18 -21.81 13.33
CA PHE F 64 32.93 -23.06 14.04
C PHE F 64 34.21 -23.67 14.63
N GLY F 65 35.18 -22.83 14.98
CA GLY F 65 36.42 -23.34 15.56
C GLY F 65 37.42 -23.95 14.58
N ASP F 66 36.98 -24.98 13.85
CA ASP F 66 37.84 -25.66 12.89
C ASP F 66 37.70 -25.09 11.47
N HIS F 67 36.61 -24.37 11.24
CA HIS F 67 36.37 -23.78 9.93
C HIS F 67 35.35 -22.64 10.05
N GLN F 68 35.03 -22.01 8.93
CA GLN F 68 34.08 -20.92 8.94
C GLN F 68 33.26 -20.83 7.66
N GLU F 69 32.18 -20.05 7.72
CA GLU F 69 31.29 -19.87 6.59
C GLU F 69 30.86 -18.41 6.52
N ALA F 70 30.86 -17.85 5.31
CA ALA F 70 30.47 -16.45 5.12
C ALA F 70 29.17 -16.34 4.32
N PHE F 71 28.19 -15.62 4.87
CA PHE F 71 26.92 -15.43 4.22
C PHE F 71 26.94 -14.14 3.41
N ARG F 72 27.81 -13.22 3.83
CA ARG F 72 28.01 -11.95 3.15
C ARG F 72 29.33 -12.22 2.42
N PRO F 73 29.29 -12.32 1.09
CA PRO F 73 30.49 -12.59 0.29
C PRO F 73 31.72 -11.77 0.63
N GLY F 74 32.84 -12.46 0.86
CA GLY F 74 34.08 -11.79 1.19
C GLY F 74 34.27 -11.58 2.67
N ALA F 75 33.20 -11.77 3.44
CA ALA F 75 33.26 -11.61 4.89
C ALA F 75 34.31 -12.55 5.43
N ILE F 76 35.02 -12.13 6.47
CA ILE F 76 36.06 -12.97 7.01
C ILE F 76 36.55 -12.57 8.40
N VAL F 77 36.98 -13.57 9.16
CA VAL F 77 37.54 -13.38 10.49
C VAL F 77 38.80 -14.24 10.45
N SER F 78 39.97 -13.60 10.43
CA SER F 78 41.24 -14.32 10.34
C SER F 78 41.63 -15.04 11.62
N PRO F 79 41.92 -16.35 11.51
CA PRO F 79 42.30 -17.15 12.68
C PRO F 79 43.69 -16.80 13.24
N TRP F 80 44.61 -16.41 12.37
CA TRP F 80 45.95 -16.05 12.81
C TRP F 80 45.88 -14.89 13.80
N ARG F 81 44.74 -14.20 13.82
CA ARG F 81 44.54 -13.06 14.72
C ARG F 81 43.54 -13.33 15.83
N LEU F 82 42.61 -14.26 15.59
CA LEU F 82 41.62 -14.58 16.60
C LEU F 82 42.27 -15.07 17.89
N LYS F 83 43.49 -15.59 17.78
CA LYS F 83 44.22 -16.10 18.95
C LYS F 83 44.57 -14.99 19.92
N SER F 84 44.74 -13.77 19.41
CA SER F 84 45.04 -12.62 20.27
C SER F 84 43.70 -12.13 20.82
N GLY F 85 42.63 -12.82 20.43
CA GLY F 85 41.29 -12.46 20.87
C GLY F 85 40.65 -11.45 19.94
N ASP F 86 41.13 -11.41 18.70
CA ASP F 86 40.61 -10.48 17.69
C ASP F 86 39.57 -11.21 16.84
N ALA F 87 38.30 -10.94 17.10
CA ALA F 87 37.22 -11.57 16.36
C ALA F 87 36.58 -10.56 15.43
N SER F 88 37.34 -9.53 15.06
CA SER F 88 36.82 -8.49 14.19
C SER F 88 36.36 -9.08 12.86
N LEU F 89 35.32 -8.48 12.30
CA LEU F 89 34.76 -8.92 11.04
C LEU F 89 35.26 -8.04 9.92
N ARG F 90 35.95 -8.61 8.94
CA ARG F 90 36.45 -7.83 7.81
C ARG F 90 35.52 -7.99 6.61
N LEU F 91 34.99 -6.87 6.14
CA LEU F 91 34.06 -6.82 5.01
C LEU F 91 34.62 -5.94 3.90
N PRO F 92 35.09 -6.55 2.81
CA PRO F 92 35.65 -5.79 1.68
C PRO F 92 34.61 -5.12 0.78
N GLY F 93 34.97 -3.98 0.22
CA GLY F 93 34.08 -3.25 -0.66
C GLY F 93 32.68 -3.08 -0.08
N ILE F 94 32.63 -2.48 1.11
CA ILE F 94 31.38 -2.25 1.83
C ILE F 94 30.47 -1.33 1.02
N GLN F 95 29.17 -1.57 1.08
CA GLN F 95 28.21 -0.76 0.32
C GLN F 95 27.25 0.00 1.24
N LEU F 96 26.64 1.06 0.71
CA LEU F 96 25.69 1.88 1.46
C LEU F 96 24.61 1.08 2.21
N GLU F 97 24.02 0.11 1.54
CA GLU F 97 22.97 -0.70 2.15
C GLU F 97 23.46 -1.57 3.32
N GLU F 98 24.77 -1.57 3.57
CA GLU F 98 25.29 -2.41 4.63
C GLU F 98 25.42 -1.68 5.97
N ALA F 99 25.06 -0.40 6.00
CA ALA F 99 25.07 0.33 7.25
C ALA F 99 24.00 -0.37 8.09
N GLY F 100 24.12 -0.30 9.39
CA GLY F 100 23.14 -0.97 10.23
C GLY F 100 23.80 -1.36 11.54
N GLU F 101 23.14 -2.20 12.31
CA GLU F 101 23.67 -2.63 13.59
C GLU F 101 24.27 -4.03 13.51
N TYR F 102 25.56 -4.12 13.81
CA TYR F 102 26.29 -5.39 13.80
C TYR F 102 26.45 -5.95 15.19
N ARG F 103 26.20 -7.24 15.34
CA ARG F 103 26.32 -7.88 16.64
C ARG F 103 27.32 -9.03 16.60
N CYS F 104 28.24 -9.02 17.57
CA CYS F 104 29.28 -10.02 17.69
C CYS F 104 28.97 -10.97 18.85
N GLU F 105 28.67 -12.22 18.54
CA GLU F 105 28.33 -13.21 19.54
C GLU F 105 29.43 -14.26 19.69
N VAL F 106 30.05 -14.30 20.87
CA VAL F 106 31.13 -15.23 21.18
C VAL F 106 30.72 -16.32 22.17
N VAL F 107 30.99 -17.58 21.85
CA VAL F 107 30.64 -18.66 22.75
C VAL F 107 31.81 -19.58 23.10
N VAL F 108 32.41 -19.34 24.26
CA VAL F 108 33.51 -20.18 24.71
C VAL F 108 32.87 -21.07 25.76
N THR F 109 32.01 -21.97 25.30
CA THR F 109 31.28 -22.89 26.15
C THR F 109 32.01 -23.22 27.45
N PRO F 110 31.29 -23.28 28.57
CA PRO F 110 29.84 -23.06 28.69
C PRO F 110 29.38 -21.60 28.72
N LEU F 111 30.33 -20.66 28.66
CA LEU F 111 29.99 -19.24 28.68
C LEU F 111 29.72 -18.68 27.30
N LYS F 112 29.26 -17.43 27.27
CA LYS F 112 28.96 -16.72 26.03
C LYS F 112 28.84 -15.22 26.33
N ALA F 113 29.11 -14.40 25.32
CA ALA F 113 29.05 -12.96 25.47
C ALA F 113 28.85 -12.32 24.11
N GLN F 114 28.35 -11.10 24.10
CA GLN F 114 28.12 -10.41 22.84
C GLN F 114 28.29 -8.91 22.96
N GLY F 115 28.44 -8.27 21.81
CA GLY F 115 28.62 -6.83 21.75
C GLY F 115 27.95 -6.33 20.48
N THR F 116 27.54 -5.07 20.50
CA THR F 116 26.87 -4.48 19.34
C THR F 116 27.54 -3.18 18.94
N VAL F 117 27.50 -2.88 17.64
CA VAL F 117 28.10 -1.64 17.16
C VAL F 117 27.34 -1.16 15.93
N GLN F 118 27.20 0.15 15.78
CA GLN F 118 26.50 0.75 14.64
C GLN F 118 27.51 1.10 13.57
N LEU F 119 27.30 0.60 12.35
CA LEU F 119 28.20 0.93 11.26
C LEU F 119 27.51 1.91 10.33
N GLU F 120 28.18 3.03 10.05
CA GLU F 120 27.63 4.01 9.13
C GLU F 120 28.55 3.98 7.92
N VAL F 121 27.98 3.86 6.73
CA VAL F 121 28.76 3.85 5.50
C VAL F 121 28.51 5.18 4.79
N VAL F 122 29.56 5.98 4.62
CA VAL F 122 29.39 7.28 4.00
C VAL F 122 30.05 7.46 2.65
N ALA F 123 29.56 8.46 1.93
CA ALA F 123 30.08 8.82 0.62
C ALA F 123 30.34 10.32 0.66
N SER F 124 31.59 10.72 0.48
CA SER F 124 31.96 12.14 0.51
C SER F 124 31.43 12.94 -0.65
N PRO F 125 30.86 14.13 -0.34
CA PRO F 125 30.31 15.02 -1.35
C PRO F 125 31.38 15.77 -2.13
N ALA F 126 31.12 15.98 -3.42
CA ALA F 126 32.02 16.73 -4.28
C ALA F 126 31.45 18.14 -4.38
N SER F 127 32.27 19.15 -4.14
CA SER F 127 31.79 20.52 -4.22
C SER F 127 32.17 21.25 -5.50
N ARG F 128 31.20 21.97 -6.06
CA ARG F 128 31.38 22.71 -7.30
C ARG F 128 30.76 24.08 -7.09
N LEU F 129 31.50 25.13 -7.46
CA LEU F 129 30.98 26.48 -7.30
C LEU F 129 30.99 27.24 -8.64
N LEU F 130 29.80 27.55 -9.13
CA LEU F 130 29.66 28.27 -10.39
C LEU F 130 28.66 29.42 -10.25
N LEU F 131 28.71 30.37 -11.18
CA LEU F 131 27.80 31.52 -11.16
C LEU F 131 27.50 31.99 -12.58
N ASP F 141 25.51 39.99 -9.12
CA ASP F 141 26.10 38.63 -9.28
C ASP F 141 25.55 37.66 -8.24
N LYS F 142 25.10 36.49 -8.70
CA LYS F 142 24.54 35.46 -7.83
C LYS F 142 25.30 34.14 -8.02
N TYR F 143 25.81 33.59 -6.92
CA TYR F 143 26.56 32.34 -6.97
C TYR F 143 25.77 31.12 -6.51
N MET F 144 26.09 29.97 -7.09
CA MET F 144 25.43 28.72 -6.74
C MET F 144 26.43 27.62 -6.47
N CYS F 145 26.24 26.95 -5.33
CA CYS F 145 27.13 25.88 -4.89
C CYS F 145 26.42 24.53 -4.96
N GLU F 146 27.00 23.61 -5.72
CA GLU F 146 26.43 22.28 -5.87
C GLU F 146 27.27 21.16 -5.24
N SER F 147 26.70 20.53 -4.22
CA SER F 147 27.39 19.44 -3.53
C SER F 147 26.79 18.16 -4.11
N SER F 148 27.63 17.18 -4.45
CA SER F 148 27.11 15.95 -5.06
C SER F 148 27.74 14.61 -4.68
N GLY F 149 26.92 13.56 -4.80
CA GLY F 149 27.34 12.20 -4.53
C GLY F 149 27.58 11.85 -3.07
N PHE F 150 26.89 12.52 -2.16
CA PHE F 150 27.10 12.26 -0.75
C PHE F 150 26.01 11.38 -0.15
N TYR F 151 26.31 10.84 1.02
CA TYR F 151 25.39 9.95 1.73
C TYR F 151 25.93 9.78 3.14
N PRO F 152 25.05 9.77 4.16
CA PRO F 152 23.60 9.91 4.14
C PRO F 152 23.10 11.23 3.57
N GLU F 153 21.78 11.35 3.49
CA GLU F 153 21.13 12.54 2.96
C GLU F 153 21.41 13.83 3.72
N ALA F 154 21.47 13.73 5.04
CA ALA F 154 21.72 14.88 5.91
C ALA F 154 23.01 15.62 5.53
N ILE F 155 22.89 16.94 5.39
CA ILE F 155 24.04 17.76 5.03
C ILE F 155 23.78 19.23 5.33
N ASN F 156 24.83 19.91 5.78
CA ASN F 156 24.77 21.34 6.11
C ASN F 156 25.55 22.12 5.07
N ILE F 157 24.85 22.95 4.30
CA ILE F 157 25.53 23.76 3.31
C ILE F 157 25.23 25.22 3.66
N THR F 158 26.28 25.97 3.98
CA THR F 158 26.15 27.38 4.36
C THR F 158 27.12 28.28 3.61
N TRP F 159 27.01 29.58 3.89
CA TRP F 159 27.89 30.56 3.27
C TRP F 159 28.47 31.41 4.38
N GLU F 160 29.72 31.81 4.20
CA GLU F 160 30.39 32.65 5.19
C GLU F 160 31.21 33.71 4.47
N LYS F 161 31.39 34.84 5.13
CA LYS F 161 32.17 35.93 4.55
C LYS F 161 33.16 36.38 5.60
N GLN F 162 34.41 36.54 5.21
CA GLN F 162 35.47 36.98 6.12
C GLN F 162 35.90 38.41 5.78
N THR F 163 35.66 39.34 6.70
CA THR F 163 36.07 40.74 6.49
C THR F 163 37.00 41.18 7.61
N GLN F 164 37.08 42.49 7.84
CA GLN F 164 37.94 43.00 8.89
C GLN F 164 37.18 43.29 10.17
N LYS F 165 35.86 43.42 10.05
CA LYS F 165 35.02 43.72 11.21
C LYS F 165 35.09 42.67 12.31
N PHE F 166 35.43 41.44 11.93
CA PHE F 166 35.55 40.36 12.91
C PHE F 166 36.71 39.45 12.55
N PRO F 167 37.35 38.83 13.54
CA PRO F 167 38.48 37.92 13.33
C PRO F 167 38.09 36.51 12.86
N HIS F 168 36.82 36.31 12.60
CA HIS F 168 36.32 35.00 12.17
C HIS F 168 35.25 35.16 11.09
N PRO F 169 35.07 34.14 10.23
CA PRO F 169 34.07 34.21 9.17
C PRO F 169 32.67 34.49 9.72
N ILE F 170 31.86 35.21 8.95
CA ILE F 170 30.50 35.51 9.35
C ILE F 170 29.54 34.77 8.42
N GLU F 171 28.60 34.04 9.01
CA GLU F 171 27.64 33.26 8.25
C GLU F 171 26.58 34.11 7.57
N ILE F 172 26.60 34.12 6.24
CA ILE F 172 25.63 34.86 5.45
C ILE F 172 24.30 34.12 5.46
N SER F 173 23.25 34.78 5.91
CA SER F 173 21.92 34.18 5.95
C SER F 173 20.88 35.18 5.49
N GLU F 174 20.84 35.40 4.18
CA GLU F 174 19.89 36.32 3.56
C GLU F 174 20.28 36.39 2.10
N ASP F 175 19.29 36.25 1.21
CA ASP F 175 19.53 36.24 -0.24
C ASP F 175 20.24 34.94 -0.57
N VAL F 176 19.90 33.90 0.18
CA VAL F 176 20.46 32.57 0.03
C VAL F 176 19.37 31.51 0.21
N ILE F 177 18.99 30.85 -0.88
CA ILE F 177 17.97 29.81 -0.81
C ILE F 177 18.64 28.46 -1.03
N THR F 178 18.32 27.50 -0.17
CA THR F 178 18.91 26.17 -0.28
C THR F 178 17.91 25.21 -0.94
N GLY F 179 18.29 24.70 -2.11
CA GLY F 179 17.44 23.79 -2.84
C GLY F 179 17.20 22.46 -2.15
N PRO F 180 16.22 21.67 -2.63
CA PRO F 180 15.89 20.36 -2.05
C PRO F 180 16.90 19.29 -2.45
N THR F 181 17.04 18.27 -1.60
CA THR F 181 17.97 17.18 -1.85
C THR F 181 17.44 16.25 -2.94
N ILE F 182 18.25 15.98 -3.95
CA ILE F 182 17.83 15.09 -5.04
C ILE F 182 18.65 13.80 -5.06
N LYS F 183 17.98 12.68 -5.24
CA LYS F 183 18.64 11.37 -5.25
C LYS F 183 19.37 11.08 -6.55
N ASN F 184 20.43 10.29 -6.44
CA ASN F 184 21.21 9.90 -7.60
C ASN F 184 20.94 8.42 -7.84
N MET F 185 21.38 7.91 -8.98
CA MET F 185 21.12 6.52 -9.30
C MET F 185 21.79 5.55 -8.34
N ASP F 186 23.04 5.81 -7.98
CA ASP F 186 23.77 4.94 -7.07
C ASP F 186 23.25 4.99 -5.64
N GLY F 187 22.31 5.89 -5.38
CA GLY F 187 21.74 6.01 -4.05
C GLY F 187 22.26 7.19 -3.25
N THR F 188 23.20 7.94 -3.81
CA THR F 188 23.75 9.10 -3.12
C THR F 188 22.78 10.26 -3.23
N PHE F 189 23.27 11.47 -2.96
CA PHE F 189 22.41 12.64 -3.02
C PHE F 189 23.08 13.89 -3.59
N ASN F 190 22.25 14.86 -3.95
CA ASN F 190 22.70 16.15 -4.50
C ASN F 190 21.89 17.27 -3.85
N VAL F 191 22.49 18.45 -3.76
CA VAL F 191 21.84 19.62 -3.19
C VAL F 191 22.63 20.86 -3.63
N THR F 192 21.91 21.87 -4.09
CA THR F 192 22.52 23.11 -4.54
C THR F 192 22.01 24.29 -3.71
N SER F 193 22.88 25.26 -3.44
CA SER F 193 22.50 26.43 -2.67
C SER F 193 22.86 27.66 -3.48
N CYS F 194 22.01 28.68 -3.45
CA CYS F 194 22.25 29.92 -4.20
C CYS F 194 22.34 31.16 -3.32
N LEU F 195 23.33 31.99 -3.60
CA LEU F 195 23.58 33.23 -2.88
C LEU F 195 23.78 34.40 -3.85
N LYS F 196 22.90 35.39 -3.80
CA LYS F 196 23.03 36.56 -4.67
C LYS F 196 23.62 37.73 -3.89
N LEU F 197 24.82 38.14 -4.30
CA LEU F 197 25.53 39.24 -3.65
C LEU F 197 25.26 40.60 -4.31
N ASN F 198 25.16 41.63 -3.48
CA ASN F 198 24.89 42.99 -3.94
C ASN F 198 26.07 43.64 -4.67
N SER F 199 27.29 43.21 -4.35
CA SER F 199 28.46 43.79 -4.99
C SER F 199 28.66 45.18 -4.40
N SER F 200 27.82 46.11 -4.81
CA SER F 200 27.90 47.47 -4.29
C SER F 200 27.17 47.52 -2.97
N GLN F 201 27.50 46.59 -2.09
CA GLN F 201 26.87 46.54 -0.77
C GLN F 201 27.78 45.83 0.20
N GLU F 202 28.66 44.98 -0.34
CA GLU F 202 29.60 44.22 0.47
C GLU F 202 31.00 44.85 0.36
N ASP F 203 31.67 44.98 1.51
CA ASP F 203 33.02 45.56 1.58
C ASP F 203 33.96 44.96 0.53
N PRO F 204 34.85 45.78 -0.04
CA PRO F 204 35.80 45.30 -1.05
C PRO F 204 36.95 44.50 -0.43
N GLY F 205 37.36 43.43 -1.11
CA GLY F 205 38.43 42.60 -0.59
C GLY F 205 37.93 41.40 0.20
N THR F 206 36.66 41.47 0.60
CA THR F 206 36.02 40.42 1.37
C THR F 206 36.11 39.03 0.72
N VAL F 207 36.44 38.02 1.52
CA VAL F 207 36.55 36.65 1.02
C VAL F 207 35.31 35.82 1.38
N TYR F 208 34.67 35.26 0.36
CA TYR F 208 33.46 34.46 0.55
C TYR F 208 33.73 32.96 0.46
N GLN F 209 32.85 32.18 1.08
CA GLN F 209 33.00 30.72 1.09
C GLN F 209 31.70 29.95 1.08
N CYS F 210 31.69 28.85 0.35
CA CYS F 210 30.54 27.95 0.34
C CYS F 210 31.06 26.90 1.31
N VAL F 211 30.32 26.64 2.38
CA VAL F 211 30.79 25.67 3.37
C VAL F 211 29.88 24.45 3.47
N VAL F 212 30.47 23.28 3.30
CA VAL F 212 29.72 22.04 3.36
C VAL F 212 30.18 21.17 4.52
N ARG F 213 29.28 20.91 5.45
CA ARG F 213 29.58 20.05 6.60
C ARG F 213 28.82 18.76 6.38
N HIS F 214 29.47 17.63 6.63
CA HIS F 214 28.83 16.35 6.40
C HIS F 214 29.53 15.28 7.22
N ALA F 215 28.79 14.25 7.61
CA ALA F 215 29.29 13.14 8.42
C ALA F 215 30.52 12.45 7.84
N SER F 216 30.74 12.59 6.54
CA SER F 216 31.89 11.94 5.92
C SER F 216 33.12 12.82 6.04
N LEU F 217 32.89 14.12 6.26
CA LEU F 217 33.97 15.08 6.35
C LEU F 217 34.39 15.31 7.80
N HIS F 218 35.70 15.28 8.04
CA HIS F 218 36.24 15.50 9.39
C HIS F 218 36.50 17.00 9.57
N THR F 219 36.59 17.69 8.45
CA THR F 219 36.81 19.13 8.41
C THR F 219 35.91 19.66 7.29
N PRO F 220 35.13 20.73 7.57
CA PRO F 220 34.22 21.32 6.57
C PRO F 220 34.86 21.46 5.19
N LEU F 221 34.06 21.23 4.15
CA LEU F 221 34.54 21.34 2.78
C LEU F 221 34.32 22.77 2.33
N ARG F 222 35.37 23.57 2.41
CA ARG F 222 35.31 24.98 2.03
C ARG F 222 35.79 25.22 0.61
N SER F 223 35.21 26.24 -0.01
CA SER F 223 35.55 26.63 -1.37
C SER F 223 35.41 28.14 -1.45
N ASN F 224 36.49 28.84 -1.10
CA ASN F 224 36.54 30.29 -1.10
C ASN F 224 36.53 30.92 -2.47
N PHE F 225 36.08 32.18 -2.53
CA PHE F 225 36.01 32.93 -3.77
C PHE F 225 35.86 34.42 -3.46
N THR F 226 35.90 35.25 -4.49
CA THR F 226 35.77 36.69 -4.31
C THR F 226 35.10 37.33 -5.51
N LEU F 227 34.75 38.61 -5.40
CA LEU F 227 34.10 39.34 -6.49
C LEU F 227 35.08 40.19 -7.29
N THR F 228 35.05 41.49 -7.06
CA THR F 228 35.94 42.40 -7.77
C THR F 228 35.30 43.74 -8.06
#